data_2ES0
# 
_entry.id   2ES0 
# 
_audit_conform.dict_name       mmcif_pdbx.dic 
_audit_conform.dict_version    5.376 
_audit_conform.dict_location   http://mmcif.pdb.org/dictionaries/ascii/mmcif_pdbx.dic 
# 
loop_
_database_2.database_id 
_database_2.database_code 
_database_2.pdbx_database_accession 
_database_2.pdbx_DOI 
PDB   2ES0         pdb_00002es0 10.2210/pdb2es0/pdb 
RCSB  RCSB035020   ?            ?                   
WWPDB D_1000035020 ?            ?                   
# 
_pdbx_database_status.status_code                     REL 
_pdbx_database_status.entry_id                        2ES0 
_pdbx_database_status.recvd_initial_deposition_date   2005-10-25 
_pdbx_database_status.deposit_site                    RCSB 
_pdbx_database_status.process_site                    RCSB 
_pdbx_database_status.status_code_sf                  REL 
_pdbx_database_status.status_code_mr                  ? 
_pdbx_database_status.SG_entry                        Y 
_pdbx_database_status.pdb_format_compatible           Y 
_pdbx_database_status.status_code_cs                  ? 
_pdbx_database_status.methods_development_category    ? 
_pdbx_database_status.status_code_nmr_data            ? 
# 
loop_
_audit_author.name 
_audit_author.pdbx_ordinal 
'Schoch, G.A.'                         1  
'Phillips, C.'                         2  
'Turnbull, A.'                         3  
'Niesen, F.'                           4  
'Johansson, C.'                        5  
'Elkins, J.M.'                         6  
'Longman, E.'                          7  
'Gilealdi, C.'                         8  
'Sobott, F.'                           9  
'Ball, L.'                             10 
'Sundstrom, M.'                        11 
'Edwards, A.'                          12 
'Arrowsmith, C.'                       13 
'von Delft, F.'                        14 
'Doyle, D.A.'                          15 
'Structural Genomics Consortium (SGC)' 16 
# 
_citation.id                        primary 
_citation.title                     
'Structural diversity in the RGS domain and its interaction with heterotrimeric G protein alpha-subunits.' 
_citation.journal_abbrev            Proc.Natl.Acad.Sci.Usa 
_citation.journal_volume            105 
_citation.page_first                6457 
_citation.page_last                 6462 
_citation.year                      2008 
_citation.journal_id_ASTM           PNASA6 
_citation.country                   US 
_citation.journal_id_ISSN           0027-8424 
_citation.journal_id_CSD            0040 
_citation.book_publisher            ? 
_citation.pdbx_database_id_PubMed   18434541 
_citation.pdbx_database_id_DOI      10.1073/pnas.0801508105 
# 
loop_
_citation_author.citation_id 
_citation_author.name 
_citation_author.ordinal 
_citation_author.identifier_ORCID 
primary 'Soundararajan, M.' 1  ? 
primary 'Willard, F.S.'     2  ? 
primary 'Kimple, A.J.'      3  ? 
primary 'Turnbull, A.P.'    4  ? 
primary 'Ball, L.J.'        5  ? 
primary 'Schoch, G.A.'      6  ? 
primary 'Gileadi, C.'       7  ? 
primary 'Fedorov, O.Y.'     8  ? 
primary 'Dowler, E.F.'      9  ? 
primary 'Higman, V.A.'      10 ? 
primary 'Hutsell, S.Q.'     11 ? 
primary 'Sundstrom, M.'     12 ? 
primary 'Doyle, D.A.'       13 ? 
primary 'Siderovski, D.P.'  14 ? 
# 
_cell.entry_id           2ES0 
_cell.length_a           77.567 
_cell.length_b           77.567 
_cell.length_c           73.020 
_cell.angle_alpha        90.00 
_cell.angle_beta         90.00 
_cell.angle_gamma        120.00 
_cell.Z_PDB              6 
_cell.pdbx_unique_axis   ? 
# 
_symmetry.entry_id                         2ES0 
_symmetry.space_group_name_H-M             'P 32 2 1' 
_symmetry.pdbx_full_space_group_name_H-M   ? 
_symmetry.cell_setting                     ? 
_symmetry.Int_Tables_number                154 
_symmetry.space_group_name_Hall            ? 
# 
loop_
_entity.id 
_entity.type 
_entity.src_method 
_entity.pdbx_description 
_entity.formula_weight 
_entity.pdbx_number_of_molecules 
_entity.pdbx_ec 
_entity.pdbx_mutation 
_entity.pdbx_fragment 
_entity.details 
1 polymer man 'regulator of G-protein signalling 6' 17236.523 1   ? ? ? ? 
2 water   nat water                                 18.015    134 ? ? ? ? 
# 
_entity_poly.entity_id                      1 
_entity_poly.type                           'polypeptide(L)' 
_entity_poly.nstd_linkage                   no 
_entity_poly.nstd_monomer                   no 
_entity_poly.pdbx_seq_one_letter_code       
;SMPSQQRVKRWGFSFDEILKDQVGRDQFLRFLESEFSSENLRFWLAVQDLKKQPLQDVAKRVEEIWQEFLAPGAPSAINL
DSHSYEITSQNVKDGGRYTFEDAQEHIYKLMKSDSYARFLRSNAYQDLLLAKKKGKSLAGKRLTGLMQ
;
_entity_poly.pdbx_seq_one_letter_code_can   
;SMPSQQRVKRWGFSFDEILKDQVGRDQFLRFLESEFSSENLRFWLAVQDLKKQPLQDVAKRVEEIWQEFLAPGAPSAINL
DSHSYEITSQNVKDGGRYTFEDAQEHIYKLMKSDSYARFLRSNAYQDLLLAKKKGKSLAGKRLTGLMQ
;
_entity_poly.pdbx_strand_id                 A 
_entity_poly.pdbx_target_identifier         ? 
# 
loop_
_entity_poly_seq.entity_id 
_entity_poly_seq.num 
_entity_poly_seq.mon_id 
_entity_poly_seq.hetero 
1 1   SER n 
1 2   MET n 
1 3   PRO n 
1 4   SER n 
1 5   GLN n 
1 6   GLN n 
1 7   ARG n 
1 8   VAL n 
1 9   LYS n 
1 10  ARG n 
1 11  TRP n 
1 12  GLY n 
1 13  PHE n 
1 14  SER n 
1 15  PHE n 
1 16  ASP n 
1 17  GLU n 
1 18  ILE n 
1 19  LEU n 
1 20  LYS n 
1 21  ASP n 
1 22  GLN n 
1 23  VAL n 
1 24  GLY n 
1 25  ARG n 
1 26  ASP n 
1 27  GLN n 
1 28  PHE n 
1 29  LEU n 
1 30  ARG n 
1 31  PHE n 
1 32  LEU n 
1 33  GLU n 
1 34  SER n 
1 35  GLU n 
1 36  PHE n 
1 37  SER n 
1 38  SER n 
1 39  GLU n 
1 40  ASN n 
1 41  LEU n 
1 42  ARG n 
1 43  PHE n 
1 44  TRP n 
1 45  LEU n 
1 46  ALA n 
1 47  VAL n 
1 48  GLN n 
1 49  ASP n 
1 50  LEU n 
1 51  LYS n 
1 52  LYS n 
1 53  GLN n 
1 54  PRO n 
1 55  LEU n 
1 56  GLN n 
1 57  ASP n 
1 58  VAL n 
1 59  ALA n 
1 60  LYS n 
1 61  ARG n 
1 62  VAL n 
1 63  GLU n 
1 64  GLU n 
1 65  ILE n 
1 66  TRP n 
1 67  GLN n 
1 68  GLU n 
1 69  PHE n 
1 70  LEU n 
1 71  ALA n 
1 72  PRO n 
1 73  GLY n 
1 74  ALA n 
1 75  PRO n 
1 76  SER n 
1 77  ALA n 
1 78  ILE n 
1 79  ASN n 
1 80  LEU n 
1 81  ASP n 
1 82  SER n 
1 83  HIS n 
1 84  SER n 
1 85  TYR n 
1 86  GLU n 
1 87  ILE n 
1 88  THR n 
1 89  SER n 
1 90  GLN n 
1 91  ASN n 
1 92  VAL n 
1 93  LYS n 
1 94  ASP n 
1 95  GLY n 
1 96  GLY n 
1 97  ARG n 
1 98  TYR n 
1 99  THR n 
1 100 PHE n 
1 101 GLU n 
1 102 ASP n 
1 103 ALA n 
1 104 GLN n 
1 105 GLU n 
1 106 HIS n 
1 107 ILE n 
1 108 TYR n 
1 109 LYS n 
1 110 LEU n 
1 111 MET n 
1 112 LYS n 
1 113 SER n 
1 114 ASP n 
1 115 SER n 
1 116 TYR n 
1 117 ALA n 
1 118 ARG n 
1 119 PHE n 
1 120 LEU n 
1 121 ARG n 
1 122 SER n 
1 123 ASN n 
1 124 ALA n 
1 125 TYR n 
1 126 GLN n 
1 127 ASP n 
1 128 LEU n 
1 129 LEU n 
1 130 LEU n 
1 131 ALA n 
1 132 LYS n 
1 133 LYS n 
1 134 LYS n 
1 135 GLY n 
1 136 LYS n 
1 137 SER n 
1 138 LEU n 
1 139 ALA n 
1 140 GLY n 
1 141 LYS n 
1 142 ARG n 
1 143 LEU n 
1 144 THR n 
1 145 GLY n 
1 146 LEU n 
1 147 MET n 
1 148 GLN n 
# 
_entity_src_gen.entity_id                          1 
_entity_src_gen.pdbx_src_id                        1 
_entity_src_gen.pdbx_alt_source_flag               sample 
_entity_src_gen.pdbx_seq_type                      ? 
_entity_src_gen.pdbx_beg_seq_num                   ? 
_entity_src_gen.pdbx_end_seq_num                   ? 
_entity_src_gen.gene_src_common_name               human 
_entity_src_gen.gene_src_genus                     Homo 
_entity_src_gen.pdbx_gene_src_gene                 ? 
_entity_src_gen.gene_src_species                   ? 
_entity_src_gen.gene_src_strain                    ? 
_entity_src_gen.gene_src_tissue                    ? 
_entity_src_gen.gene_src_tissue_fraction           ? 
_entity_src_gen.gene_src_details                   ? 
_entity_src_gen.pdbx_gene_src_fragment             ? 
_entity_src_gen.pdbx_gene_src_scientific_name      'Homo sapiens' 
_entity_src_gen.pdbx_gene_src_ncbi_taxonomy_id     9606 
_entity_src_gen.pdbx_gene_src_variant              ? 
_entity_src_gen.pdbx_gene_src_cell_line            ? 
_entity_src_gen.pdbx_gene_src_atcc                 ? 
_entity_src_gen.pdbx_gene_src_organ                ? 
_entity_src_gen.pdbx_gene_src_organelle            ? 
_entity_src_gen.pdbx_gene_src_cell                 ? 
_entity_src_gen.pdbx_gene_src_cellular_location    ? 
_entity_src_gen.host_org_common_name               ? 
_entity_src_gen.pdbx_host_org_scientific_name      'Escherichia coli' 
_entity_src_gen.pdbx_host_org_ncbi_taxonomy_id     562 
_entity_src_gen.host_org_genus                     Escherichia 
_entity_src_gen.pdbx_host_org_gene                 ? 
_entity_src_gen.pdbx_host_org_organ                ? 
_entity_src_gen.host_org_species                   ? 
_entity_src_gen.pdbx_host_org_tissue               ? 
_entity_src_gen.pdbx_host_org_tissue_fraction      ? 
_entity_src_gen.pdbx_host_org_strain               ? 
_entity_src_gen.pdbx_host_org_variant              ? 
_entity_src_gen.pdbx_host_org_cell_line            ? 
_entity_src_gen.pdbx_host_org_atcc                 ? 
_entity_src_gen.pdbx_host_org_culture_collection   ? 
_entity_src_gen.pdbx_host_org_cell                 ? 
_entity_src_gen.pdbx_host_org_organelle            ? 
_entity_src_gen.pdbx_host_org_cellular_location    ? 
_entity_src_gen.pdbx_host_org_vector_type          ? 
_entity_src_gen.pdbx_host_org_vector               ? 
_entity_src_gen.host_org_details                   ? 
_entity_src_gen.expression_system_id               ? 
_entity_src_gen.plasmid_name                       pLIC-SGC 
_entity_src_gen.plasmid_details                    ? 
_entity_src_gen.pdbx_description                   ? 
# 
_struct_ref.id                         1 
_struct_ref.db_name                    UNP 
_struct_ref.db_code                    RGS6_HUMAN 
_struct_ref.pdbx_db_accession          P49758 
_struct_ref.entity_id                  1 
_struct_ref.pdbx_seq_one_letter_code   
;PSQQRVKRWGFSFDEILKDQVGRDQFLRFLESEFSSENLRFWLAVQDLKKQPLQDVAKRVEEIWQEFLAPGAPSAINLDS
HSYEITSQNVKDGGRYTFEDAQEHIYKLMKSDSYARFLRSNAYQDLLLAKKKGKSLAGKRLTGLMQSS
;
_struct_ref.pdbx_align_begin           325 
_struct_ref.pdbx_db_isoform            ? 
# 
_struct_ref_seq.align_id                      1 
_struct_ref_seq.ref_id                        1 
_struct_ref_seq.pdbx_PDB_id_code              2ES0 
_struct_ref_seq.pdbx_strand_id                A 
_struct_ref_seq.seq_align_beg                 3 
_struct_ref_seq.pdbx_seq_align_beg_ins_code   ? 
_struct_ref_seq.seq_align_end                 148 
_struct_ref_seq.pdbx_seq_align_end_ins_code   ? 
_struct_ref_seq.pdbx_db_accession             P49758 
_struct_ref_seq.db_align_beg                  325 
_struct_ref_seq.pdbx_db_align_beg_ins_code    ? 
_struct_ref_seq.db_align_end                  470 
_struct_ref_seq.pdbx_db_align_end_ins_code    ? 
_struct_ref_seq.pdbx_auth_seq_align_beg       325 
_struct_ref_seq.pdbx_auth_seq_align_end       470 
# 
loop_
_struct_ref_seq_dif.align_id 
_struct_ref_seq_dif.pdbx_pdb_id_code 
_struct_ref_seq_dif.mon_id 
_struct_ref_seq_dif.pdbx_pdb_strand_id 
_struct_ref_seq_dif.seq_num 
_struct_ref_seq_dif.pdbx_pdb_ins_code 
_struct_ref_seq_dif.pdbx_seq_db_name 
_struct_ref_seq_dif.pdbx_seq_db_accession_code 
_struct_ref_seq_dif.db_mon_id 
_struct_ref_seq_dif.pdbx_seq_db_seq_num 
_struct_ref_seq_dif.details 
_struct_ref_seq_dif.pdbx_auth_seq_num 
_struct_ref_seq_dif.pdbx_ordinal 
1 2ES0 SER A 1 ? UNP P49758 ? ? 'cloning artifact' 323 1 
1 2ES0 MET A 2 ? UNP P49758 ? ? 'cloning artifact' 324 2 
# 
loop_
_chem_comp.id 
_chem_comp.type 
_chem_comp.mon_nstd_flag 
_chem_comp.name 
_chem_comp.pdbx_synonyms 
_chem_comp.formula 
_chem_comp.formula_weight 
ALA 'L-peptide linking' y ALANINE         ? 'C3 H7 N O2'     89.093  
ARG 'L-peptide linking' y ARGININE        ? 'C6 H15 N4 O2 1' 175.209 
ASN 'L-peptide linking' y ASPARAGINE      ? 'C4 H8 N2 O3'    132.118 
ASP 'L-peptide linking' y 'ASPARTIC ACID' ? 'C4 H7 N O4'     133.103 
GLN 'L-peptide linking' y GLUTAMINE       ? 'C5 H10 N2 O3'   146.144 
GLU 'L-peptide linking' y 'GLUTAMIC ACID' ? 'C5 H9 N O4'     147.129 
GLY 'peptide linking'   y GLYCINE         ? 'C2 H5 N O2'     75.067  
HIS 'L-peptide linking' y HISTIDINE       ? 'C6 H10 N3 O2 1' 156.162 
HOH non-polymer         . WATER           ? 'H2 O'           18.015  
ILE 'L-peptide linking' y ISOLEUCINE      ? 'C6 H13 N O2'    131.173 
LEU 'L-peptide linking' y LEUCINE         ? 'C6 H13 N O2'    131.173 
LYS 'L-peptide linking' y LYSINE          ? 'C6 H15 N2 O2 1' 147.195 
MET 'L-peptide linking' y METHIONINE      ? 'C5 H11 N O2 S'  149.211 
PHE 'L-peptide linking' y PHENYLALANINE   ? 'C9 H11 N O2'    165.189 
PRO 'L-peptide linking' y PROLINE         ? 'C5 H9 N O2'     115.130 
SER 'L-peptide linking' y SERINE          ? 'C3 H7 N O3'     105.093 
THR 'L-peptide linking' y THREONINE       ? 'C4 H9 N O3'     119.119 
TRP 'L-peptide linking' y TRYPTOPHAN      ? 'C11 H12 N2 O2'  204.225 
TYR 'L-peptide linking' y TYROSINE        ? 'C9 H11 N O3'    181.189 
VAL 'L-peptide linking' y VALINE          ? 'C5 H11 N O2'    117.146 
# 
_exptl.entry_id          2ES0 
_exptl.method            'X-RAY DIFFRACTION' 
_exptl.crystals_number   ? 
# 
_exptl_crystal.id                    1 
_exptl_crystal.density_meas          ? 
_exptl_crystal.density_Matthews      3.64 
_exptl_crystal.density_percent_sol   66.22 
_exptl_crystal.description           ? 
_exptl_crystal.F_000                 ? 
_exptl_crystal.preparation           ? 
# 
_exptl_crystal_grow.crystal_id      1 
_exptl_crystal_grow.method          'VAPOR DIFFUSION, SITTING DROP' 
_exptl_crystal_grow.temp            293 
_exptl_crystal_grow.temp_details    ? 
_exptl_crystal_grow.pH              ? 
_exptl_crystal_grow.pdbx_details    'PEG 10K;  (NH4)(ac); BIS-TRIS , pH pH 5.5, VAPOR DIFFUSION, SITTING DROP, temperature 293K' 
_exptl_crystal_grow.pdbx_pH_range   . 
# 
_diffrn.id                     1 
_diffrn.ambient_temp           100 
_diffrn.ambient_temp_details   ? 
_diffrn.crystal_id             1 
# 
_diffrn_detector.diffrn_id              1 
_diffrn_detector.detector               CCD 
_diffrn_detector.type                   'MARMOSAIC 225 mm CCD' 
_diffrn_detector.pdbx_collection_date   2005-10-01 
_diffrn_detector.details                ? 
# 
_diffrn_radiation.diffrn_id                        1 
_diffrn_radiation.wavelength_id                    1 
_diffrn_radiation.pdbx_monochromatic_or_laue_m_l   M 
_diffrn_radiation.monochromator                    ? 
_diffrn_radiation.pdbx_diffrn_protocol             'SINGLE WAVELENGTH' 
_diffrn_radiation.pdbx_scattering_type             x-ray 
# 
_diffrn_radiation_wavelength.id           1 
_diffrn_radiation_wavelength.wavelength   0.987 
_diffrn_radiation_wavelength.wt           1.0 
# 
_diffrn_source.diffrn_id                   1 
_diffrn_source.source                      SYNCHROTRON 
_diffrn_source.type                        'SLS BEAMLINE X10SA' 
_diffrn_source.pdbx_synchrotron_site       SLS 
_diffrn_source.pdbx_synchrotron_beamline   X10SA 
_diffrn_source.pdbx_wavelength             ? 
_diffrn_source.pdbx_wavelength_list        0.987 
# 
_reflns.entry_id                     2ES0 
_reflns.observed_criterion_sigma_I   0 
_reflns.observed_criterion_sigma_F   0 
_reflns.d_resolution_low             72.93 
_reflns.d_resolution_high            2.1 
_reflns.number_obs                   15210 
_reflns.number_all                   15210 
_reflns.percent_possible_obs         99.9 
_reflns.pdbx_Rmerge_I_obs            0.083 
_reflns.pdbx_Rsym_value              0.089 
_reflns.pdbx_netI_over_sigmaI        15.4 
_reflns.B_iso_Wilson_estimate        43.143 
_reflns.pdbx_redundancy              7.1 
_reflns.R_free_details               ? 
_reflns.limit_h_max                  ? 
_reflns.limit_h_min                  ? 
_reflns.limit_k_max                  ? 
_reflns.limit_k_min                  ? 
_reflns.limit_l_max                  ? 
_reflns.limit_l_min                  ? 
_reflns.observed_criterion_F_max     ? 
_reflns.observed_criterion_F_min     ? 
_reflns.pdbx_chi_squared             ? 
_reflns.pdbx_scaling_rejects         ? 
_reflns.pdbx_ordinal                 1 
_reflns.pdbx_diffrn_id               1 
# 
_reflns_shell.d_res_high             2.1 
_reflns_shell.d_res_low              2.21 
_reflns_shell.percent_possible_all   100.0 
_reflns_shell.Rmerge_I_obs           0.01088 
_reflns_shell.pdbx_Rsym_value        0.01204 
_reflns_shell.meanI_over_sigI_obs    1.7 
_reflns_shell.pdbx_redundancy        5.6 
_reflns_shell.percent_possible_obs   ? 
_reflns_shell.number_unique_all      2183 
_reflns_shell.number_measured_all    ? 
_reflns_shell.number_measured_obs    ? 
_reflns_shell.number_unique_obs      ? 
_reflns_shell.pdbx_chi_squared       ? 
_reflns_shell.pdbx_ordinal           1 
_reflns_shell.pdbx_diffrn_id         1 
# 
_refine.entry_id                                 2ES0 
_refine.ls_number_reflns_obs                     14413 
_refine.ls_number_reflns_all                     ? 
_refine.pdbx_ls_sigma_I                          ? 
_refine.pdbx_ls_sigma_F                          0 
_refine.pdbx_data_cutoff_high_absF               ? 
_refine.pdbx_data_cutoff_low_absF                ? 
_refine.pdbx_data_cutoff_high_rms_absF           ? 
_refine.ls_d_res_low                             67.12 
_refine.ls_d_res_high                            2.10 
_refine.ls_percent_reflns_obs                    99.86 
_refine.ls_R_factor_obs                          0.19636 
_refine.ls_R_factor_all                          ? 
_refine.ls_R_factor_R_work                       0.19474 
_refine.ls_R_factor_R_free                       0.22855 
_refine.ls_R_factor_R_free_error                 ? 
_refine.ls_R_factor_R_free_error_details         ? 
_refine.ls_percent_reflns_R_free                 5.0 
_refine.ls_number_reflns_R_free                  763 
_refine.ls_number_parameters                     ? 
_refine.ls_number_restraints                     ? 
_refine.occupancy_min                            ? 
_refine.occupancy_max                            ? 
_refine.correlation_coeff_Fo_to_Fc               0.961 
_refine.correlation_coeff_Fo_to_Fc_free          0.946 
_refine.B_iso_mean                               43.143 
_refine.aniso_B[1][1]                            2.25 
_refine.aniso_B[2][2]                            2.25 
_refine.aniso_B[3][3]                            -3.38 
_refine.aniso_B[1][2]                            1.13 
_refine.aniso_B[1][3]                            0.00 
_refine.aniso_B[2][3]                            0.00 
_refine.solvent_model_details                    'BABINET MODEL WITH MASK' 
_refine.solvent_model_param_ksol                 ? 
_refine.solvent_model_param_bsol                 ? 
_refine.pdbx_solvent_vdw_probe_radii             1.20 
_refine.pdbx_solvent_ion_probe_radii             0.80 
_refine.pdbx_solvent_shrinkage_radii             0.80 
_refine.pdbx_ls_cross_valid_method               THROUGHOUT 
_refine.details                                  'HYDROGENS HAVE BEEN ADDED IN THE RIDING POSITIONS' 
_refine.pdbx_starting_model                      2A72.pdb 
_refine.pdbx_method_to_determine_struct          'MOLECULAR REPLACEMENT' 
_refine.pdbx_isotropic_thermal_model             ? 
_refine.pdbx_stereochemistry_target_values       'MAXIMUM LIKELIHOOD' 
_refine.pdbx_stereochem_target_val_spec_case     ? 
_refine.pdbx_R_Free_selection_details            RANDOM 
_refine.pdbx_overall_ESU_R                       0.148 
_refine.pdbx_overall_ESU_R_Free                  0.142 
_refine.overall_SU_ML                            0.122 
_refine.overall_SU_B                             8.654 
_refine.ls_redundancy_reflns_obs                 ? 
_refine.B_iso_min                                ? 
_refine.B_iso_max                                ? 
_refine.overall_SU_R_Cruickshank_DPI             ? 
_refine.overall_SU_R_free                        ? 
_refine.ls_wR_factor_R_free                      ? 
_refine.ls_wR_factor_R_work                      ? 
_refine.overall_FOM_free_R_set                   ? 
_refine.overall_FOM_work_R_set                   ? 
_refine.pdbx_refine_id                           'X-RAY DIFFRACTION' 
_refine.pdbx_TLS_residual_ADP_flag               'LIKELY RESIDUAL' 
_refine.pdbx_diffrn_id                           1 
_refine.pdbx_overall_phase_error                 ? 
_refine.pdbx_overall_SU_R_free_Cruickshank_DPI   ? 
_refine.pdbx_overall_SU_R_Blow_DPI               ? 
_refine.pdbx_overall_SU_R_free_Blow_DPI          ? 
# 
_refine_hist.pdbx_refine_id                   'X-RAY DIFFRACTION' 
_refine_hist.cycle_id                         LAST 
_refine_hist.pdbx_number_atoms_protein        1061 
_refine_hist.pdbx_number_atoms_nucleic_acid   0 
_refine_hist.pdbx_number_atoms_ligand         0 
_refine_hist.number_atoms_solvent             134 
_refine_hist.number_atoms_total               1195 
_refine_hist.d_res_high                       2.10 
_refine_hist.d_res_low                        67.12 
# 
loop_
_refine_ls_restr.type 
_refine_ls_restr.dev_ideal 
_refine_ls_restr.dev_ideal_target 
_refine_ls_restr.weight 
_refine_ls_restr.number 
_refine_ls_restr.pdbx_refine_id 
_refine_ls_restr.pdbx_restraint_function 
r_bond_refined_d             0.008  0.022  ? 1101 'X-RAY DIFFRACTION' ? 
r_bond_other_d               0.001  0.020  ? 965  'X-RAY DIFFRACTION' ? 
r_angle_refined_deg          0.979  1.942  ? 1487 'X-RAY DIFFRACTION' ? 
r_angle_other_deg            0.744  3.000  ? 2247 'X-RAY DIFFRACTION' ? 
r_dihedral_angle_1_deg       5.484  5.000  ? 132  'X-RAY DIFFRACTION' ? 
r_dihedral_angle_2_deg       36.580 24.262 ? 61   'X-RAY DIFFRACTION' ? 
r_dihedral_angle_3_deg       14.691 15.000 ? 195  'X-RAY DIFFRACTION' ? 
r_dihedral_angle_4_deg       18.378 15.000 ? 8    'X-RAY DIFFRACTION' ? 
r_chiral_restr               0.053  0.200  ? 153  'X-RAY DIFFRACTION' ? 
r_gen_planes_refined         0.003  0.020  ? 1235 'X-RAY DIFFRACTION' ? 
r_gen_planes_other           0.001  0.020  ? 242  'X-RAY DIFFRACTION' ? 
r_nbd_refined                0.202  0.200  ? 267  'X-RAY DIFFRACTION' ? 
r_nbd_other                  0.165  0.200  ? 896  'X-RAY DIFFRACTION' ? 
r_nbtor_refined              0.185  0.200  ? 554  'X-RAY DIFFRACTION' ? 
r_nbtor_other                0.082  0.200  ? 577  'X-RAY DIFFRACTION' ? 
r_xyhbond_nbd_refined        0.168  0.200  ? 78   'X-RAY DIFFRACTION' ? 
r_xyhbond_nbd_other          ?      ?      ? ?    'X-RAY DIFFRACTION' ? 
r_metal_ion_refined          ?      ?      ? ?    'X-RAY DIFFRACTION' ? 
r_metal_ion_other            ?      ?      ? ?    'X-RAY DIFFRACTION' ? 
r_symmetry_vdw_refined       0.168  0.200  ? 19   'X-RAY DIFFRACTION' ? 
r_symmetry_vdw_other         0.216  0.200  ? 70   'X-RAY DIFFRACTION' ? 
r_symmetry_hbond_refined     0.124  0.200  ? 25   'X-RAY DIFFRACTION' ? 
r_symmetry_hbond_other       ?      ?      ? ?    'X-RAY DIFFRACTION' ? 
r_symmetry_metal_ion_refined ?      ?      ? ?    'X-RAY DIFFRACTION' ? 
r_symmetry_metal_ion_other   ?      ?      ? ?    'X-RAY DIFFRACTION' ? 
r_mcbond_it                  0.451  1.500  ? 673  'X-RAY DIFFRACTION' ? 
r_mcbond_other               0.084  1.500  ? 263  'X-RAY DIFFRACTION' ? 
r_mcangle_it                 0.750  2.000  ? 1043 'X-RAY DIFFRACTION' ? 
r_scbond_it                  1.106  3.000  ? 498  'X-RAY DIFFRACTION' ? 
r_scangle_it                 1.800  4.500  ? 442  'X-RAY DIFFRACTION' ? 
r_rigid_bond_restr           ?      ?      ? ?    'X-RAY DIFFRACTION' ? 
r_sphericity_free            ?      ?      ? ?    'X-RAY DIFFRACTION' ? 
r_sphericity_bonded          ?      ?      ? ?    'X-RAY DIFFRACTION' ? 
# 
_refine_ls_shell.pdbx_total_number_of_bins_used   20 
_refine_ls_shell.d_res_high                       2.10 
_refine_ls_shell.d_res_low                        2.155 
_refine_ls_shell.number_reflns_R_work             1045 
_refine_ls_shell.R_factor_R_work                  0.32 
_refine_ls_shell.percent_reflns_obs               99.10 
_refine_ls_shell.R_factor_R_free                  0.41 
_refine_ls_shell.R_factor_R_free_error            ? 
_refine_ls_shell.percent_reflns_R_free            ? 
_refine_ls_shell.number_reflns_R_free             51 
_refine_ls_shell.number_reflns_obs                ? 
_refine_ls_shell.redundancy_reflns_obs            ? 
_refine_ls_shell.number_reflns_all                ? 
_refine_ls_shell.R_factor_all                     ? 
_refine_ls_shell.pdbx_refine_id                   'X-RAY DIFFRACTION' 
# 
_struct.entry_id                  2ES0 
_struct.title                     'Structure of the regulator of G-protein signaling domain of RGS6' 
_struct.pdbx_model_details        ? 
_struct.pdbx_CASP_flag            ? 
_struct.pdbx_model_type_details   ? 
# 
_struct_keywords.entry_id        2ES0 
_struct_keywords.pdbx_keywords   'SIGNALING PROTEIN' 
_struct_keywords.text            
;HUMAN RGS6, REGULATOR OF G-PROTEIN SIGNALING 6, GTPASE-ACTIVATING PROTEINS (GAP), DOMAIN SWAP, STRUCTURAL GENOMICS, STRUCTURAL GENOMICS CONSORTIUM, SGC, SIGNALING PROTEIN
;
# 
loop_
_struct_asym.id 
_struct_asym.pdbx_blank_PDB_chainid_flag 
_struct_asym.pdbx_modified 
_struct_asym.entity_id 
_struct_asym.details 
A N N 1 ? 
B N N 2 ? 
# 
_struct_biol.id                    1 
_struct_biol.details               
;Dimer, with domain swap 
Form a biological unit with symmetry related molecule (X, Y, -Z)
;
_struct_biol.pdbx_parent_biol_id   ? 
# 
loop_
_struct_conf.conf_type_id 
_struct_conf.id 
_struct_conf.pdbx_PDB_helix_id 
_struct_conf.beg_label_comp_id 
_struct_conf.beg_label_asym_id 
_struct_conf.beg_label_seq_id 
_struct_conf.pdbx_beg_PDB_ins_code 
_struct_conf.end_label_comp_id 
_struct_conf.end_label_asym_id 
_struct_conf.end_label_seq_id 
_struct_conf.pdbx_end_PDB_ins_code 
_struct_conf.beg_auth_comp_id 
_struct_conf.beg_auth_asym_id 
_struct_conf.beg_auth_seq_id 
_struct_conf.end_auth_comp_id 
_struct_conf.end_auth_asym_id 
_struct_conf.end_auth_seq_id 
_struct_conf.pdbx_PDB_helix_class 
_struct_conf.details 
_struct_conf.pdbx_PDB_helix_length 
HELX_P HELX_P1  1  SER A 4   ? GLY A 12  ? SER A 326 GLY A 334 1 ? 9  
HELX_P HELX_P2  2  SER A 14  ? ASP A 21  ? SER A 336 ASP A 343 1 ? 8  
HELX_P HELX_P3  3  ASP A 21  ? GLU A 35  ? ASP A 343 GLU A 357 1 ? 15 
HELX_P HELX_P4  4  SER A 37  ? LYS A 52  ? SER A 359 LYS A 374 1 ? 16 
HELX_P HELX_P5  5  GLN A 53  ? GLN A 56  ? GLN A 375 GLN A 378 5 ? 4  
HELX_P HELX_P6  6  ASP A 57  ? LEU A 70  ? ASP A 379 LEU A 392 1 ? 14 
HELX_P HELX_P7  7  ASP A 81  ? GLY A 95  ? ASP A 403 GLY A 417 1 ? 15 
HELX_P HELX_P8  8  PHE A 100 ? SER A 115 ? PHE A 422 SER A 437 1 ? 16 
HELX_P HELX_P9  9  SER A 115 ? SER A 122 ? SER A 437 SER A 444 1 ? 8  
HELX_P HELX_P10 10 SER A 122 ? ASP A 127 ? SER A 444 ASP A 449 1 ? 6  
# 
_struct_conf_type.id          HELX_P 
_struct_conf_type.criteria    ? 
_struct_conf_type.reference   ? 
# 
_atom_sites.entry_id                    2ES0 
_atom_sites.fract_transf_matrix[1][1]   -0.00031330 
_atom_sites.fract_transf_matrix[1][2]   0.00773932 
_atom_sites.fract_transf_matrix[1][3]   -0.01271246 
_atom_sites.fract_transf_matrix[2][1]   -0.00049665 
_atom_sites.fract_transf_matrix[2][2]   -0.00714199 
_atom_sites.fract_transf_matrix[2][3]   -0.01305137 
_atom_sites.fract_transf_matrix[3][1]   -0.01368720 
_atom_sites.fract_transf_matrix[3][2]   0.00015875 
_atom_sites.fract_transf_matrix[3][3]   0.00043397 
_atom_sites.fract_transf_vector[1]      0.434791 
_atom_sites.fract_transf_vector[2]      0.534533 
_atom_sites.fract_transf_vector[3]      0.040664 
# 
loop_
_atom_type.symbol 
C 
N 
O 
S 
# 
loop_
_atom_site.group_PDB 
_atom_site.id 
_atom_site.type_symbol 
_atom_site.label_atom_id 
_atom_site.label_alt_id 
_atom_site.label_comp_id 
_atom_site.label_asym_id 
_atom_site.label_entity_id 
_atom_site.label_seq_id 
_atom_site.pdbx_PDB_ins_code 
_atom_site.Cartn_x 
_atom_site.Cartn_y 
_atom_site.Cartn_z 
_atom_site.occupancy 
_atom_site.B_iso_or_equiv 
_atom_site.pdbx_formal_charge 
_atom_site.auth_seq_id 
_atom_site.auth_comp_id 
_atom_site.auth_asym_id 
_atom_site.auth_atom_id 
_atom_site.pdbx_PDB_model_num 
ATOM   1    N N   . MET A 1 2   ? 1.943   -35.755 -9.531  1.00 63.27 ? 324 MET A N   1 
ATOM   2    C CA  . MET A 1 2   ? 1.489   -35.252 -8.201  1.00 63.16 ? 324 MET A CA  1 
ATOM   3    C C   . MET A 1 2   ? 2.682   -34.597 -7.494  1.00 63.01 ? 324 MET A C   1 
ATOM   4    O O   . MET A 1 2   ? 3.818   -34.690 -7.980  1.00 62.95 ? 324 MET A O   1 
ATOM   5    C CB  . MET A 1 2   ? 0.943   -36.422 -7.362  1.00 63.24 ? 324 MET A CB  1 
ATOM   6    C CG  . MET A 1 2   ? -0.372  -36.154 -6.621  1.00 63.42 ? 324 MET A CG  1 
ATOM   7    N N   . PRO A 1 3   ? 2.434   -33.915 -6.357  1.00 62.69 ? 325 PRO A N   1 
ATOM   8    C CA  . PRO A 1 3   ? 3.545   -33.484 -5.511  1.00 62.28 ? 325 PRO A CA  1 
ATOM   9    C C   . PRO A 1 3   ? 3.893   -34.566 -4.487  1.00 61.65 ? 325 PRO A C   1 
ATOM   10   O O   . PRO A 1 3   ? 3.036   -35.379 -4.129  1.00 61.58 ? 325 PRO A O   1 
ATOM   11   C CB  . PRO A 1 3   ? 3.003   -32.219 -4.826  1.00 62.26 ? 325 PRO A CB  1 
ATOM   12   C CG  . PRO A 1 3   ? 1.501   -32.222 -5.062  1.00 62.70 ? 325 PRO A CG  1 
ATOM   13   C CD  . PRO A 1 3   ? 1.145   -33.489 -5.786  1.00 62.70 ? 325 PRO A CD  1 
ATOM   14   N N   . SER A 1 4   ? 5.139   -34.576 -4.025  1.00 61.00 ? 326 SER A N   1 
ATOM   15   C CA  . SER A 1 4   ? 5.604   -35.612 -3.103  1.00 60.39 ? 326 SER A CA  1 
ATOM   16   C C   . SER A 1 4   ? 4.974   -35.459 -1.727  1.00 59.91 ? 326 SER A C   1 
ATOM   17   O O   . SER A 1 4   ? 4.431   -34.407 -1.390  1.00 59.58 ? 326 SER A O   1 
ATOM   18   C CB  . SER A 1 4   ? 7.122   -35.554 -2.952  1.00 60.35 ? 326 SER A CB  1 
ATOM   19   O OG  . SER A 1 4   ? 7.503   -34.389 -2.238  1.00 60.21 ? 326 SER A OG  1 
ATOM   20   N N   . GLN A 1 5   ? 5.080   -36.515 -0.928  1.00 59.34 ? 327 GLN A N   1 
ATOM   21   C CA  . GLN A 1 5   ? 4.612   -36.490 0.451   1.00 58.86 ? 327 GLN A CA  1 
ATOM   22   C C   . GLN A 1 5   ? 5.438   -35.518 1.289   1.00 58.23 ? 327 GLN A C   1 
ATOM   23   O O   . GLN A 1 5   ? 4.919   -34.894 2.214   1.00 58.11 ? 327 GLN A O   1 
ATOM   24   C CB  . GLN A 1 5   ? 4.675   -37.891 1.065   1.00 59.00 ? 327 GLN A CB  1 
ATOM   25   C CG  . GLN A 1 5   ? 3.829   -38.931 0.342   1.00 59.41 ? 327 GLN A CG  1 
ATOM   26   C CD  . GLN A 1 5   ? 2.345   -38.613 0.387   1.00 60.09 ? 327 GLN A CD  1 
ATOM   27   O OE1 . GLN A 1 5   ? 1.617   -39.171 1.202   1.00 61.12 ? 327 GLN A OE1 1 
ATOM   28   N NE2 . GLN A 1 5   ? 1.892   -37.717 -0.488  1.00 58.84 ? 327 GLN A NE2 1 
ATOM   29   N N   . GLN A 1 6   ? 6.720   -35.389 0.953   1.00 57.39 ? 328 GLN A N   1 
ATOM   30   C CA  . GLN A 1 6   ? 7.619   -34.516 1.689   1.00 56.85 ? 328 GLN A CA  1 
ATOM   31   C C   . GLN A 1 6   ? 7.158   -33.058 1.617   1.00 56.35 ? 328 GLN A C   1 
ATOM   32   O O   . GLN A 1 6   ? 7.142   -32.372 2.641   1.00 56.23 ? 328 GLN A O   1 
ATOM   33   C CB  . GLN A 1 6   ? 9.050   -34.653 1.162   1.00 56.90 ? 328 GLN A CB  1 
ATOM   34   C CG  . GLN A 1 6   ? 10.088  -33.875 1.961   1.00 57.19 ? 328 GLN A CG  1 
ATOM   35   N N   . ARG A 1 7   ? 6.781   -32.593 0.424   1.00 55.62 ? 329 ARG A N   1 
ATOM   36   C CA  . ARG A 1 7   ? 6.339   -31.202 0.260   1.00 55.23 ? 329 ARG A CA  1 
ATOM   37   C C   . ARG A 1 7   ? 4.885   -31.013 0.701   1.00 54.71 ? 329 ARG A C   1 
ATOM   38   O O   . ARG A 1 7   ? 4.564   -30.015 1.341   1.00 54.43 ? 329 ARG A O   1 
ATOM   39   C CB  . ARG A 1 7   ? 6.590   -30.670 -1.167  1.00 55.40 ? 329 ARG A CB  1 
ATOM   40   C CG  . ARG A 1 7   ? 5.587   -31.086 -2.246  1.00 55.35 ? 329 ARG A CG  1 
ATOM   41   C CD  . ARG A 1 7   ? 6.097   -30.740 -3.672  1.00 54.79 ? 329 ARG A CD  1 
ATOM   42   N NE  . ARG A 1 7   ? 5.693   -29.418 -4.163  1.00 53.21 ? 329 ARG A NE  1 
ATOM   43   C CZ  . ARG A 1 7   ? 5.877   -28.984 -5.415  1.00 52.46 ? 329 ARG A CZ  1 
ATOM   44   N NH1 . ARG A 1 7   ? 6.462   -29.748 -6.331  1.00 52.07 ? 329 ARG A NH1 1 
ATOM   45   N NH2 . ARG A 1 7   ? 5.467   -27.771 -5.767  1.00 52.76 ? 329 ARG A NH2 1 
ATOM   46   N N   . VAL A 1 8   ? 4.022   -31.980 0.393   1.00 54.33 ? 330 VAL A N   1 
ATOM   47   C CA  . VAL A 1 8   ? 2.650   -31.979 0.910   1.00 54.13 ? 330 VAL A CA  1 
ATOM   48   C C   . VAL A 1 8   ? 2.659   -31.849 2.442   1.00 53.99 ? 330 VAL A C   1 
ATOM   49   O O   . VAL A 1 8   ? 1.867   -31.097 3.016   1.00 53.98 ? 330 VAL A O   1 
ATOM   50   C CB  . VAL A 1 8   ? 1.847   -33.230 0.454   1.00 54.07 ? 330 VAL A CB  1 
ATOM   51   C CG1 . VAL A 1 8   ? 0.516   -33.332 1.194   1.00 54.21 ? 330 VAL A CG1 1 
ATOM   52   C CG2 . VAL A 1 8   ? 1.591   -33.183 -1.052  1.00 53.95 ? 330 VAL A CG2 1 
ATOM   53   N N   . LYS A 1 9   ? 3.578   -32.560 3.089   1.00 53.94 ? 331 LYS A N   1 
ATOM   54   C CA  . LYS A 1 9   ? 3.784   -32.444 4.533   1.00 53.91 ? 331 LYS A CA  1 
ATOM   55   C C   . LYS A 1 9   ? 4.309   -31.061 4.940   1.00 53.76 ? 331 LYS A C   1 
ATOM   56   O O   . LYS A 1 9   ? 3.930   -30.548 5.991   1.00 53.84 ? 331 LYS A O   1 
ATOM   57   C CB  . LYS A 1 9   ? 4.748   -33.531 5.018   1.00 53.99 ? 331 LYS A CB  1 
ATOM   58   C CG  . LYS A 1 9   ? 4.841   -33.670 6.531   1.00 54.56 ? 331 LYS A CG  1 
ATOM   59   N N   . ARG A 1 10  ? 5.171   -30.462 4.114   1.00 53.41 ? 332 ARG A N   1 
ATOM   60   C CA  . ARG A 1 10  ? 5.776   -29.164 4.440   1.00 53.52 ? 332 ARG A CA  1 
ATOM   61   C C   . ARG A 1 10  ? 4.737   -28.041 4.467   1.00 52.71 ? 332 ARG A C   1 
ATOM   62   O O   . ARG A 1 10  ? 4.874   -27.080 5.224   1.00 52.57 ? 332 ARG A O   1 
ATOM   63   C CB  . ARG A 1 10  ? 6.907   -28.800 3.461   1.00 53.54 ? 332 ARG A CB  1 
ATOM   64   C CG  . ARG A 1 10  ? 7.996   -27.920 4.095   1.00 54.28 ? 332 ARG A CG  1 
ATOM   65   C CD  . ARG A 1 10  ? 9.124   -27.508 3.127   1.00 55.46 ? 332 ARG A CD  1 
ATOM   66   N NE  . ARG A 1 10  ? 9.204   -28.323 1.908   1.00 57.04 ? 332 ARG A NE  1 
ATOM   67   C CZ  . ARG A 1 10  ? 9.840   -29.488 1.789   1.00 58.68 ? 332 ARG A CZ  1 
ATOM   68   N NH1 . ARG A 1 10  ? 10.483  -30.042 2.818   1.00 60.19 ? 332 ARG A NH1 1 
ATOM   69   N NH2 . ARG A 1 10  ? 9.823   -30.123 0.617   1.00 59.00 ? 332 ARG A NH2 1 
ATOM   70   N N   . TRP A 1 11  ? 3.706   -28.167 3.638   1.00 51.99 ? 333 TRP A N   1 
ATOM   71   C CA  . TRP A 1 11  ? 2.596   -27.222 3.656   1.00 51.61 ? 333 TRP A CA  1 
ATOM   72   C C   . TRP A 1 11  ? 1.942   -27.172 5.041   1.00 51.51 ? 333 TRP A C   1 
ATOM   73   O O   . TRP A 1 11  ? 1.484   -26.120 5.478   1.00 51.55 ? 333 TRP A O   1 
ATOM   74   C CB  . TRP A 1 11  ? 1.538   -27.587 2.613   1.00 51.48 ? 333 TRP A CB  1 
ATOM   75   C CG  . TRP A 1 11  ? 2.052   -27.716 1.214   1.00 51.37 ? 333 TRP A CG  1 
ATOM   76   C CD1 . TRP A 1 11  ? 3.246   -27.260 0.726   1.00 50.93 ? 333 TRP A CD1 1 
ATOM   77   C CD2 . TRP A 1 11  ? 1.375   -28.332 0.112   1.00 51.02 ? 333 TRP A CD2 1 
ATOM   78   N NE1 . TRP A 1 11  ? 3.358   -27.572 -0.604  1.00 50.53 ? 333 TRP A NE1 1 
ATOM   79   C CE2 . TRP A 1 11  ? 2.227   -28.228 -1.009  1.00 50.90 ? 333 TRP A CE2 1 
ATOM   80   C CE3 . TRP A 1 11  ? 0.130   -28.961 -0.035  1.00 50.79 ? 333 TRP A CE3 1 
ATOM   81   C CZ2 . TRP A 1 11  ? 1.874   -28.727 -2.268  1.00 51.22 ? 333 TRP A CZ2 1 
ATOM   82   C CZ3 . TRP A 1 11  ? -0.222  -29.461 -1.283  1.00 51.00 ? 333 TRP A CZ3 1 
ATOM   83   C CH2 . TRP A 1 11  ? 0.651   -29.344 -2.385  1.00 51.40 ? 333 TRP A CH2 1 
ATOM   84   N N   . GLY A 1 12  ? 1.907   -28.312 5.727   1.00 51.22 ? 334 GLY A N   1 
ATOM   85   C CA  . GLY A 1 12  ? 1.365   -28.379 7.079   1.00 51.15 ? 334 GLY A CA  1 
ATOM   86   C C   . GLY A 1 12  ? 2.349   -28.012 8.178   1.00 51.05 ? 334 GLY A C   1 
ATOM   87   O O   . GLY A 1 12  ? 2.073   -28.247 9.364   1.00 51.34 ? 334 GLY A O   1 
ATOM   88   N N   . PHE A 1 13  ? 3.496   -27.452 7.802   1.00 50.65 ? 335 PHE A N   1 
ATOM   89   C CA  . PHE A 1 13  ? 4.525   -27.078 8.771   1.00 50.39 ? 335 PHE A CA  1 
ATOM   90   C C   . PHE A 1 13  ? 4.257   -25.663 9.239   1.00 49.85 ? 335 PHE A C   1 
ATOM   91   O O   . PHE A 1 13  ? 4.336   -25.361 10.428  1.00 49.56 ? 335 PHE A O   1 
ATOM   92   C CB  . PHE A 1 13  ? 5.924   -27.171 8.149   1.00 50.60 ? 335 PHE A CB  1 
ATOM   93   C CG  . PHE A 1 13  ? 7.038   -27.016 9.143   1.00 50.82 ? 335 PHE A CG  1 
ATOM   94   C CD1 . PHE A 1 13  ? 7.497   -28.111 9.865   1.00 51.04 ? 335 PHE A CD1 1 
ATOM   95   C CD2 . PHE A 1 13  ? 7.623   -25.772 9.364   1.00 51.29 ? 335 PHE A CD2 1 
ATOM   96   C CE1 . PHE A 1 13  ? 8.528   -27.972 10.791  1.00 51.19 ? 335 PHE A CE1 1 
ATOM   97   C CE2 . PHE A 1 13  ? 8.651   -25.621 10.290  1.00 51.12 ? 335 PHE A CE2 1 
ATOM   98   C CZ  . PHE A 1 13  ? 9.105   -26.724 11.003  1.00 51.22 ? 335 PHE A CZ  1 
ATOM   99   N N   . SER A 1 14  ? 3.957   -24.793 8.284   1.00 49.30 ? 336 SER A N   1 
ATOM   100  C CA  . SER A 1 14  ? 3.550   -23.439 8.584   1.00 49.06 ? 336 SER A CA  1 
ATOM   101  C C   . SER A 1 14  ? 2.787   -22.865 7.394   1.00 48.99 ? 336 SER A C   1 
ATOM   102  O O   . SER A 1 14  ? 2.846   -23.406 6.280   1.00 48.63 ? 336 SER A O   1 
ATOM   103  C CB  . SER A 1 14  ? 4.763   -22.569 8.943   1.00 49.06 ? 336 SER A CB  1 
ATOM   104  O OG  . SER A 1 14  ? 5.409   -22.051 7.791   1.00 48.60 ? 336 SER A OG  1 
ATOM   105  N N   . PHE A 1 15  ? 2.052   -21.788 7.654   1.00 48.77 ? 337 PHE A N   1 
ATOM   106  C CA  . PHE A 1 15  ? 1.252   -21.120 6.634   1.00 48.63 ? 337 PHE A CA  1 
ATOM   107  C C   . PHE A 1 15  ? 2.161   -20.520 5.566   1.00 49.15 ? 337 PHE A C   1 
ATOM   108  O O   . PHE A 1 15  ? 1.830   -20.518 4.372   1.00 49.24 ? 337 PHE A O   1 
ATOM   109  C CB  . PHE A 1 15  ? 0.388   -20.021 7.286   1.00 48.08 ? 337 PHE A CB  1 
ATOM   110  C CG  . PHE A 1 15  ? -0.448  -19.228 6.314   1.00 47.05 ? 337 PHE A CG  1 
ATOM   111  C CD1 . PHE A 1 15  ? -1.203  -19.864 5.340   1.00 46.58 ? 337 PHE A CD1 1 
ATOM   112  C CD2 . PHE A 1 15  ? -0.499  -17.845 6.395   1.00 46.62 ? 337 PHE A CD2 1 
ATOM   113  C CE1 . PHE A 1 15  ? -1.984  -19.145 4.454   1.00 46.50 ? 337 PHE A CE1 1 
ATOM   114  C CE2 . PHE A 1 15  ? -1.287  -17.111 5.512   1.00 47.45 ? 337 PHE A CE2 1 
ATOM   115  C CZ  . PHE A 1 15  ? -2.030  -17.764 4.536   1.00 46.88 ? 337 PHE A CZ  1 
ATOM   116  N N   . ASP A 1 16  ? 3.297   -19.990 6.010   1.00 49.65 ? 338 ASP A N   1 
ATOM   117  C CA  . ASP A 1 16  ? 4.320   -19.471 5.100   1.00 50.13 ? 338 ASP A CA  1 
ATOM   118  C C   . ASP A 1 16  ? 4.806   -20.513 4.088   1.00 50.04 ? 338 ASP A C   1 
ATOM   119  O O   . ASP A 1 16  ? 5.092   -20.162 2.954   1.00 49.83 ? 338 ASP A O   1 
ATOM   120  C CB  . ASP A 1 16  ? 5.499   -18.905 5.893   1.00 50.34 ? 338 ASP A CB  1 
ATOM   121  C CG  . ASP A 1 16  ? 5.154   -17.591 6.595   1.00 51.43 ? 338 ASP A CG  1 
ATOM   122  O OD1 . ASP A 1 16  ? 3.987   -17.135 6.489   1.00 50.05 ? 338 ASP A OD1 1 
ATOM   123  O OD2 . ASP A 1 16  ? 6.058   -17.018 7.251   1.00 53.29 ? 338 ASP A OD2 1 
ATOM   124  N N   . GLU A 1 17  ? 4.866   -21.785 4.484   1.00 49.69 ? 339 GLU A N   1 
ATOM   125  C CA  . GLU A 1 17  ? 5.270   -22.832 3.554   1.00 50.03 ? 339 GLU A CA  1 
ATOM   126  C C   . GLU A 1 17  ? 4.270   -23.017 2.428   1.00 50.30 ? 339 GLU A C   1 
ATOM   127  O O   . GLU A 1 17  ? 4.667   -23.277 1.297   1.00 50.54 ? 339 GLU A O   1 
ATOM   128  C CB  . GLU A 1 17  ? 5.515   -24.165 4.266   1.00 50.11 ? 339 GLU A CB  1 
ATOM   129  C CG  . GLU A 1 17  ? 6.705   -24.165 5.222   1.00 50.63 ? 339 GLU A CG  1 
ATOM   130  C CD  . GLU A 1 17  ? 8.008   -23.664 4.590   1.00 51.68 ? 339 GLU A CD  1 
ATOM   131  O OE1 . GLU A 1 17  ? 8.190   -23.780 3.354   1.00 51.30 ? 339 GLU A OE1 1 
ATOM   132  O OE2 . GLU A 1 17  ? 8.855   -23.144 5.345   1.00 52.97 ? 339 GLU A OE2 1 
ATOM   133  N N   . ILE A 1 18  ? 2.979   -22.874 2.721   1.00 50.51 ? 340 ILE A N   1 
ATOM   134  C CA  . ILE A 1 18  ? 1.959   -22.915 1.673   1.00 50.73 ? 340 ILE A CA  1 
ATOM   135  C C   . ILE A 1 18  ? 2.105   -21.711 0.740   1.00 50.72 ? 340 ILE A C   1 
ATOM   136  O O   . ILE A 1 18  ? 2.025   -21.850 -0.480  1.00 51.19 ? 340 ILE A O   1 
ATOM   137  C CB  . ILE A 1 18  ? 0.511   -22.952 2.260   1.00 50.93 ? 340 ILE A CB  1 
ATOM   138  C CG1 . ILE A 1 18  ? 0.171   -24.350 2.754   1.00 50.86 ? 340 ILE A CG1 1 
ATOM   139  C CG2 . ILE A 1 18  ? -0.528  -22.581 1.206   1.00 51.38 ? 340 ILE A CG2 1 
ATOM   140  N N   . LEU A 1 19  ? 2.309   -20.533 1.316   1.00 50.40 ? 341 LEU A N   1 
ATOM   141  C CA  . LEU A 1 19  ? 2.389   -19.315 0.523   1.00 50.35 ? 341 LEU A CA  1 
ATOM   142  C C   . LEU A 1 19  ? 3.604   -19.327 -0.401  1.00 50.19 ? 341 LEU A C   1 
ATOM   143  O O   . LEU A 1 19  ? 3.557   -18.755 -1.483  1.00 50.19 ? 341 LEU A O   1 
ATOM   144  C CB  . LEU A 1 19  ? 2.416   -18.071 1.424   1.00 50.33 ? 341 LEU A CB  1 
ATOM   145  C CG  . LEU A 1 19  ? 1.121   -17.703 2.163   1.00 50.13 ? 341 LEU A CG  1 
ATOM   146  C CD1 . LEU A 1 19  ? 1.355   -16.516 3.076   1.00 49.65 ? 341 LEU A CD1 1 
ATOM   147  C CD2 . LEU A 1 19  ? -0.026  -17.402 1.180   1.00 50.24 ? 341 LEU A CD2 1 
ATOM   148  N N   . LYS A 1 20  ? 4.684   -19.975 0.027   1.00 50.03 ? 342 LYS A N   1 
ATOM   149  C CA  . LYS A 1 20  ? 5.926   -20.021 -0.759  1.00 49.81 ? 342 LYS A CA  1 
ATOM   150  C C   . LYS A 1 20  ? 5.860   -20.992 -1.939  1.00 49.86 ? 342 LYS A C   1 
ATOM   151  O O   . LYS A 1 20  ? 6.495   -20.771 -2.970  1.00 50.54 ? 342 LYS A O   1 
ATOM   152  C CB  . LYS A 1 20  ? 7.100   -20.434 0.126   1.00 49.78 ? 342 LYS A CB  1 
ATOM   153  C CG  . LYS A 1 20  ? 7.508   -19.397 1.134   1.00 49.78 ? 342 LYS A CG  1 
ATOM   154  C CD  . LYS A 1 20  ? 8.884   -19.681 1.684   1.00 50.97 ? 342 LYS A CD  1 
ATOM   155  C CE  . LYS A 1 20  ? 8.967   -20.989 2.403   1.00 50.96 ? 342 LYS A CE  1 
ATOM   156  N NZ  . LYS A 1 20  ? 10.272  -21.084 3.107   1.00 51.25 ? 342 LYS A NZ  1 
ATOM   157  N N   . ASP A 1 21  ? 5.119   -22.078 -1.772  1.00 49.59 ? 343 ASP A N   1 
ATOM   158  C CA  . ASP A 1 21  ? 5.056   -23.122 -2.779  1.00 49.54 ? 343 ASP A CA  1 
ATOM   159  C C   . ASP A 1 21  ? 3.800   -22.934 -3.627  1.00 49.85 ? 343 ASP A C   1 
ATOM   160  O O   . ASP A 1 21  ? 2.684   -23.029 -3.116  1.00 50.04 ? 343 ASP A O   1 
ATOM   161  C CB  . ASP A 1 21  ? 5.086   -24.485 -2.082  1.00 49.27 ? 343 ASP A CB  1 
ATOM   162  C CG  . ASP A 1 21  ? 4.986   -25.644 -3.040  1.00 48.29 ? 343 ASP A CG  1 
ATOM   163  O OD1 . ASP A 1 21  ? 4.468   -25.486 -4.169  1.00 47.10 ? 343 ASP A OD1 1 
ATOM   164  O OD2 . ASP A 1 21  ? 5.414   -26.739 -2.637  1.00 45.56 ? 343 ASP A OD2 1 
ATOM   165  N N   . GLN A 1 22  ? 3.991   -22.679 -4.922  1.00 49.95 ? 344 GLN A N   1 
ATOM   166  C CA  . GLN A 1 22  ? 2.887   -22.305 -5.808  1.00 50.12 ? 344 GLN A CA  1 
ATOM   167  C C   . GLN A 1 22  ? 1.872   -23.434 -6.010  1.00 49.99 ? 344 GLN A C   1 
ATOM   168  O O   . GLN A 1 22  ? 0.710   -23.168 -6.292  1.00 50.02 ? 344 GLN A O   1 
ATOM   169  C CB  . GLN A 1 22  ? 3.409   -21.823 -7.173  1.00 50.08 ? 344 GLN A CB  1 
ATOM   170  C CG  . GLN A 1 22  ? 3.816   -22.964 -8.106  1.00 50.80 ? 344 GLN A CG  1 
ATOM   171  C CD  . GLN A 1 22  ? 4.463   -22.487 -9.386  1.00 50.31 ? 344 GLN A CD  1 
ATOM   172  O OE1 . GLN A 1 22  ? 4.191   -21.384 -9.853  1.00 50.65 ? 344 GLN A OE1 1 
ATOM   173  N NE2 . GLN A 1 22  ? 5.322   -23.321 -9.962  1.00 50.35 ? 344 GLN A NE2 1 
ATOM   174  N N   . VAL A 1 23  ? 2.305   -24.685 -5.878  1.00 50.09 ? 345 VAL A N   1 
ATOM   175  C CA  . VAL A 1 23  ? 1.383   -25.813 -5.993  1.00 50.31 ? 345 VAL A CA  1 
ATOM   176  C C   . VAL A 1 23  ? 0.540   -25.970 -4.714  1.00 49.94 ? 345 VAL A C   1 
ATOM   177  O O   . VAL A 1 23  ? -0.638  -26.313 -4.793  1.00 50.10 ? 345 VAL A O   1 
ATOM   178  C CB  . VAL A 1 23  ? 2.121   -27.140 -6.345  1.00 50.37 ? 345 VAL A CB  1 
ATOM   179  C CG1 . VAL A 1 23  ? 1.169   -28.345 -6.291  1.00 50.82 ? 345 VAL A CG1 1 
ATOM   180  C CG2 . VAL A 1 23  ? 2.750   -27.035 -7.727  1.00 50.78 ? 345 VAL A CG2 1 
ATOM   181  N N   . GLY A 1 24  ? 1.150   -25.729 -3.554  1.00 49.62 ? 346 GLY A N   1 
ATOM   182  C CA  . GLY A 1 24  ? 0.437   -25.763 -2.280  1.00 49.53 ? 346 GLY A CA  1 
ATOM   183  C C   . GLY A 1 24  ? -0.530  -24.606 -2.198  1.00 49.60 ? 346 GLY A C   1 
ATOM   184  O O   . GLY A 1 24  ? -1.661  -24.748 -1.724  1.00 49.45 ? 346 GLY A O   1 
ATOM   185  N N   . ARG A 1 25  ? -0.073  -23.453 -2.684  1.00 49.65 ? 347 ARG A N   1 
ATOM   186  C CA  . ARG A 1 25  ? -0.875  -22.241 -2.727  1.00 49.46 ? 347 ARG A CA  1 
ATOM   187  C C   . ARG A 1 25  ? -2.103  -22.414 -3.622  1.00 49.41 ? 347 ARG A C   1 
ATOM   188  O O   . ARG A 1 25  ? -3.195  -21.962 -3.272  1.00 49.04 ? 347 ARG A O   1 
ATOM   189  C CB  . ARG A 1 25  ? -0.018  -21.076 -3.219  1.00 49.55 ? 347 ARG A CB  1 
ATOM   190  C CG  . ARG A 1 25  ? -0.497  -19.718 -2.761  1.00 50.06 ? 347 ARG A CG  1 
ATOM   191  C CD  . ARG A 1 25  ? 0.497   -18.627 -3.114  1.00 49.86 ? 347 ARG A CD  1 
ATOM   192  N NE  . ARG A 1 25  ? 0.762   -18.571 -4.552  1.00 49.95 ? 347 ARG A NE  1 
ATOM   193  C CZ  . ARG A 1 25  ? 1.963   -18.637 -5.127  1.00 49.83 ? 347 ARG A CZ  1 
ATOM   194  N NH1 . ARG A 1 25  ? 3.083   -18.743 -4.419  1.00 49.40 ? 347 ARG A NH1 1 
ATOM   195  N NH2 . ARG A 1 25  ? 2.043   -18.579 -6.445  1.00 50.47 ? 347 ARG A NH2 1 
ATOM   196  N N   . ASP A 1 26  ? -1.928  -23.054 -4.776  1.00 49.57 ? 348 ASP A N   1 
ATOM   197  C CA  A ASP A 1 26  ? -3.052  -23.325 -5.667  0.50 49.85 ? 348 ASP A CA  1 
ATOM   198  C CA  B ASP A 1 26  ? -3.061  -23.329 -5.668  0.50 49.97 ? 348 ASP A CA  1 
ATOM   199  C C   . ASP A 1 26  ? -4.062  -24.277 -5.023  1.00 49.82 ? 348 ASP A C   1 
ATOM   200  O O   . ASP A 1 26  ? -5.259  -24.171 -5.270  1.00 49.91 ? 348 ASP A O   1 
ATOM   201  C CB  A ASP A 1 26  ? -2.560  -23.908 -6.995  0.50 49.94 ? 348 ASP A CB  1 
ATOM   202  C CB  B ASP A 1 26  ? -2.620  -23.937 -7.004  0.50 50.15 ? 348 ASP A CB  1 
ATOM   203  C CG  A ASP A 1 26  ? -1.820  -22.892 -7.847  0.50 50.23 ? 348 ASP A CG  1 
ATOM   204  C CG  B ASP A 1 26  ? -3.810  -24.407 -7.847  0.50 50.97 ? 348 ASP A CG  1 
ATOM   205  O OD1 A ASP A 1 26  ? -1.614  -21.739 -7.394  0.50 50.32 ? 348 ASP A OD1 1 
ATOM   206  O OD1 B ASP A 1 26  ? -3.962  -25.637 -8.050  0.50 51.72 ? 348 ASP A OD1 1 
ATOM   207  O OD2 A ASP A 1 26  ? -1.436  -23.262 -8.976  0.50 50.69 ? 348 ASP A OD2 1 
ATOM   208  O OD2 B ASP A 1 26  ? -4.620  -23.545 -8.263  0.50 51.94 ? 348 ASP A OD2 1 
ATOM   209  N N   . GLN A 1 27  ? -3.567  -25.208 -4.213  1.00 49.82 ? 349 GLN A N   1 
ATOM   210  C CA  . GLN A 1 27  ? -4.437  -26.136 -3.500  1.00 49.86 ? 349 GLN A CA  1 
ATOM   211  C C   . GLN A 1 27  ? -5.220  -25.380 -2.437  1.00 49.15 ? 349 GLN A C   1 
ATOM   212  O O   . GLN A 1 27  ? -6.429  -25.570 -2.295  1.00 48.31 ? 349 GLN A O   1 
ATOM   213  C CB  . GLN A 1 27  ? -3.643  -27.268 -2.843  1.00 50.26 ? 349 GLN A CB  1 
ATOM   214  C CG  . GLN A 1 27  ? -3.305  -28.443 -3.765  1.00 52.75 ? 349 GLN A CG  1 
ATOM   215  C CD  . GLN A 1 27  ? -4.538  -29.089 -4.372  1.00 54.92 ? 349 GLN A CD  1 
ATOM   216  O OE1 . GLN A 1 27  ? -5.391  -29.625 -3.660  1.00 56.76 ? 349 GLN A OE1 1 
ATOM   217  N NE2 . GLN A 1 27  ? -4.644  -29.026 -5.698  1.00 56.98 ? 349 GLN A NE2 1 
ATOM   218  N N   . PHE A 1 28  ? -4.506  -24.530 -1.700  1.00 48.61 ? 350 PHE A N   1 
ATOM   219  C CA  . PHE A 1 28  ? -5.101  -23.666 -0.688  1.00 48.31 ? 350 PHE A CA  1 
ATOM   220  C C   . PHE A 1 28  ? -6.176  -22.785 -1.311  1.00 48.00 ? 350 PHE A C   1 
ATOM   221  O O   . PHE A 1 28  ? -7.232  -22.601 -0.726  1.00 47.89 ? 350 PHE A O   1 
ATOM   222  C CB  . PHE A 1 28  ? -4.019  -22.804 -0.018  1.00 47.88 ? 350 PHE A CB  1 
ATOM   223  C CG  . PHE A 1 28  ? -4.507  -22.005 1.171   1.00 47.86 ? 350 PHE A CG  1 
ATOM   224  C CD1 . PHE A 1 28  ? -5.172  -22.625 2.225   1.00 47.89 ? 350 PHE A CD1 1 
ATOM   225  C CD2 . PHE A 1 28  ? -4.270  -20.632 1.252   1.00 48.05 ? 350 PHE A CD2 1 
ATOM   226  C CE1 . PHE A 1 28  ? -5.611  -21.896 3.327   1.00 47.15 ? 350 PHE A CE1 1 
ATOM   227  C CE2 . PHE A 1 28  ? -4.712  -19.896 2.361   1.00 47.44 ? 350 PHE A CE2 1 
ATOM   228  C CZ  . PHE A 1 28  ? -5.381  -20.528 3.390   1.00 46.92 ? 350 PHE A CZ  1 
ATOM   229  N N   . LEU A 1 29  ? -5.901  -22.272 -2.511  1.00 48.03 ? 351 LEU A N   1 
ATOM   230  C CA  . LEU A 1 29  ? -6.827  -21.401 -3.216  1.00 47.90 ? 351 LEU A CA  1 
ATOM   231  C C   . LEU A 1 29  ? -8.123  -22.122 -3.573  1.00 48.12 ? 351 LEU A C   1 
ATOM   232  O O   . LEU A 1 29  ? -9.204  -21.552 -3.444  1.00 47.99 ? 351 LEU A O   1 
ATOM   233  C CB  . LEU A 1 29  ? -6.177  -20.838 -4.484  1.00 47.51 ? 351 LEU A CB  1 
ATOM   234  C CG  . LEU A 1 29  ? -7.037  -19.899 -5.333  1.00 47.96 ? 351 LEU A CG  1 
ATOM   235  C CD1 . LEU A 1 29  ? -7.376  -18.626 -4.569  1.00 47.35 ? 351 LEU A CD1 1 
ATOM   236  C CD2 . LEU A 1 29  ? -6.360  -19.564 -6.655  1.00 48.22 ? 351 LEU A CD2 1 
ATOM   237  N N   . ARG A 1 30  ? -8.012  -23.365 -4.038  1.00 48.36 ? 352 ARG A N   1 
ATOM   238  C CA  . ARG A 1 30  ? -9.202  -24.170 -4.355  1.00 48.84 ? 352 ARG A CA  1 
ATOM   239  C C   . ARG A 1 30  ? -10.033 -24.427 -3.091  1.00 48.03 ? 352 ARG A C   1 
ATOM   240  O O   . ARG A 1 30  ? -11.260 -24.439 -3.142  1.00 47.80 ? 352 ARG A O   1 
ATOM   241  C CB  . ARG A 1 30  ? -8.805  -25.484 -5.044  1.00 48.98 ? 352 ARG A CB  1 
ATOM   242  C CG  . ARG A 1 30  ? -8.214  -25.267 -6.448  1.00 50.31 ? 352 ARG A CG  1 
ATOM   243  C CD  . ARG A 1 30  ? -7.625  -26.546 -7.040  1.00 50.64 ? 352 ARG A CD  1 
ATOM   244  N NE  . ARG A 1 30  ? -6.802  -26.279 -8.222  1.00 52.46 ? 352 ARG A NE  1 
ATOM   245  N N   . PHE A 1 31  ? -9.353  -24.606 -1.961  1.00 47.81 ? 353 PHE A N   1 
ATOM   246  C CA  . PHE A 1 31  ? -10.019 -24.713 -0.663  1.00 47.37 ? 353 PHE A CA  1 
ATOM   247  C C   . PHE A 1 31  ? -10.735 -23.418 -0.294  1.00 47.44 ? 353 PHE A C   1 
ATOM   248  O O   . PHE A 1 31  ? -11.888 -23.443 0.132   1.00 47.70 ? 353 PHE A O   1 
ATOM   249  C CB  . PHE A 1 31  ? -9.019  -25.074 0.435   1.00 47.29 ? 353 PHE A CB  1 
ATOM   250  C CG  . PHE A 1 31  ? -9.622  -25.101 1.820   1.00 46.99 ? 353 PHE A CG  1 
ATOM   251  C CD1 . PHE A 1 31  ? -10.498 -26.117 2.187   1.00 47.19 ? 353 PHE A CD1 1 
ATOM   252  C CD2 . PHE A 1 31  ? -9.309  -24.117 2.749   1.00 46.68 ? 353 PHE A CD2 1 
ATOM   253  C CE1 . PHE A 1 31  ? -11.057 -26.153 3.461   1.00 47.09 ? 353 PHE A CE1 1 
ATOM   254  C CE2 . PHE A 1 31  ? -9.864  -24.138 4.020   1.00 46.52 ? 353 PHE A CE2 1 
ATOM   255  C CZ  . PHE A 1 31  ? -10.741 -25.158 4.379   1.00 46.97 ? 353 PHE A CZ  1 
ATOM   256  N N   . LEU A 1 32  ? -10.055 -22.284 -0.441  1.00 47.28 ? 354 LEU A N   1 
ATOM   257  C CA  . LEU A 1 32  ? -10.684 -21.003 -0.138  1.00 47.07 ? 354 LEU A CA  1 
ATOM   258  C C   . LEU A 1 32  ? -11.890 -20.769 -1.046  1.00 47.07 ? 354 LEU A C   1 
ATOM   259  O O   . LEU A 1 32  ? -12.891 -20.222 -0.610  1.00 46.60 ? 354 LEU A O   1 
ATOM   260  C CB  . LEU A 1 32  ? -9.683  -19.848 -0.262  1.00 47.29 ? 354 LEU A CB  1 
ATOM   261  C CG  . LEU A 1 32  ? -8.464  -19.850 0.670   1.00 46.93 ? 354 LEU A CG  1 
ATOM   262  C CD1 . LEU A 1 32  ? -7.716  -18.522 0.572   1.00 46.03 ? 354 LEU A CD1 1 
ATOM   263  C CD2 . LEU A 1 32  ? -8.852  -20.150 2.128   1.00 46.18 ? 354 LEU A CD2 1 
ATOM   264  N N   . GLU A 1 33  ? -11.807 -21.199 -2.301  1.00 47.42 ? 355 GLU A N   1 
ATOM   265  C CA  . GLU A 1 33  ? -12.949 -21.079 -3.205  1.00 48.09 ? 355 GLU A CA  1 
ATOM   266  C C   . GLU A 1 33  ? -14.180 -21.845 -2.706  1.00 48.13 ? 355 GLU A C   1 
ATOM   267  O O   . GLU A 1 33  ? -15.294 -21.333 -2.791  1.00 47.88 ? 355 GLU A O   1 
ATOM   268  C CB  . GLU A 1 33  ? -12.572 -21.512 -4.619  1.00 48.56 ? 355 GLU A CB  1 
ATOM   269  C CG  . GLU A 1 33  ? -11.729 -20.473 -5.334  1.00 50.10 ? 355 GLU A CG  1 
ATOM   270  C CD  . GLU A 1 33  ? -11.154 -20.968 -6.642  1.00 52.37 ? 355 GLU A CD  1 
ATOM   271  O OE1 . GLU A 1 33  ? -11.151 -22.200 -6.876  1.00 54.87 ? 355 GLU A OE1 1 
ATOM   272  O OE2 . GLU A 1 33  ? -10.702 -20.116 -7.443  1.00 54.39 ? 355 GLU A OE2 1 
ATOM   273  N N   . SER A 1 34  ? -13.973 -23.044 -2.162  1.00 48.21 ? 356 SER A N   1 
ATOM   274  C CA  . SER A 1 34  ? -15.067 -23.816 -1.558  1.00 48.43 ? 356 SER A CA  1 
ATOM   275  C C   . SER A 1 34  ? -15.554 -23.192 -0.247  1.00 48.56 ? 356 SER A C   1 
ATOM   276  O O   . SER A 1 34  ? -16.674 -23.444 0.171   1.00 48.99 ? 356 SER A O   1 
ATOM   277  C CB  . SER A 1 34  ? -14.641 -25.265 -1.317  1.00 48.49 ? 356 SER A CB  1 
ATOM   278  O OG  . SER A 1 34  ? -13.673 -25.361 -0.285  1.00 48.66 ? 356 SER A OG  1 
ATOM   279  N N   . GLU A 1 35  ? -14.703 -22.394 0.396   1.00 48.23 ? 357 GLU A N   1 
ATOM   280  C CA  . GLU A 1 35  ? -15.054 -21.636 1.600   1.00 47.87 ? 357 GLU A CA  1 
ATOM   281  C C   . GLU A 1 35  ? -15.662 -20.267 1.293   1.00 47.45 ? 357 GLU A C   1 
ATOM   282  O O   . GLU A 1 35  ? -16.071 -19.560 2.209   1.00 46.94 ? 357 GLU A O   1 
ATOM   283  C CB  . GLU A 1 35  ? -13.794 -21.384 2.432   1.00 48.20 ? 357 GLU A CB  1 
ATOM   284  C CG  . GLU A 1 35  ? -13.092 -22.633 2.922   1.00 49.43 ? 357 GLU A CG  1 
ATOM   285  C CD  . GLU A 1 35  ? -13.495 -23.003 4.324   1.00 49.97 ? 357 GLU A CD  1 
ATOM   286  O OE1 . GLU A 1 35  ? -13.103 -22.269 5.260   1.00 49.94 ? 357 GLU A OE1 1 
ATOM   287  O OE2 . GLU A 1 35  ? -14.206 -24.020 4.485   1.00 51.37 ? 357 GLU A OE2 1 
ATOM   288  N N   . PHE A 1 36  ? -15.695 -19.883 0.018   1.00 46.96 ? 358 PHE A N   1 
ATOM   289  C CA  . PHE A 1 36  ? -16.000 -18.506 -0.389  1.00 46.65 ? 358 PHE A CA  1 
ATOM   290  C C   . PHE A 1 36  ? -15.194 -17.450 0.378   1.00 46.19 ? 358 PHE A C   1 
ATOM   291  O O   . PHE A 1 36  ? -15.747 -16.493 0.903   1.00 45.54 ? 358 PHE A O   1 
ATOM   292  C CB  . PHE A 1 36  ? -17.501 -18.228 -0.317  1.00 46.68 ? 358 PHE A CB  1 
ATOM   293  C CG  . PHE A 1 36  ? -18.294 -19.010 -1.321  1.00 46.91 ? 358 PHE A CG  1 
ATOM   294  C CD1 . PHE A 1 36  ? -18.672 -18.433 -2.529  1.00 46.69 ? 358 PHE A CD1 1 
ATOM   295  C CD2 . PHE A 1 36  ? -18.646 -20.327 -1.068  1.00 47.18 ? 358 PHE A CD2 1 
ATOM   296  C CE1 . PHE A 1 36  ? -19.392 -19.153 -3.464  1.00 46.83 ? 358 PHE A CE1 1 
ATOM   297  C CE2 . PHE A 1 36  ? -19.372 -21.063 -2.002  1.00 47.56 ? 358 PHE A CE2 1 
ATOM   298  C CZ  . PHE A 1 36  ? -19.740 -20.475 -3.205  1.00 46.82 ? 358 PHE A CZ  1 
ATOM   299  N N   . SER A 1 37  ? -13.877 -17.645 0.423   1.00 46.08 ? 359 SER A N   1 
ATOM   300  C CA  . SER A 1 37  ? -12.952 -16.665 1.012   1.00 45.89 ? 359 SER A CA  1 
ATOM   301  C C   . SER A 1 37  ? -11.688 -16.467 0.173   1.00 45.43 ? 359 SER A C   1 
ATOM   302  O O   . SER A 1 37  ? -10.685 -15.954 0.674   1.00 45.26 ? 359 SER A O   1 
ATOM   303  C CB  . SER A 1 37  ? -12.561 -17.097 2.427   1.00 46.07 ? 359 SER A CB  1 
ATOM   304  O OG  . SER A 1 37  ? -11.714 -18.239 2.369   1.00 47.24 ? 359 SER A OG  1 
ATOM   305  N N   . SER A 1 38  ? -11.749 -16.827 -1.112  1.00 44.80 ? 360 SER A N   1 
ATOM   306  C CA  . SER A 1 38  ? -10.597 -16.752 -1.998  1.00 44.39 ? 360 SER A CA  1 
ATOM   307  C C   . SER A 1 38  ? -10.137 -15.321 -2.281  1.00 44.53 ? 360 SER A C   1 
ATOM   308  O O   . SER A 1 38  ? -9.006  -15.113 -2.717  1.00 43.72 ? 360 SER A O   1 
ATOM   309  C CB  . SER A 1 38  ? -10.880 -17.463 -3.333  1.00 44.33 ? 360 SER A CB  1 
ATOM   310  O OG  . SER A 1 38  ? -11.967 -16.872 -4.033  1.00 44.05 ? 360 SER A OG  1 
ATOM   311  N N   . GLU A 1 39  ? -11.015 -14.352 -2.055  1.00 44.70 ? 361 GLU A N   1 
ATOM   312  C CA  . GLU A 1 39  ? -10.674 -12.947 -2.266  1.00 44.83 ? 361 GLU A CA  1 
ATOM   313  C C   . GLU A 1 39  ? -9.504  -12.518 -1.375  1.00 45.03 ? 361 GLU A C   1 
ATOM   314  O O   . GLU A 1 39  ? -8.727  -11.649 -1.756  1.00 44.91 ? 361 GLU A O   1 
ATOM   315  C CB  . GLU A 1 39  ? -11.897 -12.052 -2.035  1.00 44.68 ? 361 GLU A CB  1 
ATOM   316  C CG  . GLU A 1 39  ? -12.391 -11.957 -0.586  1.00 45.04 ? 361 GLU A CG  1 
ATOM   317  C CD  . GLU A 1 39  ? -13.352 -13.061 -0.158  1.00 45.37 ? 361 GLU A CD  1 
ATOM   318  O OE1 . GLU A 1 39  ? -13.579 -14.033 -0.911  1.00 43.66 ? 361 GLU A OE1 1 
ATOM   319  O OE2 . GLU A 1 39  ? -13.893 -12.937 0.958   1.00 45.17 ? 361 GLU A OE2 1 
ATOM   320  N N   . ASN A 1 40  ? -9.387  -13.140 -0.194  1.00 45.44 ? 362 ASN A N   1 
ATOM   321  C CA  . ASN A 1 40  ? -8.293  -12.865 0.739   1.00 45.02 ? 362 ASN A CA  1 
ATOM   322  C C   . ASN A 1 40  ? -6.946  -13.223 0.136   1.00 45.14 ? 362 ASN A C   1 
ATOM   323  O O   . ASN A 1 40  ? -6.003  -12.443 0.200   1.00 44.99 ? 362 ASN A O   1 
ATOM   324  C CB  . ASN A 1 40  ? -8.480  -13.643 2.049   1.00 45.11 ? 362 ASN A CB  1 
ATOM   325  C CG  . ASN A 1 40  ? -9.663  -13.168 2.853   1.00 44.45 ? 362 ASN A CG  1 
ATOM   326  O OD1 . ASN A 1 40  ? -10.056 -12.006 2.774   1.00 44.79 ? 362 ASN A OD1 1 
ATOM   327  N ND2 . ASN A 1 40  ? -10.241 -14.069 3.652   1.00 44.32 ? 362 ASN A ND2 1 
ATOM   328  N N   . LEU A 1 41  ? -6.848  -14.408 -0.458  1.00 45.35 ? 363 LEU A N   1 
ATOM   329  C CA  . LEU A 1 41  ? -5.595  -14.819 -1.064  1.00 45.52 ? 363 LEU A CA  1 
ATOM   330  C C   . LEU A 1 41  ? -5.297  -14.033 -2.330  1.00 45.24 ? 363 LEU A C   1 
ATOM   331  O O   . LEU A 1 41  ? -4.147  -13.696 -2.588  1.00 45.47 ? 363 LEU A O   1 
ATOM   332  C CB  . LEU A 1 41  ? -5.576  -16.320 -1.359  1.00 45.64 ? 363 LEU A CB  1 
ATOM   333  C CG  . LEU A 1 41  ? -4.250  -16.898 -1.855  1.00 46.14 ? 363 LEU A CG  1 
ATOM   334  C CD1 . LEU A 1 41  ? -3.092  -16.475 -0.954  1.00 47.16 ? 363 LEU A CD1 1 
ATOM   335  C CD2 . LEU A 1 41  ? -4.333  -18.437 -1.945  1.00 46.23 ? 363 LEU A CD2 1 
ATOM   336  N N   . ARG A 1 42  ? -6.319  -13.765 -3.137  1.00 45.13 ? 364 ARG A N   1 
ATOM   337  C CA  A ARG A 1 42  ? -6.111  -13.031 -4.382  0.50 45.15 ? 364 ARG A CA  1 
ATOM   338  C CA  B ARG A 1 42  ? -6.124  -13.025 -4.381  0.50 44.92 ? 364 ARG A CA  1 
ATOM   339  C C   . ARG A 1 42  ? -5.662  -11.600 -4.080  1.00 44.92 ? 364 ARG A C   1 
ATOM   340  O O   . ARG A 1 42  ? -4.829  -11.034 -4.797  1.00 44.91 ? 364 ARG A O   1 
ATOM   341  C CB  A ARG A 1 42  ? -7.364  -13.077 -5.260  0.50 45.32 ? 364 ARG A CB  1 
ATOM   342  C CB  B ARG A 1 42  ? -7.401  -13.036 -5.223  0.50 45.09 ? 364 ARG A CB  1 
ATOM   343  C CG  A ARG A 1 42  ? -7.633  -14.481 -5.817  0.50 45.42 ? 364 ARG A CG  1 
ATOM   344  C CG  B ARG A 1 42  ? -7.736  -14.424 -5.789  0.50 44.78 ? 364 ARG A CG  1 
ATOM   345  C CD  A ARG A 1 42  ? -8.763  -14.523 -6.835  0.50 45.60 ? 364 ARG A CD  1 
ATOM   346  C CD  B ARG A 1 42  ? -8.914  -14.407 -6.757  0.50 44.54 ? 364 ARG A CD  1 
ATOM   347  N NE  A ARG A 1 42  ? -10.077 -14.583 -6.196  0.50 46.41 ? 364 ARG A NE  1 
ATOM   348  N NE  B ARG A 1 42  ? -8.804  -13.321 -7.735  0.50 44.07 ? 364 ARG A NE  1 
ATOM   349  C CZ  A ARG A 1 42  ? -10.871 -13.536 -5.962  0.50 46.61 ? 364 ARG A CZ  1 
ATOM   350  C CZ  B ARG A 1 42  ? -9.684  -12.335 -7.904  0.50 43.82 ? 364 ARG A CZ  1 
ATOM   351  N NH1 A ARG A 1 42  ? -10.509 -12.302 -6.298  0.50 47.14 ? 364 ARG A NH1 1 
ATOM   352  N NH1 B ARG A 1 42  ? -9.452  -11.408 -8.825  0.50 44.30 ? 364 ARG A NH1 1 
ATOM   353  N NH2 A ARG A 1 42  ? -12.045 -13.728 -5.376  0.50 46.38 ? 364 ARG A NH2 1 
ATOM   354  N NH2 B ARG A 1 42  ? -10.798 -12.265 -7.179  0.50 44.14 ? 364 ARG A NH2 1 
ATOM   355  N N   . PHE A 1 43  ? -6.183  -11.025 -3.003  1.00 44.71 ? 365 PHE A N   1 
ATOM   356  C CA  . PHE A 1 43  ? -5.757  -9.690  -2.602  1.00 44.46 ? 365 PHE A CA  1 
ATOM   357  C C   . PHE A 1 43  ? -4.296  -9.718  -2.167  1.00 44.51 ? 365 PHE A C   1 
ATOM   358  O O   . PHE A 1 43  ? -3.486  -8.939  -2.628  1.00 44.39 ? 365 PHE A O   1 
ATOM   359  C CB  . PHE A 1 43  ? -6.634  -9.158  -1.478  1.00 44.34 ? 365 PHE A CB  1 
ATOM   360  C CG  . PHE A 1 43  ? -6.169  -7.830  -0.926  1.00 43.92 ? 365 PHE A CG  1 
ATOM   361  C CD1 . PHE A 1 43  ? -6.291  -6.668  -1.682  1.00 43.69 ? 365 PHE A CD1 1 
ATOM   362  C CD2 . PHE A 1 43  ? -5.617  -7.744  0.345   1.00 43.00 ? 365 PHE A CD2 1 
ATOM   363  C CE1 . PHE A 1 43  ? -5.873  -5.447  -1.174  1.00 44.01 ? 365 PHE A CE1 1 
ATOM   364  C CE2 . PHE A 1 43  ? -5.195  -6.527  0.853   1.00 43.49 ? 365 PHE A CE2 1 
ATOM   365  C CZ  . PHE A 1 43  ? -5.326  -5.380  0.094   1.00 43.11 ? 365 PHE A CZ  1 
ATOM   366  N N   . TRP A 1 44  ? -3.970  -10.639 -1.275  1.00 45.24 ? 366 TRP A N   1 
ATOM   367  C CA  . TRP A 1 44  ? -2.605  -10.811 -0.797  1.00 45.32 ? 366 TRP A CA  1 
ATOM   368  C C   . TRP A 1 44  ? -1.635  -10.982 -1.989  1.00 45.39 ? 366 TRP A C   1 
ATOM   369  O O   . TRP A 1 44  ? -0.599  -10.318 -2.067  1.00 44.87 ? 366 TRP A O   1 
ATOM   370  C CB  . TRP A 1 44  ? -2.554  -12.003 0.158   1.00 45.68 ? 366 TRP A CB  1 
ATOM   371  C CG  . TRP A 1 44  ? -1.260  -12.139 0.876   1.00 46.12 ? 366 TRP A CG  1 
ATOM   372  C CD1 . TRP A 1 44  ? -0.938  -11.593 2.074   1.00 45.78 ? 366 TRP A CD1 1 
ATOM   373  C CD2 . TRP A 1 44  ? -0.101  -12.857 0.432   1.00 45.79 ? 366 TRP A CD2 1 
ATOM   374  N NE1 . TRP A 1 44  ? 0.353   -11.914 2.407   1.00 46.25 ? 366 TRP A NE1 1 
ATOM   375  C CE2 . TRP A 1 44  ? 0.891   -12.695 1.420   1.00 46.24 ? 366 TRP A CE2 1 
ATOM   376  C CE3 . TRP A 1 44  ? 0.202   -13.601 -0.715  1.00 46.07 ? 366 TRP A CE3 1 
ATOM   377  C CZ2 . TRP A 1 44  ? 2.161   -13.264 1.308   1.00 45.63 ? 366 TRP A CZ2 1 
ATOM   378  C CZ3 . TRP A 1 44  ? 1.453   -14.171 -0.825  1.00 46.09 ? 366 TRP A CZ3 1 
ATOM   379  C CH2 . TRP A 1 44  ? 2.425   -13.997 0.184   1.00 45.90 ? 366 TRP A CH2 1 
ATOM   380  N N   . LEU A 1 45  ? -1.997  -11.855 -2.926  1.00 44.77 ? 367 LEU A N   1 
ATOM   381  C CA  . LEU A 1 45  ? -1.187  -12.083 -4.105  1.00 44.66 ? 367 LEU A CA  1 
ATOM   382  C C   . LEU A 1 45  ? -1.062  -10.835 -4.962  1.00 44.03 ? 367 LEU A C   1 
ATOM   383  O O   . LEU A 1 45  ? 0.016   -10.556 -5.484  1.00 43.57 ? 367 LEU A O   1 
ATOM   384  C CB  . LEU A 1 45  ? -1.752  -13.231 -4.941  1.00 44.83 ? 367 LEU A CB  1 
ATOM   385  C CG  . LEU A 1 45  ? -1.547  -14.622 -4.328  1.00 45.90 ? 367 LEU A CG  1 
ATOM   386  C CD1 . LEU A 1 45  ? -2.353  -15.638 -5.103  1.00 46.43 ? 367 LEU A CD1 1 
ATOM   387  C CD2 . LEU A 1 45  ? -0.051  -15.002 -4.314  1.00 47.05 ? 367 LEU A CD2 1 
ATOM   388  N N   . ALA A 1 46  ? -2.162  -10.096 -5.109  1.00 43.97 ? 368 ALA A N   1 
ATOM   389  C CA  . ALA A 1 46  ? -2.160  -8.859  -5.913  1.00 43.86 ? 368 ALA A CA  1 
ATOM   390  C C   . ALA A 1 46  ? -1.222  -7.818  -5.321  1.00 43.89 ? 368 ALA A C   1 
ATOM   391  O O   . ALA A 1 46  ? -0.498  -7.146  -6.041  1.00 44.05 ? 368 ALA A O   1 
ATOM   392  C CB  . ALA A 1 46  ? -3.570  -8.283  -6.024  1.00 43.82 ? 368 ALA A CB  1 
ATOM   393  N N   . VAL A 1 47  ? -1.247  -7.687  -4.002  1.00 44.12 ? 369 VAL A N   1 
ATOM   394  C CA  . VAL A 1 47  ? -0.374  -6.751  -3.300  1.00 44.48 ? 369 VAL A CA  1 
ATOM   395  C C   . VAL A 1 47  ? 1.108   -7.170  -3.373  1.00 45.16 ? 369 VAL A C   1 
ATOM   396  O O   . VAL A 1 47  ? 1.964   -6.309  -3.538  1.00 44.94 ? 369 VAL A O   1 
ATOM   397  C CB  . VAL A 1 47  ? -0.810  -6.558  -1.836  1.00 44.29 ? 369 VAL A CB  1 
ATOM   398  C CG1 . VAL A 1 47  ? 0.169   -5.654  -1.100  1.00 44.83 ? 369 VAL A CG1 1 
ATOM   399  C CG2 . VAL A 1 47  ? -2.206  -5.983  -1.782  1.00 43.55 ? 369 VAL A CG2 1 
ATOM   400  N N   . GLN A 1 48  ? 1.409   -8.472  -3.263  1.00 45.29 ? 370 GLN A N   1 
ATOM   401  C CA  . GLN A 1 48  ? 2.776   -8.959  -3.490  1.00 46.04 ? 370 GLN A CA  1 
ATOM   402  C C   . GLN A 1 48  ? 3.279   -8.620  -4.888  1.00 46.63 ? 370 GLN A C   1 
ATOM   403  O O   . GLN A 1 48  ? 4.443   -8.246  -5.066  1.00 46.89 ? 370 GLN A O   1 
ATOM   404  C CB  . GLN A 1 48  ? 2.882   -10.475 -3.313  1.00 45.95 ? 370 GLN A CB  1 
ATOM   405  C CG  . GLN A 1 48  ? 2.880   -10.939 -1.889  1.00 46.75 ? 370 GLN A CG  1 
ATOM   406  C CD  . GLN A 1 48  ? 3.998   -10.335 -1.056  1.00 46.80 ? 370 GLN A CD  1 
ATOM   407  O OE1 . GLN A 1 48  ? 3.763   -9.416  -0.264  1.00 45.27 ? 370 GLN A OE1 1 
ATOM   408  N NE2 . GLN A 1 48  ? 5.219   -10.855 -1.221  1.00 47.44 ? 370 GLN A NE2 1 
ATOM   409  N N   . ASP A 1 49  ? 2.416   -8.788  -5.885  1.00 47.10 ? 371 ASP A N   1 
ATOM   410  C CA  . ASP A 1 49  ? 2.771   -8.447  -7.261  1.00 47.46 ? 371 ASP A CA  1 
ATOM   411  C C   . ASP A 1 49  ? 3.018   -6.937  -7.417  1.00 47.15 ? 371 ASP A C   1 
ATOM   412  O O   . ASP A 1 49  ? 3.904   -6.521  -8.138  1.00 47.81 ? 371 ASP A O   1 
ATOM   413  C CB  . ASP A 1 49  ? 1.673   -8.910  -8.206  1.00 47.87 ? 371 ASP A CB  1 
ATOM   414  C CG  . ASP A 1 49  ? 2.019   -8.671  -9.642  1.00 50.30 ? 371 ASP A CG  1 
ATOM   415  O OD1 . ASP A 1 49  ? 2.855   -9.439  -10.183 1.00 52.74 ? 371 ASP A OD1 1 
ATOM   416  O OD2 . ASP A 1 49  ? 1.470   -7.693  -10.221 1.00 55.34 ? 371 ASP A OD2 1 
ATOM   417  N N   . LEU A 1 50  ? 2.236   -6.122  -6.726  1.00 47.42 ? 372 LEU A N   1 
ATOM   418  C CA  . LEU A 1 50  ? 2.414   -4.668  -6.753  1.00 47.10 ? 372 LEU A CA  1 
ATOM   419  C C   . LEU A 1 50  ? 3.844   -4.288  -6.378  1.00 47.00 ? 372 LEU A C   1 
ATOM   420  O O   . LEU A 1 50  ? 4.451   -3.435  -7.015  1.00 46.70 ? 372 LEU A O   1 
ATOM   421  C CB  . LEU A 1 50  ? 1.411   -3.989  -5.808  1.00 47.24 ? 372 LEU A CB  1 
ATOM   422  C CG  . LEU A 1 50  ? 1.570   -2.472  -5.612  1.00 46.29 ? 372 LEU A CG  1 
ATOM   423  C CD1 . LEU A 1 50  ? 1.243   -1.716  -6.890  1.00 46.87 ? 372 LEU A CD1 1 
ATOM   424  C CD2 . LEU A 1 50  ? 0.703   -2.010  -4.475  1.00 46.72 ? 372 LEU A CD2 1 
ATOM   425  N N   . LYS A 1 51  ? 4.379   -4.941  -5.352  1.00 47.19 ? 373 LYS A N   1 
ATOM   426  C CA  . LYS A 1 51  ? 5.729   -4.653  -4.857  1.00 47.32 ? 373 LYS A CA  1 
ATOM   427  C C   . LYS A 1 51  ? 6.818   -4.900  -5.890  1.00 47.66 ? 373 LYS A C   1 
ATOM   428  O O   . LYS A 1 51  ? 7.890   -4.317  -5.801  1.00 47.40 ? 373 LYS A O   1 
ATOM   429  C CB  . LYS A 1 51  ? 6.025   -5.464  -3.593  1.00 47.42 ? 373 LYS A CB  1 
ATOM   430  C CG  . LYS A 1 51  ? 5.136   -5.123  -2.401  1.00 47.42 ? 373 LYS A CG  1 
ATOM   431  C CD  . LYS A 1 51  ? 5.301   -6.167  -1.316  1.00 47.26 ? 373 LYS A CD  1 
ATOM   432  C CE  . LYS A 1 51  ? 4.242   -6.025  -0.252  1.00 46.70 ? 373 LYS A CE  1 
ATOM   433  N NZ  . LYS A 1 51  ? 4.410   -7.057  0.798   1.00 46.64 ? 373 LYS A NZ  1 
ATOM   434  N N   . LYS A 1 52  ? 6.531   -5.748  -6.875  1.00 48.22 ? 374 LYS A N   1 
ATOM   435  C CA  . LYS A 1 52  ? 7.487   -6.079  -7.926  1.00 48.93 ? 374 LYS A CA  1 
ATOM   436  C C   . LYS A 1 52  ? 7.330   -5.232  -9.202  1.00 49.61 ? 374 LYS A C   1 
ATOM   437  O O   . LYS A 1 52  ? 8.053   -5.453  -10.169 1.00 50.11 ? 374 LYS A O   1 
ATOM   438  C CB  . LYS A 1 52  ? 7.366   -7.571  -8.274  1.00 48.79 ? 374 LYS A CB  1 
ATOM   439  C CG  . LYS A 1 52  ? 7.293   -8.483  -7.057  1.00 48.57 ? 374 LYS A CG  1 
ATOM   440  C CD  . LYS A 1 52  ? 7.418   -9.953  -7.432  1.00 49.38 ? 374 LYS A CD  1 
ATOM   441  C CE  . LYS A 1 52  ? 7.015   -10.895 -6.295  1.00 50.56 ? 374 LYS A CE  1 
ATOM   442  N NZ  . LYS A 1 52  ? 6.819   -10.218 -4.959  1.00 54.26 ? 374 LYS A NZ  1 
ATOM   443  N N   . GLN A 1 53  ? 6.413   -4.259  -9.209  1.00 50.34 ? 375 GLN A N   1 
ATOM   444  C CA  . GLN A 1 53  ? 6.075   -3.503  -10.436 1.00 50.61 ? 375 GLN A CA  1 
ATOM   445  C C   . GLN A 1 53  ? 7.042   -2.376  -10.746 1.00 50.73 ? 375 GLN A C   1 
ATOM   446  O O   . GLN A 1 53  ? 7.473   -1.685  -9.830  1.00 50.65 ? 375 GLN A O   1 
ATOM   447  C CB  . GLN A 1 53  ? 4.685   -2.865  -10.314 1.00 51.02 ? 375 GLN A CB  1 
ATOM   448  C CG  . GLN A 1 53  ? 3.535   -3.843  -10.331 1.00 52.30 ? 375 GLN A CG  1 
ATOM   449  C CD  . GLN A 1 53  ? 3.528   -4.670  -11.578 1.00 54.54 ? 375 GLN A CD  1 
ATOM   450  O OE1 . GLN A 1 53  ? 3.743   -5.888  -11.532 1.00 57.75 ? 375 GLN A OE1 1 
ATOM   451  N NE2 . GLN A 1 53  ? 3.333   -4.013  -12.718 1.00 56.77 ? 375 GLN A NE2 1 
ATOM   452  N N   . PRO A 1 54  ? 7.335   -2.143  -12.046 1.00 50.74 ? 376 PRO A N   1 
ATOM   453  C CA  . PRO A 1 54  ? 8.097   -0.957  -12.416 1.00 51.08 ? 376 PRO A CA  1 
ATOM   454  C C   . PRO A 1 54  ? 7.394   0.306   -11.918 1.00 51.43 ? 376 PRO A C   1 
ATOM   455  O O   . PRO A 1 54  ? 6.170   0.367   -11.935 1.00 51.26 ? 376 PRO A O   1 
ATOM   456  C CB  . PRO A 1 54  ? 8.097   -0.996  -13.947 1.00 51.04 ? 376 PRO A CB  1 
ATOM   457  C CG  . PRO A 1 54  ? 7.829   -2.406  -14.308 1.00 51.13 ? 376 PRO A CG  1 
ATOM   458  C CD  . PRO A 1 54  ? 6.954   -2.943  -13.223 1.00 50.76 ? 376 PRO A CD  1 
ATOM   459  N N   . LEU A 1 55  ? 8.164   1.294   -11.477 1.00 52.09 ? 377 LEU A N   1 
ATOM   460  C CA  . LEU A 1 55  ? 7.614   2.533   -10.910 1.00 53.05 ? 377 LEU A CA  1 
ATOM   461  C C   . LEU A 1 55  ? 6.462   3.134   -11.723 1.00 53.36 ? 377 LEU A C   1 
ATOM   462  O O   . LEU A 1 55  ? 5.449   3.555   -11.181 1.00 53.58 ? 377 LEU A O   1 
ATOM   463  C CB  . LEU A 1 55  ? 8.716   3.593   -10.795 1.00 53.23 ? 377 LEU A CB  1 
ATOM   464  C CG  . LEU A 1 55  ? 8.724   4.555   -9.596  1.00 55.06 ? 377 LEU A CG  1 
ATOM   465  C CD1 . LEU A 1 55  ? 9.342   5.899   -10.017 1.00 55.66 ? 377 LEU A CD1 1 
ATOM   466  C CD2 . LEU A 1 55  ? 7.357   4.784   -8.974  1.00 56.09 ? 377 LEU A CD2 1 
ATOM   467  N N   . GLN A 1 56  ? 6.629   3.172   -13.033 1.00 53.97 ? 378 GLN A N   1 
ATOM   468  C CA  . GLN A 1 56  ? 5.657   3.820   -13.905 1.00 54.58 ? 378 GLN A CA  1 
ATOM   469  C C   . GLN A 1 56  ? 4.294   3.120   -13.922 1.00 54.25 ? 378 GLN A C   1 
ATOM   470  O O   . GLN A 1 56  ? 3.318   3.692   -14.402 1.00 54.61 ? 378 GLN A O   1 
ATOM   471  C CB  . GLN A 1 56  ? 6.209   3.907   -15.335 1.00 54.90 ? 378 GLN A CB  1 
ATOM   472  C CG  . GLN A 1 56  ? 6.434   2.548   -16.030 1.00 57.06 ? 378 GLN A CG  1 
ATOM   473  C CD  . GLN A 1 56  ? 7.898   2.063   -16.027 1.00 60.27 ? 378 GLN A CD  1 
ATOM   474  O OE1 . GLN A 1 56  ? 8.718   2.469   -15.184 1.00 61.26 ? 378 GLN A OE1 1 
ATOM   475  N NE2 . GLN A 1 56  ? 8.223   1.181   -16.983 1.00 59.90 ? 378 GLN A NE2 1 
ATOM   476  N N   . ASP A 1 57  ? 4.245   1.874   -13.445 1.00 53.58 ? 379 ASP A N   1 
ATOM   477  C CA  . ASP A 1 57  ? 3.028   1.070   -13.438 1.00 52.93 ? 379 ASP A CA  1 
ATOM   478  C C   . ASP A 1 57  ? 2.313   1.022   -12.082 1.00 51.86 ? 379 ASP A C   1 
ATOM   479  O O   . ASP A 1 57  ? 1.224   0.477   -11.976 1.00 51.52 ? 379 ASP A O   1 
ATOM   480  C CB  . ASP A 1 57  ? 3.374   -0.359  -13.858 1.00 53.42 ? 379 ASP A CB  1 
ATOM   481  C CG  . ASP A 1 57  ? 3.854   -0.448  -15.293 1.00 55.18 ? 379 ASP A CG  1 
ATOM   482  O OD1 . ASP A 1 57  ? 4.533   -1.446  -15.626 1.00 58.60 ? 379 ASP A OD1 1 
ATOM   483  O OD2 . ASP A 1 57  ? 3.547   0.461   -16.098 1.00 57.15 ? 379 ASP A OD2 1 
ATOM   484  N N   . VAL A 1 58  ? 2.917   1.587   -11.049 1.00 50.86 ? 380 VAL A N   1 
ATOM   485  C CA  . VAL A 1 58  ? 2.406   1.436   -9.694  1.00 50.36 ? 380 VAL A CA  1 
ATOM   486  C C   . VAL A 1 58  ? 1.051   2.113   -9.499  1.00 50.06 ? 380 VAL A C   1 
ATOM   487  O O   . VAL A 1 58  ? 0.125   1.497   -8.988  1.00 49.52 ? 380 VAL A O   1 
ATOM   488  C CB  . VAL A 1 58  ? 3.424   1.962   -8.656  1.00 50.21 ? 380 VAL A CB  1 
ATOM   489  C CG1 . VAL A 1 58  ? 2.792   2.088   -7.278  1.00 50.08 ? 380 VAL A CG1 1 
ATOM   490  C CG2 . VAL A 1 58  ? 4.621   1.040   -8.612  1.00 50.54 ? 380 VAL A CG2 1 
ATOM   491  N N   . ALA A 1 59  ? 0.945   3.370   -9.917  1.00 50.08 ? 381 ALA A N   1 
ATOM   492  C CA  . ALA A 1 59  ? -0.255  4.181   -9.681  1.00 49.85 ? 381 ALA A CA  1 
ATOM   493  C C   . ALA A 1 59  ? -1.491  3.515   -10.253 1.00 49.75 ? 381 ALA A C   1 
ATOM   494  O O   . ALA A 1 59  ? -2.530  3.471   -9.606  1.00 49.67 ? 381 ALA A O   1 
ATOM   495  C CB  . ALA A 1 59  ? -0.086  5.562   -10.287 1.00 49.98 ? 381 ALA A CB  1 
ATOM   496  N N   . LYS A 1 60  ? -1.367  3.005   -11.474 1.00 49.46 ? 382 LYS A N   1 
ATOM   497  C CA  . LYS A 1 60  ? -2.458  2.305   -12.126 1.00 49.39 ? 382 LYS A CA  1 
ATOM   498  C C   . LYS A 1 60  ? -2.808  1.017   -11.403 1.00 48.83 ? 382 LYS A C   1 
ATOM   499  O O   . LYS A 1 60  ? -3.980  0.682   -11.251 1.00 48.35 ? 382 LYS A O   1 
ATOM   500  C CB  . LYS A 1 60  ? -2.085  1.967   -13.567 1.00 49.83 ? 382 LYS A CB  1 
ATOM   501  C CG  . LYS A 1 60  ? -3.229  1.378   -14.354 1.00 51.21 ? 382 LYS A CG  1 
ATOM   502  C CD  . LYS A 1 60  ? -2.842  1.082   -15.780 1.00 53.39 ? 382 LYS A CD  1 
ATOM   503  C CE  . LYS A 1 60  ? -4.045  0.552   -16.550 1.00 54.85 ? 382 LYS A CE  1 
ATOM   504  N NZ  . LYS A 1 60  ? -3.715  0.179   -17.962 1.00 57.22 ? 382 LYS A NZ  1 
ATOM   505  N N   . ARG A 1 61  ? -1.786  0.283   -10.981 1.00 48.06 ? 383 ARG A N   1 
ATOM   506  C CA  . ARG A 1 61  ? -2.010  -0.992  -10.342 1.00 47.98 ? 383 ARG A CA  1 
ATOM   507  C C   . ARG A 1 61  ? -2.672  -0.809  -8.981  1.00 47.28 ? 383 ARG A C   1 
ATOM   508  O O   . ARG A 1 61  ? -3.536  -1.589  -8.603  1.00 47.87 ? 383 ARG A O   1 
ATOM   509  C CB  . ARG A 1 61  ? -0.704  -1.788  -10.230 1.00 48.05 ? 383 ARG A CB  1 
ATOM   510  C CG  . ARG A 1 61  ? -0.898  -3.246  -9.822  1.00 49.05 ? 383 ARG A CG  1 
ATOM   511  C CD  . ARG A 1 61  ? -1.663  -4.056  -10.868 1.00 50.50 ? 383 ARG A CD  1 
ATOM   512  N NE  . ARG A 1 61  ? -2.341  -5.209  -10.267 1.00 53.00 ? 383 ARG A NE  1 
ATOM   513  N N   . VAL A 1 62  ? -2.262  0.214   -8.251  1.00 46.91 ? 384 VAL A N   1 
ATOM   514  C CA  . VAL A 1 62  ? -2.905  0.563   -6.986  1.00 46.91 ? 384 VAL A CA  1 
ATOM   515  C C   . VAL A 1 62  ? -4.406  0.831   -7.176  1.00 47.11 ? 384 VAL A C   1 
ATOM   516  O O   . VAL A 1 62  ? -5.236  0.285   -6.446  1.00 47.16 ? 384 VAL A O   1 
ATOM   517  C CB  . VAL A 1 62  ? -2.213  1.774   -6.341  1.00 47.11 ? 384 VAL A CB  1 
ATOM   518  C CG1 . VAL A 1 62  ? -3.072  2.399   -5.211  1.00 46.97 ? 384 VAL A CG1 1 
ATOM   519  C CG2 . VAL A 1 62  ? -0.852  1.361   -5.823  1.00 46.94 ? 384 VAL A CG2 1 
ATOM   520  N N   . GLU A 1 63  ? -4.752  1.636   -8.176  1.00 47.51 ? 385 GLU A N   1 
ATOM   521  C CA  . GLU A 1 63  ? -6.148  1.918   -8.465  1.00 47.75 ? 385 GLU A CA  1 
ATOM   522  C C   . GLU A 1 63  ? -6.915  0.635   -8.839  1.00 47.56 ? 385 GLU A C   1 
ATOM   523  O O   . GLU A 1 63  ? -8.063  0.454   -8.433  1.00 47.50 ? 385 GLU A O   1 
ATOM   524  C CB  . GLU A 1 63  ? -6.255  2.975   -9.572  1.00 48.19 ? 385 GLU A CB  1 
ATOM   525  C CG  . GLU A 1 63  ? -7.692  3.328   -10.024 1.00 49.88 ? 385 GLU A CG  1 
ATOM   526  C CD  . GLU A 1 63  ? -8.569  3.928   -8.921  1.00 51.43 ? 385 GLU A CD  1 
ATOM   527  O OE1 . GLU A 1 63  ? -8.045  4.356   -7.865  1.00 52.05 ? 385 GLU A OE1 1 
ATOM   528  O OE2 . GLU A 1 63  ? -9.799  3.970   -9.126  1.00 53.30 ? 385 GLU A OE2 1 
ATOM   529  N N   . GLU A 1 64  ? -6.285  -0.251  -9.606  1.00 47.23 ? 386 GLU A N   1 
ATOM   530  C CA  . GLU A 1 64  ? -6.906  -1.534  -9.969  1.00 47.00 ? 386 GLU A CA  1 
ATOM   531  C C   . GLU A 1 64  ? -7.150  -2.437  -8.751  1.00 46.24 ? 386 GLU A C   1 
ATOM   532  O O   . GLU A 1 64  ? -8.187  -3.102  -8.653  1.00 46.15 ? 386 GLU A O   1 
ATOM   533  C CB  . GLU A 1 64  ? -6.040  -2.268  -10.990 1.00 47.06 ? 386 GLU A CB  1 
ATOM   534  C CG  . GLU A 1 64  ? -6.018  -1.596  -12.367 1.00 47.76 ? 386 GLU A CG  1 
ATOM   535  C CD  . GLU A 1 64  ? -5.022  -2.221  -13.323 1.00 48.23 ? 386 GLU A CD  1 
ATOM   536  O OE1 . GLU A 1 64  ? -4.157  -3.000  -12.875 1.00 52.07 ? 386 GLU A OE1 1 
ATOM   537  O OE2 . GLU A 1 64  ? -5.103  -1.933  -14.534 1.00 51.60 ? 386 GLU A OE2 1 
ATOM   538  N N   . ILE A 1 65  ? -6.193  -2.473  -7.835  1.00 45.49 ? 387 ILE A N   1 
ATOM   539  C CA  . ILE A 1 65  ? -6.341  -3.270  -6.623  1.00 45.14 ? 387 ILE A CA  1 
ATOM   540  C C   . ILE A 1 65  ? -7.473  -2.715  -5.763  1.00 45.04 ? 387 ILE A C   1 
ATOM   541  O O   . ILE A 1 65  ? -8.334  -3.462  -5.300  1.00 44.55 ? 387 ILE A O   1 
ATOM   542  C CB  . ILE A 1 65  ? -5.015  -3.352  -5.836  1.00 45.23 ? 387 ILE A CB  1 
ATOM   543  C CG1 . ILE A 1 65  ? -3.995  -4.182  -6.637  1.00 45.40 ? 387 ILE A CG1 1 
ATOM   544  C CG2 . ILE A 1 65  ? -5.245  -3.970  -4.443  1.00 45.24 ? 387 ILE A CG2 1 
ATOM   545  C CD1 . ILE A 1 65  ? -2.576  -4.092  -6.131  1.00 44.39 ? 387 ILE A CD1 1 
ATOM   546  N N   . TRP A 1 66  ? -7.472  -1.398  -5.562  1.00 45.32 ? 388 TRP A N   1 
ATOM   547  C CA  . TRP A 1 66  ? -8.556  -0.718  -4.848  1.00 45.12 ? 388 TRP A CA  1 
ATOM   548  C C   . TRP A 1 66  ? -9.916  -1.035  -5.466  1.00 44.94 ? 388 TRP A C   1 
ATOM   549  O O   . TRP A 1 66  ? -10.822 -1.456  -4.769  1.00 44.12 ? 388 TRP A O   1 
ATOM   550  C CB  . TRP A 1 66  ? -8.335  0.797   -4.848  1.00 45.29 ? 388 TRP A CB  1 
ATOM   551  C CG  . TRP A 1 66  ? -9.433  1.555   -4.167  1.00 45.06 ? 388 TRP A CG  1 
ATOM   552  C CD1 . TRP A 1 66  ? -10.458 2.208   -4.762  1.00 44.73 ? 388 TRP A CD1 1 
ATOM   553  C CD2 . TRP A 1 66  ? -9.615  1.718   -2.755  1.00 44.38 ? 388 TRP A CD2 1 
ATOM   554  N NE1 . TRP A 1 66  ? -11.275 2.761   -3.814  1.00 45.31 ? 388 TRP A NE1 1 
ATOM   555  C CE2 . TRP A 1 66  ? -10.771 2.485   -2.571  1.00 44.94 ? 388 TRP A CE2 1 
ATOM   556  C CE3 . TRP A 1 66  ? -8.903  1.292   -1.628  1.00 45.33 ? 388 TRP A CE3 1 
ATOM   557  C CZ2 . TRP A 1 66  ? -11.247 2.838   -1.302  1.00 45.96 ? 388 TRP A CZ2 1 
ATOM   558  C CZ3 . TRP A 1 66  ? -9.376  1.649   -0.358  1.00 45.09 ? 388 TRP A CZ3 1 
ATOM   559  C CH2 . TRP A 1 66  ? -10.530 2.407   -0.210  1.00 45.04 ? 388 TRP A CH2 1 
ATOM   560  N N   . GLN A 1 67  ? -10.047 -0.823  -6.774  1.00 45.43 ? 389 GLN A N   1 
ATOM   561  C CA  . GLN A 1 67  ? -11.301 -1.074  -7.472  1.00 45.80 ? 389 GLN A CA  1 
ATOM   562  C C   . GLN A 1 67  ? -11.734 -2.541  -7.363  1.00 46.03 ? 389 GLN A C   1 
ATOM   563  O O   . GLN A 1 67  ? -12.912 -2.813  -7.175  1.00 46.26 ? 389 GLN A O   1 
ATOM   564  C CB  . GLN A 1 67  ? -11.211 -0.665  -8.946  1.00 46.09 ? 389 GLN A CB  1 
ATOM   565  C CG  . GLN A 1 67  ? -11.128 0.843   -9.191  1.00 46.97 ? 389 GLN A CG  1 
ATOM   566  C CD  . GLN A 1 67  ? -12.341 1.597   -8.675  1.00 47.60 ? 389 GLN A CD  1 
ATOM   567  O OE1 . GLN A 1 67  ? -13.459 1.087   -8.707  1.00 48.65 ? 389 GLN A OE1 1 
ATOM   568  N NE2 . GLN A 1 67  ? -12.124 2.817   -8.197  1.00 48.19 ? 389 GLN A NE2 1 
ATOM   569  N N   . GLU A 1 68  ? -10.789 -3.475  -7.458  1.00 46.04 ? 390 GLU A N   1 
ATOM   570  C CA  . GLU A 1 68  ? -11.114 -4.913  -7.403  1.00 45.91 ? 390 GLU A CA  1 
ATOM   571  C C   . GLU A 1 68  ? -11.535 -5.393  -6.013  1.00 45.83 ? 390 GLU A C   1 
ATOM   572  O O   . GLU A 1 68  ? -12.381 -6.268  -5.899  1.00 45.46 ? 390 GLU A O   1 
ATOM   573  C CB  . GLU A 1 68  ? -9.914  -5.751  -7.875  1.00 45.82 ? 390 GLU A CB  1 
ATOM   574  C CG  . GLU A 1 68  ? -10.098 -7.281  -7.800  1.00 46.18 ? 390 GLU A CG  1 
ATOM   575  C CD  . GLU A 1 68  ? -11.191 -7.809  -8.724  1.00 47.85 ? 390 GLU A CD  1 
ATOM   576  O OE1 . GLU A 1 68  ? -11.477 -7.162  -9.752  1.00 48.42 ? 390 GLU A OE1 1 
ATOM   577  O OE2 . GLU A 1 68  ? -11.758 -8.888  -8.438  1.00 49.47 ? 390 GLU A OE2 1 
ATOM   578  N N   . PHE A 1 69  ? -10.936 -4.836  -4.966  1.00 45.88 ? 391 PHE A N   1 
ATOM   579  C CA  . PHE A 1 69  ? -11.038 -5.430  -3.615  1.00 45.86 ? 391 PHE A CA  1 
ATOM   580  C C   . PHE A 1 69  ? -11.627 -4.528  -2.531  1.00 46.10 ? 391 PHE A C   1 
ATOM   581  O O   . PHE A 1 69  ? -12.032 -5.024  -1.483  1.00 46.06 ? 391 PHE A O   1 
ATOM   582  C CB  . PHE A 1 69  ? -9.652  -5.907  -3.147  1.00 45.53 ? 391 PHE A CB  1 
ATOM   583  C CG  . PHE A 1 69  ? -9.060  -7.020  -3.994  1.00 45.37 ? 391 PHE A CG  1 
ATOM   584  C CD1 . PHE A 1 69  ? -9.527  -8.321  -3.884  1.00 44.43 ? 391 PHE A CD1 1 
ATOM   585  C CD2 . PHE A 1 69  ? -8.035  -6.765  -4.892  1.00 45.17 ? 391 PHE A CD2 1 
ATOM   586  C CE1 . PHE A 1 69  ? -8.989  -9.351  -4.657  1.00 44.30 ? 391 PHE A CE1 1 
ATOM   587  C CE2 . PHE A 1 69  ? -7.492  -7.796  -5.676  1.00 45.92 ? 391 PHE A CE2 1 
ATOM   588  C CZ  . PHE A 1 69  ? -7.972  -9.088  -5.549  1.00 44.77 ? 391 PHE A CZ  1 
ATOM   589  N N   . LEU A 1 70  ? -11.677 -3.217  -2.764  1.00 46.67 ? 392 LEU A N   1 
ATOM   590  C CA  . LEU A 1 70  ? -11.968 -2.266  -1.676  1.00 46.95 ? 392 LEU A CA  1 
ATOM   591  C C   . LEU A 1 70  ? -12.940 -1.140  -1.997  1.00 47.24 ? 392 LEU A C   1 
ATOM   592  O O   . LEU A 1 70  ? -13.529 -0.573  -1.082  1.00 47.09 ? 392 LEU A O   1 
ATOM   593  C CB  . LEU A 1 70  ? -10.662 -1.664  -1.157  1.00 47.00 ? 392 LEU A CB  1 
ATOM   594  C CG  . LEU A 1 70  ? -9.806  -2.633  -0.327  1.00 47.51 ? 392 LEU A CG  1 
ATOM   595  C CD1 . LEU A 1 70  ? -8.362  -2.211  -0.296  1.00 48.62 ? 392 LEU A CD1 1 
ATOM   596  C CD2 . LEU A 1 70  ? -10.350 -2.737  1.084   1.00 47.83 ? 392 LEU A CD2 1 
ATOM   597  N N   . ALA A 1 71  ? -13.103 -0.800  -3.270  1.00 47.85 ? 393 ALA A N   1 
ATOM   598  C CA  . ALA A 1 71  ? -13.977 0.302   -3.640  1.00 48.32 ? 393 ALA A CA  1 
ATOM   599  C C   . ALA A 1 71  ? -15.432 -0.067  -3.387  1.00 49.20 ? 393 ALA A C   1 
ATOM   600  O O   . ALA A 1 71  ? -15.767 -1.252  -3.257  1.00 48.87 ? 393 ALA A O   1 
ATOM   601  C CB  . ALA A 1 71  ? -13.780 0.675   -5.105  1.00 48.32 ? 393 ALA A CB  1 
ATOM   602  N N   . PRO A 1 72  ? -16.310 0.949   -3.317  1.00 50.08 ? 394 PRO A N   1 
ATOM   603  C CA  . PRO A 1 72  ? -17.726 0.635   -3.339  1.00 50.55 ? 394 PRO A CA  1 
ATOM   604  C C   . PRO A 1 72  ? -18.064 -0.125  -4.611  1.00 50.91 ? 394 PRO A C   1 
ATOM   605  O O   . PRO A 1 72  ? -17.642 0.278   -5.700  1.00 51.50 ? 394 PRO A O   1 
ATOM   606  C CB  . PRO A 1 72  ? -18.396 2.018   -3.339  1.00 50.62 ? 394 PRO A CB  1 
ATOM   607  C CG  . PRO A 1 72  ? -17.387 2.933   -2.778  1.00 50.22 ? 394 PRO A CG  1 
ATOM   608  C CD  . PRO A 1 72  ? -16.072 2.401   -3.222  1.00 50.22 ? 394 PRO A CD  1 
ATOM   609  N N   . GLY A 1 73  ? -18.797 -1.221  -4.473  1.00 51.12 ? 395 GLY A N   1 
ATOM   610  C CA  . GLY A 1 73  ? -19.176 -2.033  -5.622  1.00 51.27 ? 395 GLY A CA  1 
ATOM   611  C C   . GLY A 1 73  ? -18.043 -2.882  -6.174  1.00 51.20 ? 395 GLY A C   1 
ATOM   612  O O   . GLY A 1 73  ? -18.131 -3.355  -7.315  1.00 51.27 ? 395 GLY A O   1 
ATOM   613  N N   . ALA A 1 74  ? -16.993 -3.079  -5.364  1.00 50.98 ? 396 ALA A N   1 
ATOM   614  C CA  . ALA A 1 74  ? -15.868 -3.956  -5.703  1.00 50.46 ? 396 ALA A CA  1 
ATOM   615  C C   . ALA A 1 74  ? -16.319 -5.405  -5.893  1.00 50.08 ? 396 ALA A C   1 
ATOM   616  O O   . ALA A 1 74  ? -16.980 -5.971  -5.016  1.00 50.13 ? 396 ALA A O   1 
ATOM   617  C CB  . ALA A 1 74  ? -14.792 -3.900  -4.610  1.00 50.46 ? 396 ALA A CB  1 
ATOM   618  N N   . PRO A 1 75  ? -15.927 -6.023  -7.019  1.00 49.42 ? 397 PRO A N   1 
ATOM   619  C CA  . PRO A 1 75  ? -16.328 -7.392  -7.313  1.00 49.00 ? 397 PRO A CA  1 
ATOM   620  C C   . PRO A 1 75  ? -15.759 -8.447  -6.371  1.00 48.67 ? 397 PRO A C   1 
ATOM   621  O O   . PRO A 1 75  ? -16.313 -9.540  -6.310  1.00 48.64 ? 397 PRO A O   1 
ATOM   622  C CB  . PRO A 1 75  ? -15.780 -7.615  -8.722  1.00 49.22 ? 397 PRO A CB  1 
ATOM   623  C CG  . PRO A 1 75  ? -14.636 -6.710  -8.812  1.00 49.16 ? 397 PRO A CG  1 
ATOM   624  C CD  . PRO A 1 75  ? -15.069 -5.482  -8.086  1.00 49.40 ? 397 PRO A CD  1 
ATOM   625  N N   . SER A 1 76  ? -14.667 -8.139  -5.664  1.00 48.20 ? 398 SER A N   1 
ATOM   626  C CA  . SER A 1 76  ? -14.045 -9.096  -4.741  1.00 48.10 ? 398 SER A CA  1 
ATOM   627  C C   . SER A 1 76  ? -13.818 -8.498  -3.360  1.00 47.94 ? 398 SER A C   1 
ATOM   628  O O   . SER A 1 76  ? -12.725 -8.599  -2.806  1.00 48.59 ? 398 SER A O   1 
ATOM   629  C CB  . SER A 1 76  ? -12.717 -9.611  -5.308  1.00 48.10 ? 398 SER A CB  1 
ATOM   630  O OG  . SER A 1 76  ? -12.867 -10.049 -6.644  1.00 48.18 ? 398 SER A OG  1 
ATOM   631  N N   . ALA A 1 77  ? -14.863 -7.910  -2.791  1.00 47.95 ? 399 ALA A N   1 
ATOM   632  C CA  . ALA A 1 77  ? -14.763 -7.191  -1.526  1.00 48.04 ? 399 ALA A CA  1 
ATOM   633  C C   . ALA A 1 77  ? -14.086 -7.983  -0.407  1.00 48.43 ? 399 ALA A C   1 
ATOM   634  O O   . ALA A 1 77  ? -14.524 -9.076  -0.055  1.00 48.39 ? 399 ALA A O   1 
ATOM   635  C CB  . ALA A 1 77  ? -16.136 -6.748  -1.072  1.00 48.15 ? 399 ALA A CB  1 
ATOM   636  N N   . ILE A 1 78  ? -13.025 -7.401  0.149   1.00 48.74 ? 400 ILE A N   1 
ATOM   637  C CA  . ILE A 1 78  ? -12.417 -7.882  1.377   1.00 49.33 ? 400 ILE A CA  1 
ATOM   638  C C   . ILE A 1 78  ? -12.900 -7.064  2.562   1.00 49.90 ? 400 ILE A C   1 
ATOM   639  O O   . ILE A 1 78  ? -13.388 -5.945  2.405   1.00 49.57 ? 400 ILE A O   1 
ATOM   640  C CB  . ILE A 1 78  ? -10.865 -7.827  1.327   1.00 49.61 ? 400 ILE A CB  1 
ATOM   641  C CG1 . ILE A 1 78  ? -10.359 -6.390  1.147   1.00 49.55 ? 400 ILE A CG1 1 
ATOM   642  C CG2 . ILE A 1 78  ? -10.349 -8.738  0.217   1.00 49.46 ? 400 ILE A CG2 1 
ATOM   643  C CD1 . ILE A 1 78  ? -8.914  -6.231  1.464   1.00 50.46 ? 400 ILE A CD1 1 
ATOM   644  N N   . ASN A 1 79  ? -12.769 -7.639  3.749   1.00 50.85 ? 401 ASN A N   1 
ATOM   645  C CA  . ASN A 1 79  ? -13.127 -6.950  4.977   1.00 51.70 ? 401 ASN A CA  1 
ATOM   646  C C   . ASN A 1 79  ? -11.876 -6.589  5.759   1.00 52.02 ? 401 ASN A C   1 
ATOM   647  O O   . ASN A 1 79  ? -11.062 -7.459  6.069   1.00 52.57 ? 401 ASN A O   1 
ATOM   648  C CB  . ASN A 1 79  ? -14.056 -7.810  5.831   1.00 52.10 ? 401 ASN A CB  1 
ATOM   649  C CG  . ASN A 1 79  ? -14.694 -7.024  6.954   1.00 53.14 ? 401 ASN A CG  1 
ATOM   650  O OD1 . ASN A 1 79  ? -14.074 -6.788  7.992   1.00 55.92 ? 401 ASN A OD1 1 
ATOM   651  N ND2 . ASN A 1 79  ? -15.927 -6.594  6.746   1.00 53.67 ? 401 ASN A ND2 1 
ATOM   652  N N   . LEU A 1 80  ? -11.721 -5.301  6.052   1.00 52.29 ? 402 LEU A N   1 
ATOM   653  C CA  . LEU A 1 80  ? -10.607 -4.802  6.843   1.00 52.28 ? 402 LEU A CA  1 
ATOM   654  C C   . LEU A 1 80  ? -11.135 -4.242  8.137   1.00 52.63 ? 402 LEU A C   1 
ATOM   655  O O   . LEU A 1 80  ? -12.285 -3.807  8.198   1.00 52.65 ? 402 LEU A O   1 
ATOM   656  C CB  . LEU A 1 80  ? -9.878  -3.681  6.097   1.00 52.17 ? 402 LEU A CB  1 
ATOM   657  C CG  . LEU A 1 80  ? -9.182  -4.029  4.785   1.00 52.03 ? 402 LEU A CG  1 
ATOM   658  C CD1 . LEU A 1 80  ? -8.529  -2.785  4.178   1.00 52.22 ? 402 LEU A CD1 1 
ATOM   659  C CD2 . LEU A 1 80  ? -8.156  -5.132  4.983   1.00 52.42 ? 402 LEU A CD2 1 
ATOM   660  N N   . ASP A 1 81  ? -10.296 -4.239  9.169   1.00 53.10 ? 403 ASP A N   1 
ATOM   661  C CA  . ASP A 1 81  ? -10.546 -3.401  10.342  1.00 53.61 ? 403 ASP A CA  1 
ATOM   662  C C   . ASP A 1 81  ? -10.616 -1.947  9.866   1.00 53.93 ? 403 ASP A C   1 
ATOM   663  O O   . ASP A 1 81  ? -9.978  -1.584  8.876   1.00 53.90 ? 403 ASP A O   1 
ATOM   664  C CB  . ASP A 1 81  ? -9.444  -3.565  11.398  1.00 53.64 ? 403 ASP A CB  1 
ATOM   665  C CG  . ASP A 1 81  ? -8.055  -3.301  10.843  1.00 54.31 ? 403 ASP A CG  1 
ATOM   666  O OD1 . ASP A 1 81  ? -7.661  -3.987  9.876   1.00 54.07 ? 403 ASP A OD1 1 
ATOM   667  O OD2 . ASP A 1 81  ? -7.353  -2.412  11.375  1.00 55.56 ? 403 ASP A OD2 1 
ATOM   668  N N   . SER A 1 82  ? -11.393 -1.126  10.560  1.00 54.25 ? 404 SER A N   1 
ATOM   669  C CA  . SER A 1 82  ? -11.613 0.254   10.137  1.00 54.93 ? 404 SER A CA  1 
ATOM   670  C C   . SER A 1 82  ? -10.300 1.021   10.006  1.00 55.25 ? 404 SER A C   1 
ATOM   671  O O   . SER A 1 82  ? -10.145 1.840   9.109   1.00 55.45 ? 404 SER A O   1 
ATOM   672  C CB  . SER A 1 82  ? -12.537 0.974   11.116  1.00 55.01 ? 404 SER A CB  1 
ATOM   673  O OG  . SER A 1 82  ? -11.968 0.997   12.410  1.00 56.06 ? 404 SER A OG  1 
ATOM   674  N N   . HIS A 1 83  ? -9.345  0.725   10.884  1.00 55.50 ? 405 HIS A N   1 
ATOM   675  C CA  . HIS A 1 83  ? -8.063  1.415   10.877  1.00 55.50 ? 405 HIS A CA  1 
ATOM   676  C C   . HIS A 1 83  ? -7.283  1.211   9.582   1.00 55.02 ? 405 HIS A C   1 
ATOM   677  O O   . HIS A 1 83  ? -6.827  2.177   8.968   1.00 54.75 ? 405 HIS A O   1 
ATOM   678  C CB  . HIS A 1 83  ? -7.200  0.983   12.067  1.00 55.95 ? 405 HIS A CB  1 
ATOM   679  C CG  . HIS A 1 83  ? -5.833  1.591   12.060  1.00 56.95 ? 405 HIS A CG  1 
ATOM   680  N ND1 . HIS A 1 83  ? -5.589  2.871   12.510  1.00 57.80 ? 405 HIS A ND1 1 
ATOM   681  C CD2 . HIS A 1 83  ? -4.645  1.110   11.623  1.00 58.32 ? 405 HIS A CD2 1 
ATOM   682  C CE1 . HIS A 1 83  ? -4.306  3.149   12.365  1.00 58.95 ? 405 HIS A CE1 1 
ATOM   683  N NE2 . HIS A 1 83  ? -3.711  2.097   11.828  1.00 59.51 ? 405 HIS A NE2 1 
ATOM   684  N N   . SER A 1 84  ? -7.108  -0.040  9.171   1.00 54.49 ? 406 SER A N   1 
ATOM   685  C CA  . SER A 1 84  ? -6.340  -0.293  7.961   1.00 54.05 ? 406 SER A CA  1 
ATOM   686  C C   . SER A 1 84  ? -7.124  0.141   6.727   1.00 53.29 ? 406 SER A C   1 
ATOM   687  O O   . SER A 1 84  ? -6.523  0.532   5.735   1.00 53.09 ? 406 SER A O   1 
ATOM   688  C CB  . SER A 1 84  ? -5.878  -1.746  7.871   1.00 53.93 ? 406 SER A CB  1 
ATOM   689  O OG  . SER A 1 84  ? -6.976  -2.610  7.892   1.00 55.06 ? 406 SER A OG  1 
ATOM   690  N N   . TYR A 1 85  ? -8.453  0.113   6.794   1.00 52.82 ? 407 TYR A N   1 
ATOM   691  C CA  . TYR A 1 85  ? -9.265  0.644   5.694   1.00 52.64 ? 407 TYR A CA  1 
ATOM   692  C C   . TYR A 1 85  ? -9.040  2.142   5.493   1.00 52.57 ? 407 TYR A C   1 
ATOM   693  O O   . TYR A 1 85  ? -8.853  2.601   4.365   1.00 52.02 ? 407 TYR A O   1 
ATOM   694  C CB  . TYR A 1 85  ? -10.766 0.394   5.893   1.00 52.37 ? 407 TYR A CB  1 
ATOM   695  C CG  . TYR A 1 85  ? -11.590 1.002   4.766   1.00 52.47 ? 407 TYR A CG  1 
ATOM   696  C CD1 . TYR A 1 85  ? -11.796 0.315   3.564   1.00 51.74 ? 407 TYR A CD1 1 
ATOM   697  C CD2 . TYR A 1 85  ? -12.124 2.278   4.884   1.00 52.30 ? 407 TYR A CD2 1 
ATOM   698  C CE1 . TYR A 1 85  ? -12.534 0.886   2.525   1.00 51.44 ? 407 TYR A CE1 1 
ATOM   699  C CE2 . TYR A 1 85  ? -12.856 2.851   3.854   1.00 52.45 ? 407 TYR A CE2 1 
ATOM   700  C CZ  . TYR A 1 85  ? -13.055 2.156   2.677   1.00 52.33 ? 407 TYR A CZ  1 
ATOM   701  O OH  . TYR A 1 85  ? -13.789 2.748   1.670   1.00 52.23 ? 407 TYR A OH  1 
ATOM   702  N N   . GLU A 1 86  ? -9.081  2.898   6.587   1.00 52.37 ? 408 GLU A N   1 
ATOM   703  C CA  . GLU A 1 86  ? -8.923  4.345   6.506   1.00 52.71 ? 408 GLU A CA  1 
ATOM   704  C C   . GLU A 1 86  ? -7.528  4.729   6.047   1.00 52.35 ? 408 GLU A C   1 
ATOM   705  O O   . GLU A 1 86  ? -7.377  5.661   5.259   1.00 51.95 ? 408 GLU A O   1 
ATOM   706  C CB  . GLU A 1 86  ? -9.247  5.017   7.844   1.00 52.87 ? 408 GLU A CB  1 
ATOM   707  C CG  . GLU A 1 86  ? -10.710 4.872   8.276   1.00 54.40 ? 408 GLU A CG  1 
ATOM   708  C CD  . GLU A 1 86  ? -11.711 5.491   7.293   1.00 57.40 ? 408 GLU A CD  1 
ATOM   709  O OE1 . GLU A 1 86  ? -11.328 6.413   6.529   1.00 58.59 ? 408 GLU A OE1 1 
ATOM   710  O OE2 . GLU A 1 86  ? -12.891 5.052   7.290   1.00 58.79 ? 408 GLU A OE2 1 
ATOM   711  N N   . ILE A 1 87  ? -6.517  4.014   6.541   1.00 52.07 ? 409 ILE A N   1 
ATOM   712  C CA  . ILE A 1 87  ? -5.140  4.219   6.101   1.00 52.47 ? 409 ILE A CA  1 
ATOM   713  C C   . ILE A 1 87  ? -4.978  3.891   4.621   1.00 51.48 ? 409 ILE A C   1 
ATOM   714  O O   . ILE A 1 87  ? -4.346  4.642   3.883   1.00 51.20 ? 409 ILE A O   1 
ATOM   715  C CB  . ILE A 1 87  ? -4.134  3.382   6.933   1.00 52.53 ? 409 ILE A CB  1 
ATOM   716  C CG1 . ILE A 1 87  ? -4.059  3.952   8.352   1.00 54.06 ? 409 ILE A CG1 1 
ATOM   717  C CG2 . ILE A 1 87  ? -2.757  3.411   6.298   1.00 53.56 ? 409 ILE A CG2 1 
ATOM   718  C CD1 . ILE A 1 87  ? -2.918  3.405   9.201   1.00 54.32 ? 409 ILE A CD1 1 
ATOM   719  N N   . THR A 1 88  ? -5.548  2.765   4.201   1.00 50.62 ? 410 THR A N   1 
ATOM   720  C CA  . THR A 1 88  ? -5.474  2.353   2.807   1.00 50.10 ? 410 THR A CA  1 
ATOM   721  C C   . THR A 1 88  ? -6.142  3.378   1.903   1.00 50.06 ? 410 THR A C   1 
ATOM   722  O O   . THR A 1 88  ? -5.596  3.743   0.873   1.00 49.72 ? 410 THR A O   1 
ATOM   723  C CB  . THR A 1 88  ? -6.144  0.992   2.582   1.00 49.80 ? 410 THR A CB  1 
ATOM   724  O OG1 . THR A 1 88  ? -5.584  0.023   3.478   1.00 49.08 ? 410 THR A OG1 1 
ATOM   725  C CG2 . THR A 1 88  ? -5.933  0.539   1.146   1.00 50.11 ? 410 THR A CG2 1 
ATOM   726  N N   . SER A 1 89  ? -7.320  3.833   2.303   1.00 50.01 ? 411 SER A N   1 
ATOM   727  C CA  . SER A 1 89  ? -8.085  4.790   1.526   1.00 50.63 ? 411 SER A CA  1 
ATOM   728  C C   . SER A 1 89  ? -7.341  6.130   1.378   1.00 50.89 ? 411 SER A C   1 
ATOM   729  O O   . SER A 1 89  ? -7.329  6.730   0.310   1.00 50.57 ? 411 SER A O   1 
ATOM   730  C CB  . SER A 1 89  ? -9.446  5.007   2.186   1.00 50.40 ? 411 SER A CB  1 
ATOM   731  O OG  . SER A 1 89  ? -10.274 5.802   1.364   1.00 51.95 ? 411 SER A OG  1 
ATOM   732  N N   . GLN A 1 90  ? -6.726  6.588   2.458   1.00 51.26 ? 412 GLN A N   1 
ATOM   733  C CA  . GLN A 1 90  ? -5.906  7.791   2.416   1.00 52.17 ? 412 GLN A CA  1 
ATOM   734  C C   . GLN A 1 90  ? -4.693  7.633   1.486   1.00 51.54 ? 412 GLN A C   1 
ATOM   735  O O   . GLN A 1 90  ? -4.394  8.525   0.700   1.00 50.95 ? 412 GLN A O   1 
ATOM   736  C CB  . GLN A 1 90  ? -5.429  8.147   3.827   1.00 52.47 ? 412 GLN A CB  1 
ATOM   737  C CG  . GLN A 1 90  ? -4.690  9.469   3.900   1.00 53.94 ? 412 GLN A CG  1 
ATOM   738  C CD  . GLN A 1 90  ? -4.238  9.810   5.300   1.00 53.82 ? 412 GLN A CD  1 
ATOM   739  O OE1 . GLN A 1 90  ? -3.330  9.176   5.839   1.00 56.63 ? 412 GLN A OE1 1 
ATOM   740  N NE2 . GLN A 1 90  ? -4.863  10.825  5.895   1.00 56.64 ? 412 GLN A NE2 1 
ATOM   741  N N   . ASN A 1 91  ? -4.001  6.497   1.589   1.00 51.55 ? 413 ASN A N   1 
ATOM   742  C CA  . ASN A 1 91  ? -2.839  6.212   0.746   1.00 51.59 ? 413 ASN A CA  1 
ATOM   743  C C   . ASN A 1 91  ? -3.205  6.247   -0.732  1.00 51.62 ? 413 ASN A C   1 
ATOM   744  O O   . ASN A 1 91  ? -2.494  6.858   -1.547  1.00 51.71 ? 413 ASN A O   1 
ATOM   745  C CB  . ASN A 1 91  ? -2.239  4.846   1.077   1.00 51.54 ? 413 ASN A CB  1 
ATOM   746  C CG  . ASN A 1 91  ? -1.499  4.831   2.388   1.00 51.84 ? 413 ASN A CG  1 
ATOM   747  O OD1 . ASN A 1 91  ? -1.248  5.880   2.988   1.00 52.07 ? 413 ASN A OD1 1 
ATOM   748  N ND2 . ASN A 1 91  ? -1.133  3.631   2.845   1.00 50.90 ? 413 ASN A ND2 1 
ATOM   749  N N   . VAL A 1 92  ? -4.325  5.602   -1.063  1.00 51.23 ? 414 VAL A N   1 
ATOM   750  C CA  . VAL A 1 92  ? -4.805  5.550   -2.432  1.00 51.12 ? 414 VAL A CA  1 
ATOM   751  C C   . VAL A 1 92  ? -5.198  6.945   -2.903  1.00 51.49 ? 414 VAL A C   1 
ATOM   752  O O   . VAL A 1 92  ? -4.856  7.337   -4.016  1.00 51.10 ? 414 VAL A O   1 
ATOM   753  C CB  . VAL A 1 92  ? -6.010  4.581   -2.598  1.00 51.09 ? 414 VAL A CB  1 
ATOM   754  C CG1 . VAL A 1 92  ? -6.580  4.663   -4.012  1.00 50.95 ? 414 VAL A CG1 1 
ATOM   755  C CG2 . VAL A 1 92  ? -5.613  3.152   -2.283  1.00 50.28 ? 414 VAL A CG2 1 
ATOM   756  N N   . LYS A 1 93  ? -5.911  7.693   -2.062  1.00 51.78 ? 415 LYS A N   1 
ATOM   757  C CA  . LYS A 1 93  ? -6.315  9.054   -2.422  1.00 52.59 ? 415 LYS A CA  1 
ATOM   758  C C   . LYS A 1 93  ? -5.111  9.988   -2.568  1.00 52.30 ? 415 LYS A C   1 
ATOM   759  O O   . LYS A 1 93  ? -5.014  10.699  -3.561  1.00 52.07 ? 415 LYS A O   1 
ATOM   760  C CB  . LYS A 1 93  ? -7.314  9.640   -1.415  1.00 52.95 ? 415 LYS A CB  1 
ATOM   761  C CG  . LYS A 1 93  ? -8.787  9.574   -1.852  1.00 56.12 ? 415 LYS A CG  1 
ATOM   762  C CD  . LYS A 1 93  ? -9.546  8.311   -1.394  1.00 58.27 ? 415 LYS A CD  1 
ATOM   763  C CE  . LYS A 1 93  ? -9.758  7.300   -2.526  1.00 59.31 ? 415 LYS A CE  1 
ATOM   764  N NZ  . LYS A 1 93  ? -10.575 6.153   -2.072  1.00 59.10 ? 415 LYS A NZ  1 
ATOM   765  N N   . ASP A 1 94  ? -4.220  9.981   -1.572  1.00 52.34 ? 416 ASP A N   1 
ATOM   766  C CA  . ASP A 1 94  ? -2.962  10.750  -1.584  1.00 52.36 ? 416 ASP A CA  1 
ATOM   767  C C   . ASP A 1 94  ? -2.156  10.528  -2.865  1.00 52.23 ? 416 ASP A C   1 
ATOM   768  O O   . ASP A 1 94  ? -1.658  11.478  -3.470  1.00 51.70 ? 416 ASP A O   1 
ATOM   769  C CB  . ASP A 1 94  ? -2.070  10.322  -0.417  1.00 52.70 ? 416 ASP A CB  1 
ATOM   770  C CG  . ASP A 1 94  ? -2.491  10.920  0.929   1.00 53.83 ? 416 ASP A CG  1 
ATOM   771  O OD1 . ASP A 1 94  ? -3.587  11.501  1.024   1.00 51.72 ? 416 ASP A OD1 1 
ATOM   772  O OD2 . ASP A 1 94  ? -1.690  10.788  1.898   1.00 56.45 ? 416 ASP A OD2 1 
ATOM   773  N N   . GLY A 1 95  ? -1.980  9.257   -3.228  1.00 51.76 ? 417 GLY A N   1 
ATOM   774  C CA  . GLY A 1 95  ? -1.354  8.880   -4.489  1.00 51.60 ? 417 GLY A CA  1 
ATOM   775  C C   . GLY A 1 95  ? 0.090   9.311   -4.648  1.00 51.32 ? 417 GLY A C   1 
ATOM   776  O O   . GLY A 1 95  ? 0.537   9.598   -5.770  1.00 51.82 ? 417 GLY A O   1 
ATOM   777  N N   . GLY A 1 96  ? 0.814   9.346   -3.534  1.00 50.66 ? 418 GLY A N   1 
ATOM   778  C CA  . GLY A 1 96  ? 2.220   9.745   -3.519  1.00 50.57 ? 418 GLY A CA  1 
ATOM   779  C C   . GLY A 1 96  ? 2.484   11.228  -3.312  1.00 49.78 ? 418 GLY A C   1 
ATOM   780  O O   . GLY A 1 96  ? 3.627   11.636  -3.162  1.00 49.96 ? 418 GLY A O   1 
ATOM   781  N N   . ARG A 1 97  ? 1.429   12.032  -3.267  1.00 49.52 ? 419 ARG A N   1 
ATOM   782  C CA  . ARG A 1 97  ? 1.567   13.496  -3.226  1.00 48.90 ? 419 ARG A CA  1 
ATOM   783  C C   . ARG A 1 97  ? 2.156   14.036  -1.916  1.00 48.54 ? 419 ARG A C   1 
ATOM   784  O O   . ARG A 1 97  ? 2.564   15.197  -1.855  1.00 47.98 ? 419 ARG A O   1 
ATOM   785  C CB  . ARG A 1 97  ? 0.225   14.156  -3.495  1.00 49.14 ? 419 ARG A CB  1 
ATOM   786  C CG  . ARG A 1 97  ? -0.261  13.996  -4.916  1.00 50.04 ? 419 ARG A CG  1 
ATOM   787  C CD  . ARG A 1 97  ? -1.625  14.619  -5.066  1.00 52.23 ? 419 ARG A CD  1 
ATOM   788  N NE  . ARG A 1 97  ? -2.238  14.373  -6.373  1.00 54.06 ? 419 ARG A NE  1 
ATOM   789  C CZ  . ARG A 1 97  ? -2.962  13.291  -6.683  1.00 55.16 ? 419 ARG A CZ  1 
ATOM   790  N NH1 . ARG A 1 97  ? -3.490  13.161  -7.898  1.00 54.87 ? 419 ARG A NH1 1 
ATOM   791  N NH2 . ARG A 1 97  ? -3.175  12.335  -5.786  1.00 55.03 ? 419 ARG A NH2 1 
ATOM   792  N N   . TYR A 1 98  ? 2.218   13.191  -0.886  1.00 48.06 ? 420 TYR A N   1 
ATOM   793  C CA  . TYR A 1 98  ? 2.707   13.601  0.436   1.00 48.06 ? 420 TYR A CA  1 
ATOM   794  C C   . TYR A 1 98  ? 3.996   12.876  0.815   1.00 48.07 ? 420 TYR A C   1 
ATOM   795  O O   . TYR A 1 98  ? 4.334   12.744  1.985   1.00 48.31 ? 420 TYR A O   1 
ATOM   796  C CB  . TYR A 1 98  ? 1.575   13.457  1.464   1.00 47.53 ? 420 TYR A CB  1 
ATOM   797  C CG  . TYR A 1 98  ? 0.457   14.403  1.099   1.00 47.03 ? 420 TYR A CG  1 
ATOM   798  C CD1 . TYR A 1 98  ? 0.395   15.675  1.653   1.00 46.92 ? 420 TYR A CD1 1 
ATOM   799  C CD2 . TYR A 1 98  ? -0.478  14.066  0.123   1.00 46.54 ? 420 TYR A CD2 1 
ATOM   800  C CE1 . TYR A 1 98  ? -0.586  16.569  1.281   1.00 46.55 ? 420 TYR A CE1 1 
ATOM   801  C CE2 . TYR A 1 98  ? -1.464  14.951  -0.260  1.00 46.03 ? 420 TYR A CE2 1 
ATOM   802  C CZ  . TYR A 1 98  ? -1.516  16.204  0.325   1.00 46.73 ? 420 TYR A CZ  1 
ATOM   803  O OH  . TYR A 1 98  ? -2.488  17.097  -0.044  1.00 46.19 ? 420 TYR A OH  1 
ATOM   804  N N   . THR A 1 99  ? 4.717   12.445  -0.223  1.00 48.50 ? 421 THR A N   1 
ATOM   805  C CA  . THR A 1 99  ? 6.032   11.843  -0.130  1.00 48.40 ? 421 THR A CA  1 
ATOM   806  C C   . THR A 1 99  ? 7.025   12.698  0.681   1.00 48.65 ? 421 THR A C   1 
ATOM   807  O O   . THR A 1 99  ? 7.871   12.141  1.389   1.00 48.22 ? 421 THR A O   1 
ATOM   808  C CB  . THR A 1 99  ? 6.591   11.602  -1.566  1.00 48.93 ? 421 THR A CB  1 
ATOM   809  O OG1 . THR A 1 99  ? 5.806   10.603  -2.238  1.00 48.62 ? 421 THR A OG1 1 
ATOM   810  C CG2 . THR A 1 99  ? 8.039   11.161  -1.559  1.00 48.78 ? 421 THR A CG2 1 
ATOM   811  N N   . PHE A 1 100 ? 6.905   14.030  0.582   1.00 48.42 ? 422 PHE A N   1 
ATOM   812  C CA  . PHE A 1 100 ? 7.854   14.973  1.214   1.00 48.55 ? 422 PHE A CA  1 
ATOM   813  C C   . PHE A 1 100 ? 7.277   15.706  2.440   1.00 48.98 ? 422 PHE A C   1 
ATOM   814  O O   . PHE A 1 100 ? 7.712   16.813  2.756   1.00 49.06 ? 422 PHE A O   1 
ATOM   815  C CB  . PHE A 1 100 ? 8.321   16.009  0.178   1.00 47.87 ? 422 PHE A CB  1 
ATOM   816  C CG  . PHE A 1 100 ? 9.002   15.406  -1.023  1.00 47.20 ? 422 PHE A CG  1 
ATOM   817  C CD1 . PHE A 1 100 ? 10.315  14.973  -0.943  1.00 46.04 ? 422 PHE A CD1 1 
ATOM   818  C CD2 . PHE A 1 100 ? 8.331   15.272  -2.222  1.00 45.30 ? 422 PHE A CD2 1 
ATOM   819  C CE1 . PHE A 1 100 ? 10.952  14.407  -2.051  1.00 47.67 ? 422 PHE A CE1 1 
ATOM   820  C CE2 . PHE A 1 100 ? 8.958   14.708  -3.339  1.00 47.16 ? 422 PHE A CE2 1 
ATOM   821  C CZ  . PHE A 1 100 ? 10.273  14.283  -3.254  1.00 46.44 ? 422 PHE A CZ  1 
ATOM   822  N N   . GLU A 1 101 ? 6.309   15.092  3.122   1.00 49.92 ? 423 GLU A N   1 
ATOM   823  C CA  . GLU A 1 101 ? 5.581   15.739  4.234   1.00 50.81 ? 423 GLU A CA  1 
ATOM   824  C C   . GLU A 1 101 ? 6.472   16.193  5.383   1.00 50.14 ? 423 GLU A C   1 
ATOM   825  O O   . GLU A 1 101 ? 6.386   17.340  5.835   1.00 50.42 ? 423 GLU A O   1 
ATOM   826  C CB  . GLU A 1 101 ? 4.504   14.793  4.787   1.00 50.98 ? 423 GLU A CB  1 
ATOM   827  C CG  . GLU A 1 101 ? 3.559   15.420  5.819   1.00 52.18 ? 423 GLU A CG  1 
ATOM   828  C CD  . GLU A 1 101 ? 2.359   14.516  6.170   1.00 53.75 ? 423 GLU A CD  1 
ATOM   829  O OE1 . GLU A 1 101 ? 2.373   13.305  5.801   1.00 59.82 ? 423 GLU A OE1 1 
ATOM   830  N N   . ASP A 1 102 ? 7.298   15.283  5.886   1.00 49.80 ? 424 ASP A N   1 
ATOM   831  C CA  . ASP A 1 102 ? 8.195   15.600  7.008   1.00 49.54 ? 424 ASP A CA  1 
ATOM   832  C C   . ASP A 1 102 ? 9.282   16.580  6.566   1.00 48.38 ? 424 ASP A C   1 
ATOM   833  O O   . ASP A 1 102 ? 9.552   17.558  7.244   1.00 48.18 ? 424 ASP A O   1 
ATOM   834  C CB  . ASP A 1 102 ? 8.824   14.331  7.586   1.00 49.89 ? 424 ASP A CB  1 
ATOM   835  C CG  . ASP A 1 102 ? 7.789   13.396  8.184   1.00 51.80 ? 424 ASP A CG  1 
ATOM   836  O OD1 . ASP A 1 102 ? 7.155   13.773  9.201   1.00 53.50 ? 424 ASP A OD1 1 
ATOM   837  O OD2 . ASP A 1 102 ? 7.595   12.299  7.621   1.00 53.66 ? 424 ASP A OD2 1 
ATOM   838  N N   . ALA A 1 103 ? 9.869   16.312  5.410   1.00 47.58 ? 425 ALA A N   1 
ATOM   839  C CA  . ALA A 1 103 ? 10.861  17.196  4.809   1.00 46.65 ? 425 ALA A CA  1 
ATOM   840  C C   . ALA A 1 103 ? 10.332  18.616  4.639   1.00 46.08 ? 425 ALA A C   1 
ATOM   841  O O   . ALA A 1 103 ? 10.987  19.571  5.036   1.00 45.44 ? 425 ALA A O   1 
ATOM   842  C CB  . ALA A 1 103 ? 11.316  16.636  3.479   1.00 46.69 ? 425 ALA A CB  1 
ATOM   843  N N   . GLN A 1 104 ? 9.149   18.756  4.054   1.00 46.13 ? 426 GLN A N   1 
ATOM   844  C CA  . GLN A 1 104 ? 8.577   20.083  3.843   1.00 45.81 ? 426 GLN A CA  1 
ATOM   845  C C   . GLN A 1 104 ? 8.326   20.820  5.162   1.00 45.98 ? 426 GLN A C   1 
ATOM   846  O O   . GLN A 1 104 ? 8.502   22.033  5.241   1.00 45.66 ? 426 GLN A O   1 
ATOM   847  C CB  . GLN A 1 104 ? 7.275   20.003  3.055   1.00 45.71 ? 426 GLN A CB  1 
ATOM   848  C CG  . GLN A 1 104 ? 6.709   21.380  2.673   1.00 45.46 ? 426 GLN A CG  1 
ATOM   849  C CD  . GLN A 1 104 ? 5.401   21.302  1.921   1.00 45.42 ? 426 GLN A CD  1 
ATOM   850  O OE1 . GLN A 1 104 ? 4.631   20.339  2.075   1.00 44.34 ? 426 GLN A OE1 1 
ATOM   851  N NE2 . GLN A 1 104 ? 5.125   22.329  1.106   1.00 43.04 ? 426 GLN A NE2 1 
ATOM   852  N N   . GLU A 1 105 ? 7.884   20.085  6.177   1.00 46.28 ? 427 GLU A N   1 
ATOM   853  C CA  . GLU A 1 105 ? 7.601   20.667  7.489   1.00 46.66 ? 427 GLU A CA  1 
ATOM   854  C C   . GLU A 1 105 ? 8.892   21.165  8.152   1.00 46.13 ? 427 GLU A C   1 
ATOM   855  O O   . GLU A 1 105 ? 8.918   22.237  8.756   1.00 45.36 ? 427 GLU A O   1 
ATOM   856  C CB  . GLU A 1 105 ? 6.875   19.639  8.374   1.00 47.19 ? 427 GLU A CB  1 
ATOM   857  C CG  . GLU A 1 105 ? 6.556   20.097  9.802   1.00 49.96 ? 427 GLU A CG  1 
ATOM   858  C CD  . GLU A 1 105 ? 5.659   21.337  9.868   1.00 53.88 ? 427 GLU A CD  1 
ATOM   859  O OE1 . GLU A 1 105 ? 4.936   21.622  8.873   1.00 55.57 ? 427 GLU A OE1 1 
ATOM   860  O OE2 . GLU A 1 105 ? 5.666   22.022  10.931  1.00 56.86 ? 427 GLU A OE2 1 
ATOM   861  N N   . HIS A 1 106 ? 9.960   20.381  8.031   1.00 46.04 ? 428 HIS A N   1 
ATOM   862  C CA  . HIS A 1 106 ? 11.265  20.780  8.559   1.00 46.02 ? 428 HIS A CA  1 
ATOM   863  C C   . HIS A 1 106 ? 11.724  22.083  7.894   1.00 45.72 ? 428 HIS A C   1 
ATOM   864  O O   . HIS A 1 106 ? 12.119  23.028  8.572   1.00 45.03 ? 428 HIS A O   1 
ATOM   865  C CB  . HIS A 1 106 ? 12.291  19.664  8.341   1.00 46.62 ? 428 HIS A CB  1 
ATOM   866  C CG  . HIS A 1 106 ? 13.651  19.974  8.885   1.00 47.22 ? 428 HIS A CG  1 
ATOM   867  N ND1 . HIS A 1 106 ? 14.673  20.452  8.093   1.00 48.58 ? 428 HIS A ND1 1 
ATOM   868  C CD2 . HIS A 1 106 ? 14.155  19.887  10.140  1.00 48.02 ? 428 HIS A CD2 1 
ATOM   869  C CE1 . HIS A 1 106 ? 15.748  20.643  8.834   1.00 48.01 ? 428 HIS A CE1 1 
ATOM   870  N NE2 . HIS A 1 106 ? 15.464  20.305  10.080  1.00 48.12 ? 428 HIS A NE2 1 
ATOM   871  N N   . ILE A 1 107 ? 11.617  22.141  6.567   1.00 45.19 ? 429 ILE A N   1 
ATOM   872  C CA  . ILE A 1 107 ? 12.036  23.317  5.802   1.00 44.99 ? 429 ILE A CA  1 
ATOM   873  C C   . ILE A 1 107 ? 11.124  24.526  6.046   1.00 44.64 ? 429 ILE A C   1 
ATOM   874  O O   . ILE A 1 107 ? 11.602  25.664  6.124   1.00 44.26 ? 429 ILE A O   1 
ATOM   875  C CB  . ILE A 1 107 ? 12.108  22.991  4.288   1.00 45.09 ? 429 ILE A CB  1 
ATOM   876  C CG1 . ILE A 1 107 ? 13.161  21.898  4.017   1.00 44.71 ? 429 ILE A CG1 1 
ATOM   877  C CG2 . ILE A 1 107 ? 12.381  24.238  3.460   1.00 45.68 ? 429 ILE A CG2 1 
ATOM   878  C CD1 . ILE A 1 107 ? 14.573  22.244  4.429   1.00 44.80 ? 429 ILE A CD1 1 
ATOM   879  N N   . TYR A 1 108 ? 9.819   24.288  6.165   1.00 44.31 ? 430 TYR A N   1 
ATOM   880  C CA  . TYR A 1 108 ? 8.888   25.351  6.557   1.00 44.13 ? 430 TYR A CA  1 
ATOM   881  C C   . TYR A 1 108 ? 9.340   25.974  7.895   1.00 43.96 ? 430 TYR A C   1 
ATOM   882  O O   . TYR A 1 108 ? 9.475   27.195  8.027   1.00 43.73 ? 430 TYR A O   1 
ATOM   883  C CB  . TYR A 1 108 ? 7.450   24.805  6.671   1.00 44.07 ? 430 TYR A CB  1 
ATOM   884  C CG  . TYR A 1 108 ? 6.485   25.779  7.313   1.00 43.60 ? 430 TYR A CG  1 
ATOM   885  C CD1 . TYR A 1 108 ? 5.950   26.846  6.588   1.00 44.21 ? 430 TYR A CD1 1 
ATOM   886  C CD2 . TYR A 1 108 ? 6.123   25.651  8.647   1.00 43.78 ? 430 TYR A CD2 1 
ATOM   887  C CE1 . TYR A 1 108 ? 5.073   27.762  7.182   1.00 44.36 ? 430 TYR A CE1 1 
ATOM   888  C CE2 . TYR A 1 108 ? 5.248   26.554  9.248   1.00 43.93 ? 430 TYR A CE2 1 
ATOM   889  C CZ  . TYR A 1 108 ? 4.725   27.609  8.516   1.00 44.51 ? 430 TYR A CZ  1 
ATOM   890  O OH  . TYR A 1 108 ? 3.858   28.511  9.123   1.00 44.43 ? 430 TYR A OH  1 
ATOM   891  N N   . LYS A 1 109 ? 9.576   25.125  8.885   1.00 43.98 ? 431 LYS A N   1 
ATOM   892  C CA  . LYS A 1 109 ? 9.996   25.605  10.200  1.00 44.83 ? 431 LYS A CA  1 
ATOM   893  C C   . LYS A 1 109 ? 11.348  26.322  10.152  1.00 44.25 ? 431 LYS A C   1 
ATOM   894  O O   . LYS A 1 109 ? 11.554  27.307  10.852  1.00 43.56 ? 431 LYS A O   1 
ATOM   895  C CB  . LYS A 1 109 ? 10.026  24.450  11.196  1.00 44.68 ? 431 LYS A CB  1 
ATOM   896  C CG  . LYS A 1 109 ? 8.633   23.980  11.576  1.00 45.96 ? 431 LYS A CG  1 
ATOM   897  C CD  . LYS A 1 109 ? 8.617   23.114  12.840  1.00 47.05 ? 431 LYS A CD  1 
ATOM   898  C CE  . LYS A 1 109 ? 8.586   21.616  12.535  1.00 49.92 ? 431 LYS A CE  1 
ATOM   899  N NZ  . LYS A 1 109 ? 7.770   20.847  13.550  1.00 51.51 ? 431 LYS A NZ  1 
ATOM   900  N N   . LEU A 1 110 ? 12.251  25.826  9.310   1.00 44.37 ? 432 LEU A N   1 
ATOM   901  C CA  . LEU A 1 110 ? 13.569  26.440  9.131   1.00 44.48 ? 432 LEU A CA  1 
ATOM   902  C C   . LEU A 1 110 ? 13.466  27.854  8.583   1.00 44.28 ? 432 LEU A C   1 
ATOM   903  O O   . LEU A 1 110 ? 14.069  28.770  9.122   1.00 43.81 ? 432 LEU A O   1 
ATOM   904  C CB  . LEU A 1 110 ? 14.426  25.596  8.181   1.00 44.61 ? 432 LEU A CB  1 
ATOM   905  C CG  . LEU A 1 110 ? 15.871  26.054  7.987   1.00 44.71 ? 432 LEU A CG  1 
ATOM   906  C CD1 . LEU A 1 110 ? 16.573  26.172  9.327   1.00 45.50 ? 432 LEU A CD1 1 
ATOM   907  C CD2 . LEU A 1 110 ? 16.590  25.072  7.093   1.00 44.98 ? 432 LEU A CD2 1 
ATOM   908  N N   . MET A 1 111 ? 12.700  28.025  7.507   1.00 44.44 ? 433 MET A N   1 
ATOM   909  C CA  . MET A 1 111 ? 12.467  29.362  6.936   1.00 44.77 ? 433 MET A CA  1 
ATOM   910  C C   . MET A 1 111 ? 11.805  30.309  7.943   1.00 45.01 ? 433 MET A C   1 
ATOM   911  O O   . MET A 1 111 ? 12.185  31.476  8.047   1.00 44.54 ? 433 MET A O   1 
ATOM   912  C CB  . MET A 1 111 ? 11.586  29.263  5.687   1.00 44.93 ? 433 MET A CB  1 
ATOM   913  C CG  . MET A 1 111 ? 12.265  28.610  4.497   1.00 44.51 ? 433 MET A CG  1 
ATOM   914  S SD  . MET A 1 111 ? 11.270  28.778  3.018   1.00 44.35 ? 433 MET A SD  1 
ATOM   915  C CE  . MET A 1 111 ? 9.931   27.624  3.376   1.00 44.55 ? 433 MET A CE  1 
ATOM   916  N N   . LYS A 1 112 ? 10.813  29.796  8.671   1.00 45.79 ? 434 LYS A N   1 
ATOM   917  C CA  . LYS A 1 112 ? 10.072  30.597  9.643   1.00 46.69 ? 434 LYS A CA  1 
ATOM   918  C C   . LYS A 1 112 ? 10.978  31.076  10.773  1.00 46.99 ? 434 LYS A C   1 
ATOM   919  O O   . LYS A 1 112 ? 10.974  32.263  11.119  1.00 46.91 ? 434 LYS A O   1 
ATOM   920  C CB  . LYS A 1 112 ? 8.883   29.814  10.222  1.00 46.71 ? 434 LYS A CB  1 
ATOM   921  C CG  . LYS A 1 112 ? 7.920   30.714  11.011  1.00 47.73 ? 434 LYS A CG  1 
ATOM   922  C CD  . LYS A 1 112 ? 7.004   29.958  11.972  1.00 47.94 ? 434 LYS A CD  1 
ATOM   923  C CE  . LYS A 1 112 ? 5.851   29.290  11.250  1.00 49.84 ? 434 LYS A CE  1 
ATOM   924  N NZ  . LYS A 1 112 ? 4.729   28.896  12.173  1.00 50.07 ? 434 LYS A NZ  1 
ATOM   925  N N   . SER A 1 113 ? 11.757  30.157  11.345  1.00 47.43 ? 435 SER A N   1 
ATOM   926  C CA  . SER A 1 113 ? 12.634  30.498  12.461  1.00 47.83 ? 435 SER A CA  1 
ATOM   927  C C   . SER A 1 113 ? 13.901  31.242  12.024  1.00 48.36 ? 435 SER A C   1 
ATOM   928  O O   . SER A 1 113 ? 14.317  32.177  12.700  1.00 48.20 ? 435 SER A O   1 
ATOM   929  C CB  . SER A 1 113 ? 13.006  29.245  13.262  1.00 47.86 ? 435 SER A CB  1 
ATOM   930  O OG  . SER A 1 113 ? 13.697  28.306  12.458  1.00 47.82 ? 435 SER A OG  1 
ATOM   931  N N   . ASP A 1 114 ? 14.514  30.846  10.904  1.00 48.98 ? 436 ASP A N   1 
ATOM   932  C CA  . ASP A 1 114 ? 15.876  31.321  10.581  1.00 49.64 ? 436 ASP A CA  1 
ATOM   933  C C   . ASP A 1 114 ? 15.978  32.399  9.503   1.00 49.27 ? 436 ASP A C   1 
ATOM   934  O O   . ASP A 1 114 ? 16.990  33.094  9.443   1.00 49.85 ? 436 ASP A O   1 
ATOM   935  C CB  . ASP A 1 114 ? 16.790  30.145  10.204  1.00 50.23 ? 436 ASP A CB  1 
ATOM   936  C CG  . ASP A 1 114 ? 17.144  29.250  11.403  1.00 52.74 ? 436 ASP A CG  1 
ATOM   937  O OD1 . ASP A 1 114 ? 16.538  29.389  12.495  1.00 55.18 ? 436 ASP A OD1 1 
ATOM   938  O OD2 . ASP A 1 114 ? 18.045  28.395  11.245  1.00 56.23 ? 436 ASP A OD2 1 
ATOM   939  N N   . SER A 1 115 ? 14.963  32.530  8.654   1.00 48.74 ? 437 SER A N   1 
ATOM   940  C CA  . SER A 1 115 ? 14.999  33.487  7.536   1.00 48.46 ? 437 SER A CA  1 
ATOM   941  C C   . SER A 1 115 ? 13.947  34.593  7.628   1.00 47.67 ? 437 SER A C   1 
ATOM   942  O O   . SER A 1 115 ? 14.203  35.727  7.234   1.00 47.25 ? 437 SER A O   1 
ATOM   943  C CB  . SER A 1 115 ? 14.803  32.752  6.211   1.00 48.43 ? 437 SER A CB  1 
ATOM   944  O OG  . SER A 1 115 ? 15.803  31.775  6.015   1.00 50.26 ? 437 SER A OG  1 
ATOM   945  N N   . TYR A 1 116 ? 12.762  34.250  8.125   1.00 47.60 ? 438 TYR A N   1 
ATOM   946  C CA  . TYR A 1 116 ? 11.624  35.173  8.121   1.00 47.58 ? 438 TYR A CA  1 
ATOM   947  C C   . TYR A 1 116 ? 11.896  36.459  8.905   1.00 46.95 ? 438 TYR A C   1 
ATOM   948  O O   . TYR A 1 116 ? 11.788  37.545  8.341   1.00 46.98 ? 438 TYR A O   1 
ATOM   949  C CB  . TYR A 1 116 ? 10.346  34.473  8.611   1.00 47.85 ? 438 TYR A CB  1 
ATOM   950  C CG  . TYR A 1 116 ? 9.155   35.404  8.763   1.00 48.48 ? 438 TYR A CG  1 
ATOM   951  C CD1 . TYR A 1 116 ? 8.726   36.201  7.702   1.00 48.80 ? 438 TYR A CD1 1 
ATOM   952  C CD2 . TYR A 1 116 ? 8.460   35.487  9.970   1.00 48.76 ? 438 TYR A CD2 1 
ATOM   953  C CE1 . TYR A 1 116 ? 7.631   37.058  7.842   1.00 48.90 ? 438 TYR A CE1 1 
ATOM   954  C CE2 . TYR A 1 116 ? 7.370   36.339  10.118  1.00 48.85 ? 438 TYR A CE2 1 
ATOM   955  C CZ  . TYR A 1 116 ? 6.962   37.120  9.054   1.00 48.57 ? 438 TYR A CZ  1 
ATOM   956  O OH  . TYR A 1 116 ? 5.886   37.962  9.206   1.00 48.77 ? 438 TYR A OH  1 
ATOM   957  N N   . ALA A 1 117 ? 12.264  36.349  10.182  1.00 46.72 ? 439 ALA A N   1 
ATOM   958  C CA  . ALA A 1 117 ? 12.569  37.542  10.997  1.00 46.24 ? 439 ALA A CA  1 
ATOM   959  C C   . ALA A 1 117 ? 13.694  38.391  10.411  1.00 45.98 ? 439 ALA A C   1 
ATOM   960  O O   . ALA A 1 117 ? 13.660  39.619  10.494  1.00 45.80 ? 439 ALA A O   1 
ATOM   961  C CB  . ALA A 1 117 ? 12.904  37.154  12.429  1.00 46.50 ? 439 ALA A CB  1 
ATOM   962  N N   . ARG A 1 118 ? 14.689  37.736  9.820   1.00 45.70 ? 440 ARG A N   1 
ATOM   963  C CA  . ARG A 1 118 ? 15.792  38.443  9.171   1.00 45.60 ? 440 ARG A CA  1 
ATOM   964  C C   . ARG A 1 118 ? 15.317  39.275  7.982   1.00 45.37 ? 440 ARG A C   1 
ATOM   965  O O   . ARG A 1 118 ? 15.761  40.414  7.802   1.00 45.09 ? 440 ARG A O   1 
ATOM   966  C CB  . ARG A 1 118 ? 16.854  37.453  8.689   1.00 45.73 ? 440 ARG A CB  1 
ATOM   967  C CG  . ARG A 1 118 ? 17.708  36.851  9.791   1.00 46.12 ? 440 ARG A CG  1 
ATOM   968  C CD  . ARG A 1 118 ? 18.813  35.979  9.201   1.00 46.13 ? 440 ARG A CD  1 
ATOM   969  N NE  . ARG A 1 118 ? 19.603  36.711  8.214   1.00 45.25 ? 440 ARG A NE  1 
ATOM   970  C CZ  . ARG A 1 118 ? 20.491  37.656  8.508   1.00 45.25 ? 440 ARG A CZ  1 
ATOM   971  N NH1 . ARG A 1 118 ? 20.735  37.998  9.765   1.00 44.82 ? 440 ARG A NH1 1 
ATOM   972  N NH2 . ARG A 1 118 ? 21.154  38.260  7.530   1.00 45.65 ? 440 ARG A NH2 1 
ATOM   973  N N   . PHE A 1 119 ? 14.438  38.693  7.163   1.00 45.15 ? 441 PHE A N   1 
ATOM   974  C CA  . PHE A 1 119 ? 13.813  39.416  6.051   1.00 45.15 ? 441 PHE A CA  1 
ATOM   975  C C   . PHE A 1 119 ? 13.200  40.729  6.533   1.00 45.45 ? 441 PHE A C   1 
ATOM   976  O O   . PHE A 1 119 ? 13.455  41.790  5.968   1.00 45.12 ? 441 PHE A O   1 
ATOM   977  C CB  . PHE A 1 119 ? 12.730  38.563  5.381   1.00 44.95 ? 441 PHE A CB  1 
ATOM   978  C CG  . PHE A 1 119 ? 11.982  39.276  4.288   1.00 44.63 ? 441 PHE A CG  1 
ATOM   979  C CD1 . PHE A 1 119 ? 10.602  39.394  4.334   1.00 44.54 ? 441 PHE A CD1 1 
ATOM   980  C CD2 . PHE A 1 119 ? 12.661  39.839  3.215   1.00 44.52 ? 441 PHE A CD2 1 
ATOM   981  C CE1 . PHE A 1 119 ? 9.910   40.054  3.321   1.00 44.56 ? 441 PHE A CE1 1 
ATOM   982  C CE2 . PHE A 1 119 ? 11.975  40.505  2.204   1.00 44.61 ? 441 PHE A CE2 1 
ATOM   983  C CZ  . PHE A 1 119 ? 10.600  40.609  2.259   1.00 44.31 ? 441 PHE A CZ  1 
ATOM   984  N N   . LEU A 1 120 ? 12.409  40.643  7.593   1.00 46.02 ? 442 LEU A N   1 
ATOM   985  C CA  . LEU A 1 120 ? 11.712  41.801  8.123   1.00 46.96 ? 442 LEU A CA  1 
ATOM   986  C C   . LEU A 1 120 ? 12.676  42.905  8.550   1.00 47.90 ? 442 LEU A C   1 
ATOM   987  O O   . LEU A 1 120 ? 12.369  44.090  8.406   1.00 48.07 ? 442 LEU A O   1 
ATOM   988  C CB  . LEU A 1 120 ? 10.826  41.384  9.292   1.00 46.88 ? 442 LEU A CB  1 
ATOM   989  C CG  . LEU A 1 120 ? 9.727   40.385  8.942   1.00 46.43 ? 442 LEU A CG  1 
ATOM   990  C CD1 . LEU A 1 120 ? 8.885   40.093  10.177  1.00 46.58 ? 442 LEU A CD1 1 
ATOM   991  C CD2 . LEU A 1 120 ? 8.868   40.895  7.781   1.00 46.04 ? 442 LEU A CD2 1 
ATOM   992  N N   . ARG A 1 121 ? 13.849  42.517  9.047   1.00 49.01 ? 443 ARG A N   1 
ATOM   993  C CA  . ARG A 1 121 ? 14.874  43.486  9.431   1.00 50.14 ? 443 ARG A CA  1 
ATOM   994  C C   . ARG A 1 121 ? 15.662  43.987  8.224   1.00 50.49 ? 443 ARG A C   1 
ATOM   995  O O   . ARG A 1 121 ? 16.438  44.917  8.347   1.00 50.80 ? 443 ARG A O   1 
ATOM   996  C CB  . ARG A 1 121 ? 15.839  42.889  10.464  1.00 50.06 ? 443 ARG A CB  1 
ATOM   997  C CG  . ARG A 1 121 ? 15.157  42.212  11.661  1.00 50.96 ? 443 ARG A CG  1 
ATOM   998  C CD  . ARG A 1 121 ? 16.094  42.006  12.876  1.00 51.88 ? 443 ARG A CD  1 
ATOM   999  N NE  . ARG A 1 121 ? 16.088  40.612  13.333  1.00 53.78 ? 443 ARG A NE  1 
ATOM   1000 C CZ  . ARG A 1 121 ? 17.021  39.698  13.044  1.00 54.45 ? 443 ARG A CZ  1 
ATOM   1001 N NH1 . ARG A 1 121 ? 18.099  40.014  12.319  1.00 54.77 ? 443 ARG A NH1 1 
ATOM   1002 N NH2 . ARG A 1 121 ? 16.884  38.454  13.495  1.00 54.09 ? 443 ARG A NH2 1 
ATOM   1003 N N   . SER A 1 122 ? 15.472  43.384  7.057   1.00 51.29 ? 444 SER A N   1 
ATOM   1004 C CA  . SER A 1 122 ? 16.313  43.719  5.909   1.00 51.86 ? 444 SER A CA  1 
ATOM   1005 C C   . SER A 1 122 ? 15.964  45.089  5.360   1.00 52.44 ? 444 SER A C   1 
ATOM   1006 O O   . SER A 1 122 ? 14.823  45.542  5.454   1.00 52.35 ? 444 SER A O   1 
ATOM   1007 C CB  . SER A 1 122 ? 16.195  42.667  4.795   1.00 51.74 ? 444 SER A CB  1 
ATOM   1008 O OG  . SER A 1 122 ? 14.951  42.744  4.126   1.00 51.30 ? 444 SER A OG  1 
ATOM   1009 N N   . ASN A 1 123 ? 16.960  45.746  4.783   1.00 53.33 ? 445 ASN A N   1 
ATOM   1010 C CA  . ASN A 1 123 ? 16.715  46.967  4.030   1.00 54.05 ? 445 ASN A CA  1 
ATOM   1011 C C   . ASN A 1 123 ? 15.825  46.677  2.827   1.00 54.31 ? 445 ASN A C   1 
ATOM   1012 O O   . ASN A 1 123 ? 14.966  47.480  2.487   1.00 54.52 ? 445 ASN A O   1 
ATOM   1013 C CB  . ASN A 1 123 ? 18.032  47.606  3.600   1.00 54.27 ? 445 ASN A CB  1 
ATOM   1014 C CG  . ASN A 1 123 ? 18.823  48.131  4.780   1.00 55.09 ? 445 ASN A CG  1 
ATOM   1015 O OD1 . ASN A 1 123 ? 18.302  48.894  5.595   1.00 56.11 ? 445 ASN A OD1 1 
ATOM   1016 N ND2 . ASN A 1 123 ? 20.081  47.721  4.885   1.00 56.12 ? 445 ASN A ND2 1 
ATOM   1017 N N   . ALA A 1 124 ? 16.012  45.515  2.207   1.00 54.55 ? 446 ALA A N   1 
ATOM   1018 C CA  . ALA A 1 124 ? 15.122  45.069  1.138   1.00 54.80 ? 446 ALA A CA  1 
ATOM   1019 C C   . ALA A 1 124 ? 13.662  45.292  1.530   1.00 54.87 ? 446 ALA A C   1 
ATOM   1020 O O   . ALA A 1 124 ? 12.921  45.958  0.802   1.00 54.96 ? 446 ALA A O   1 
ATOM   1021 C CB  . ALA A 1 124 ? 15.370  43.589  0.803   1.00 54.94 ? 446 ALA A CB  1 
ATOM   1022 N N   . TYR A 1 125 ? 13.271  44.762  2.690   1.00 54.88 ? 447 TYR A N   1 
ATOM   1023 C CA  . TYR A 1 125 ? 11.897  44.891  3.190   1.00 54.97 ? 447 TYR A CA  1 
ATOM   1024 C C   . TYR A 1 125 ? 11.578  46.312  3.661   1.00 55.47 ? 447 TYR A C   1 
ATOM   1025 O O   . TYR A 1 125 ? 10.624  46.927  3.181   1.00 55.19 ? 447 TYR A O   1 
ATOM   1026 C CB  . TYR A 1 125 ? 11.642  43.909  4.340   1.00 54.52 ? 447 TYR A CB  1 
ATOM   1027 C CG  . TYR A 1 125 ? 10.258  44.025  4.944   1.00 53.89 ? 447 TYR A CG  1 
ATOM   1028 C CD1 . TYR A 1 125 ? 9.148   43.497  4.293   1.00 53.53 ? 447 TYR A CD1 1 
ATOM   1029 C CD2 . TYR A 1 125 ? 10.058  44.671  6.161   1.00 53.59 ? 447 TYR A CD2 1 
ATOM   1030 C CE1 . TYR A 1 125 ? 7.875   43.603  4.841   1.00 53.47 ? 447 TYR A CE1 1 
ATOM   1031 C CE2 . TYR A 1 125 ? 8.789   44.783  6.720   1.00 53.37 ? 447 TYR A CE2 1 
ATOM   1032 C CZ  . TYR A 1 125 ? 7.701   44.247  6.056   1.00 53.66 ? 447 TYR A CZ  1 
ATOM   1033 O OH  . TYR A 1 125 ? 6.444   44.354  6.605   1.00 53.28 ? 447 TYR A OH  1 
ATOM   1034 N N   . GLN A 1 126 ? 12.375  46.816  4.600   1.00 56.25 ? 448 GLN A N   1 
ATOM   1035 C CA  . GLN A 1 126 ? 12.119  48.119  5.236   1.00 56.98 ? 448 GLN A CA  1 
ATOM   1036 C C   . GLN A 1 126 ? 12.026  49.264  4.223   1.00 57.68 ? 448 GLN A C   1 
ATOM   1037 O O   . GLN A 1 126 ? 11.240  50.189  4.408   1.00 57.64 ? 448 GLN A O   1 
ATOM   1038 C CB  . GLN A 1 126 ? 13.193  48.433  6.286   1.00 56.97 ? 448 GLN A CB  1 
ATOM   1039 C CG  . GLN A 1 126 ? 13.203  47.486  7.491   1.00 57.19 ? 448 GLN A CG  1 
ATOM   1040 C CD  . GLN A 1 126 ? 11.994  47.651  8.403   1.00 57.33 ? 448 GLN A CD  1 
ATOM   1041 O OE1 . GLN A 1 126 ? 11.543  48.767  8.663   1.00 58.19 ? 448 GLN A OE1 1 
ATOM   1042 N NE2 . GLN A 1 126 ? 11.477  46.535  8.910   1.00 56.93 ? 448 GLN A NE2 1 
ATOM   1043 N N   . ASP A 1 127 ? 12.817  49.189  3.153   1.00 58.79 ? 449 ASP A N   1 
ATOM   1044 C CA  . ASP A 1 127 ? 12.756  50.175  2.063   1.00 59.73 ? 449 ASP A CA  1 
ATOM   1045 C C   . ASP A 1 127 ? 11.380  50.215  1.380   1.00 60.47 ? 449 ASP A C   1 
ATOM   1046 O O   . ASP A 1 127 ? 10.981  51.256  0.854   1.00 60.53 ? 449 ASP A O   1 
ATOM   1047 C CB  . ASP A 1 127 ? 13.847  49.909  1.011   1.00 59.77 ? 449 ASP A CB  1 
ATOM   1048 C CG  . ASP A 1 127 ? 15.262  50.153  1.542   1.00 60.41 ? 449 ASP A CG  1 
ATOM   1049 O OD1 . ASP A 1 127 ? 15.453  51.064  2.381   1.00 60.47 ? 449 ASP A OD1 1 
ATOM   1050 O OD2 . ASP A 1 127 ? 16.191  49.428  1.110   1.00 61.08 ? 449 ASP A OD2 1 
ATOM   1051 N N   . LEU A 1 128 ? 10.664  49.089  1.389   1.00 61.32 ? 450 LEU A N   1 
ATOM   1052 C CA  . LEU A 1 128 ? 9.295   49.037  0.861   1.00 61.98 ? 450 LEU A CA  1 
ATOM   1053 C C   . LEU A 1 128 ? 8.310   49.774  1.770   1.00 62.64 ? 450 LEU A C   1 
ATOM   1054 O O   . LEU A 1 128 ? 7.335   50.355  1.287   1.00 62.68 ? 450 LEU A O   1 
ATOM   1055 C CB  . LEU A 1 128 ? 8.819   47.591  0.689   1.00 61.98 ? 450 LEU A CB  1 
ATOM   1056 C CG  . LEU A 1 128 ? 9.723   46.617  -0.065  1.00 62.09 ? 450 LEU A CG  1 
ATOM   1057 C CD1 . LEU A 1 128 ? 9.080   45.239  -0.111  1.00 62.27 ? 450 LEU A CD1 1 
ATOM   1058 C CD2 . LEU A 1 128 ? 10.031  47.115  -1.466  1.00 62.26 ? 450 LEU A CD2 1 
ATOM   1059 N N   . LEU A 1 129 ? 8.565   49.753  3.079   1.00 63.40 ? 451 LEU A N   1 
ATOM   1060 C CA  . LEU A 1 129 ? 7.623   50.313  4.060   1.00 63.94 ? 451 LEU A CA  1 
ATOM   1061 C C   . LEU A 1 129 ? 7.475   51.840  4.024   1.00 64.46 ? 451 LEU A C   1 
ATOM   1062 O O   . LEU A 1 129 ? 6.713   52.393  4.815   1.00 64.83 ? 451 LEU A O   1 
ATOM   1063 C CB  . LEU A 1 129 ? 7.943   49.836  5.492   1.00 63.97 ? 451 LEU A CB  1 
ATOM   1064 C CG  . LEU A 1 129 ? 7.174   48.602  5.986   1.00 64.07 ? 451 LEU A CG  1 
ATOM   1065 C CD1 . LEU A 1 129 ? 7.501   48.344  7.451   1.00 64.10 ? 451 LEU A CD1 1 
ATOM   1066 C CD2 . LEU A 1 129 ? 5.663   48.753  5.803   1.00 63.99 ? 451 LEU A CD2 1 
ATOM   1067 N N   . LEU A 1 130 ? 8.205   52.512  3.134   1.00 64.84 ? 452 LEU A N   1 
ATOM   1068 C CA  . LEU A 1 130 ? 7.815   53.845  2.656   1.00 65.03 ? 452 LEU A CA  1 
ATOM   1069 C C   . LEU A 1 130 ? 8.473   54.144  1.308   1.00 65.17 ? 452 LEU A C   1 
ATOM   1070 O O   . LEU A 1 130 ? 8.210   53.464  0.312   1.00 65.15 ? 452 LEU A O   1 
ATOM   1071 C CB  . LEU A 1 130 ? 8.160   54.943  3.675   1.00 65.16 ? 452 LEU A CB  1 
ATOM   1072 C CG  . LEU A 1 130 ? 7.161   55.257  4.799   1.00 65.32 ? 452 LEU A CG  1 
ATOM   1073 C CD1 . LEU A 1 130 ? 7.695   56.390  5.661   1.00 65.34 ? 452 LEU A CD1 1 
ATOM   1074 C CD2 . LEU A 1 130 ? 5.766   55.600  4.264   1.00 65.46 ? 452 LEU A CD2 1 
HETATM 1075 O O   . HOH B 2 .   ? -3.122  -0.496  3.893   1.00 37.76 ? 1   HOH A O   1 
HETATM 1076 O O   . HOH B 2 .   ? -9.415  7.673   4.892   1.00 54.80 ? 2   HOH A O   1 
HETATM 1077 O O   . HOH B 2 .   ? -13.760 -2.801  5.187   1.00 51.73 ? 3   HOH A O   1 
HETATM 1078 O O   . HOH B 2 .   ? 1.819   10.400  -0.268  1.00 39.20 ? 4   HOH A O   1 
HETATM 1079 O O   . HOH B 2 .   ? -9.547  -0.708  13.547  1.00 66.50 ? 5   HOH A O   1 
HETATM 1080 O O   . HOH B 2 .   ? -2.668  19.475  0.922   1.00 40.16 ? 6   HOH A O   1 
HETATM 1081 O O   . HOH B 2 .   ? 0.017   8.832   1.548   1.00 52.13 ? 7   HOH A O   1 
HETATM 1082 O O   . HOH B 2 .   ? 1.932   4.513   0.190   1.00 48.31 ? 8   HOH A O   1 
HETATM 1083 O O   . HOH B 2 .   ? 4.362   11.103  4.146   1.00 57.51 ? 9   HOH A O   1 
HETATM 1084 O O   . HOH B 2 .   ? 7.294   12.445  5.017   1.00 46.15 ? 10  HOH A O   1 
HETATM 1085 O O   . HOH B 2 .   ? 4.520   19.210  5.646   1.00 41.82 ? 11  HOH A O   1 
HETATM 1086 O O   . HOH B 2 .   ? -16.376 -0.375  2.324   1.00 54.75 ? 12  HOH A O   1 
HETATM 1087 O O   . HOH B 2 .   ? -19.540 -1.618  -1.878  1.00 58.11 ? 13  HOH A O   1 
HETATM 1088 O O   . HOH B 2 .   ? 7.765   -18.036 -5.615  1.00 40.02 ? 14  HOH A O   1 
HETATM 1089 O O   . HOH B 2 .   ? 9.716   -18.740 4.859   1.00 42.47 ? 15  HOH A O   1 
HETATM 1090 O O   . HOH B 2 .   ? 8.656   -16.897 -1.542  1.00 39.07 ? 16  HOH A O   1 
HETATM 1091 O O   . HOH B 2 .   ? 7.206   -15.310 -4.777  1.00 50.60 ? 17  HOH A O   1 
HETATM 1092 O O   . HOH B 2 .   ? 6.012   -16.076 -2.327  1.00 45.99 ? 18  HOH A O   1 
HETATM 1093 O O   . HOH B 2 .   ? 4.144   -14.557 -3.347  1.00 49.60 ? 19  HOH A O   1 
HETATM 1094 O O   . HOH B 2 .   ? 8.940   -23.444 -1.524  1.00 43.48 ? 20  HOH A O   1 
HETATM 1095 O O   . HOH B 2 .   ? 9.865   -21.239 -2.099  1.00 54.53 ? 21  HOH A O   1 
HETATM 1096 O O   . HOH B 2 .   ? 9.893   -15.120 -7.776  1.00 44.13 ? 22  HOH A O   1 
HETATM 1097 O O   . HOH B 2 .   ? 10.452  -11.443 -8.770  1.00 40.99 ? 23  HOH A O   1 
HETATM 1098 O O   . HOH B 2 .   ? 11.075  -11.151 -6.219  1.00 41.48 ? 24  HOH A O   1 
HETATM 1099 O O   . HOH B 2 .   ? 10.232  -9.525  -10.333 1.00 51.46 ? 25  HOH A O   1 
HETATM 1100 O O   . HOH B 2 .   ? 13.642  23.247  10.877  1.00 50.69 ? 26  HOH A O   1 
HETATM 1101 O O   . HOH B 2 .   ? 13.533  25.392  12.413  1.00 48.06 ? 27  HOH A O   1 
HETATM 1102 O O   . HOH B 2 .   ? 11.285  19.250  11.755  1.00 67.05 ? 28  HOH A O   1 
HETATM 1103 O O   . HOH B 2 .   ? 2.133   -10.614 4.289   1.00 36.94 ? 29  HOH A O   1 
HETATM 1104 O O   . HOH B 2 .   ? -11.329 9.203   8.486   1.00 58.29 ? 30  HOH A O   1 
HETATM 1105 O O   . HOH B 2 .   ? -12.850 -2.517  12.717  1.00 57.87 ? 31  HOH A O   1 
HETATM 1106 O O   . HOH B 2 .   ? -13.128 5.538   1.409   1.00 58.98 ? 32  HOH A O   1 
HETATM 1107 O O   . HOH B 2 .   ? -12.054 -4.545  -10.592 1.00 45.26 ? 33  HOH A O   1 
HETATM 1108 O O   . HOH B 2 .   ? -4.477  -11.733 -7.286  1.00 39.22 ? 34  HOH A O   1 
HETATM 1109 O O   . HOH B 2 .   ? -11.931 -10.390 3.927   1.00 38.52 ? 35  HOH A O   1 
HETATM 1110 O O   . HOH B 2 .   ? 2.214   17.692  3.934   1.00 54.73 ? 36  HOH A O   1 
HETATM 1111 O O   . HOH B 2 .   ? 6.232   -12.647 -3.191  1.00 52.35 ? 37  HOH A O   1 
HETATM 1112 O O   . HOH B 2 .   ? 7.083   -6.857  1.817   1.00 44.02 ? 38  HOH A O   1 
HETATM 1113 O O   . HOH B 2 .   ? 0.766   3.912   -13.468 1.00 44.94 ? 39  HOH A O   1 
HETATM 1114 O O   . HOH B 2 .   ? -0.837  -6.504  -8.583  1.00 48.78 ? 40  HOH A O   1 
HETATM 1115 O O   . HOH B 2 .   ? -16.186 -2.982  -1.339  1.00 49.25 ? 42  HOH A O   1 
HETATM 1116 O O   . HOH B 2 .   ? -0.018  7.868   -1.142  1.00 41.89 ? 43  HOH A O   1 
HETATM 1117 O O   . HOH B 2 .   ? -9.662  -3.683  -11.066 1.00 50.38 ? 44  HOH A O   1 
HETATM 1118 O O   . HOH B 2 .   ? 8.495   -32.149 4.824   1.00 58.76 ? 45  HOH A O   1 
HETATM 1119 O O   . HOH B 2 .   ? -9.388  -16.609 3.538   1.00 39.88 ? 46  HOH A O   1 
HETATM 1120 O O   . HOH B 2 .   ? 1.689   6.381   -2.392  1.00 51.54 ? 47  HOH A O   1 
HETATM 1121 O O   . HOH B 2 .   ? 8.604   -19.285 -3.280  1.00 52.66 ? 48  HOH A O   1 
HETATM 1122 O O   . HOH B 2 .   ? 1.612   -20.998 10.737  1.00 55.54 ? 49  HOH A O   1 
HETATM 1123 O O   . HOH B 2 .   ? 1.660   -12.431 -6.280  1.00 44.04 ? 50  HOH A O   1 
HETATM 1124 O O   . HOH B 2 .   ? 4.393   -18.010 -8.527  1.00 56.39 ? 51  HOH A O   1 
HETATM 1125 O O   . HOH B 2 .   ? -14.909 -1.524  -8.730  1.00 51.11 ? 52  HOH A O   1 
HETATM 1126 O O   . HOH B 2 .   ? -11.934 -8.720  9.113   1.00 48.90 ? 53  HOH A O   1 
HETATM 1127 O O   . HOH B 2 .   ? 10.107  -3.360  -7.417  1.00 50.93 ? 54  HOH A O   1 
HETATM 1128 O O   . HOH B 2 .   ? 10.677  -6.999  -9.844  1.00 46.22 ? 55  HOH A O   1 
HETATM 1129 O O   . HOH B 2 .   ? -2.098  -19.185 -6.252  1.00 55.69 ? 56  HOH A O   1 
HETATM 1130 O O   . HOH B 2 .   ? -14.765 1.511   -0.290  1.00 53.17 ? 57  HOH A O   1 
HETATM 1131 O O   . HOH B 2 .   ? -1.543  -2.712  -14.331 1.00 59.05 ? 58  HOH A O   1 
HETATM 1132 O O   . HOH B 2 .   ? 6.560   -21.587 -5.919  1.00 44.26 ? 59  HOH A O   1 
HETATM 1133 O O   . HOH B 2 .   ? 12.387  -21.349 1.739   1.00 55.70 ? 60  HOH A O   1 
HETATM 1134 O O   . HOH B 2 .   ? 4.106   -9.712  2.838   1.00 49.14 ? 61  HOH A O   1 
HETATM 1135 O O   . HOH B 2 .   ? -3.347  5.071   -7.751  1.00 45.12 ? 62  HOH A O   1 
HETATM 1136 O O   . HOH B 2 .   ? 9.515   -12.709 -4.714  1.00 42.30 ? 63  HOH A O   1 
HETATM 1137 O O   . HOH B 2 .   ? -17.289 0.394   -0.286  1.00 71.13 ? 64  HOH A O   1 
HETATM 1138 O O   . HOH B 2 .   ? -14.729 -3.973  0.510   1.00 52.68 ? 65  HOH A O   1 
HETATM 1139 O O   . HOH B 2 .   ? 8.287   -37.698 -0.279  1.00 60.23 ? 66  HOH A O   1 
HETATM 1140 O O   . HOH B 2 .   ? -0.009  -0.904  -14.046 1.00 61.92 ? 67  HOH A O   1 
HETATM 1141 O O   . HOH B 2 .   ? 7.317   -8.469  -0.357  1.00 50.71 ? 68  HOH A O   1 
HETATM 1142 O O   . HOH B 2 .   ? 7.204   -24.390 0.756   1.00 50.22 ? 69  HOH A O   1 
HETATM 1143 O O   . HOH B 2 .   ? -14.353 5.151   -1.954  1.00 60.44 ? 70  HOH A O   1 
HETATM 1144 O O   . HOH B 2 .   ? -16.002 -4.025  7.828   1.00 72.12 ? 71  HOH A O   1 
HETATM 1145 O O   . HOH B 2 .   ? 7.435   -7.286  -12.676 1.00 66.99 ? 72  HOH A O   1 
HETATM 1146 O O   . HOH B 2 .   ? -4.761  12.948  0.088   1.00 42.46 ? 73  HOH A O   1 
HETATM 1147 O O   . HOH B 2 .   ? -9.520  5.934   -6.029  1.00 59.67 ? 74  HOH A O   1 
HETATM 1148 O O   . HOH B 2 .   ? 9.546   17.390  9.965   1.00 52.62 ? 75  HOH A O   1 
HETATM 1149 O O   . HOH B 2 .   ? 5.624   -18.946 -6.293  1.00 46.04 ? 76  HOH A O   1 
HETATM 1150 O O   . HOH B 2 .   ? -13.636 4.630   -4.501  1.00 58.36 ? 77  HOH A O   1 
HETATM 1151 O O   . HOH B 2 .   ? -7.778  -27.942 -2.178  1.00 55.54 ? 78  HOH A O   1 
HETATM 1152 O O   . HOH B 2 .   ? -13.760 -10.322 -9.989  1.00 61.17 ? 80  HOH A O   1 
HETATM 1153 O O   . HOH B 2 .   ? -8.668  -22.246 -8.348  1.00 56.35 ? 81  HOH A O   1 
HETATM 1154 O O   . HOH B 2 .   ? 5.607   -14.022 7.817   1.00 69.42 ? 83  HOH A O   1 
HETATM 1155 O O   . HOH B 2 .   ? 14.346  -20.024 2.648   1.00 62.50 ? 84  HOH A O   1 
HETATM 1156 O O   . HOH B 2 .   ? -8.049  -4.892  -13.090 1.00 55.12 ? 85  HOH A O   1 
HETATM 1157 O O   . HOH B 2 .   ? -1.740  14.030  4.374   1.00 55.44 ? 86  HOH A O   1 
HETATM 1158 O O   . HOH B 2 .   ? -14.179 -6.299  10.926  1.00 65.97 ? 87  HOH A O   1 
HETATM 1159 O O   . HOH B 2 .   ? 9.577   29.884  14.458  1.00 49.88 ? 88  HOH A O   1 
HETATM 1160 O O   . HOH B 2 .   ? -2.832  6.006   -5.280  1.00 47.91 ? 89  HOH A O   1 
HETATM 1161 O O   . HOH B 2 .   ? 0.460   -23.239 -10.597 1.00 62.85 ? 90  HOH A O   1 
HETATM 1162 O O   . HOH B 2 .   ? -2.703  -6.029  -14.827 1.00 62.61 ? 92  HOH A O   1 
HETATM 1163 O O   . HOH B 2 .   ? 4.921   15.882  -0.409  1.00 29.83 ? 94  HOH A O   1 
HETATM 1164 O O   . HOH B 2 .   ? 4.215   17.536  1.585   1.00 36.28 ? 95  HOH A O   1 
HETATM 1165 O O   . HOH B 2 .   ? -1.911  -10.423 -9.239  1.00 50.56 ? 96  HOH A O   1 
HETATM 1166 O O   A HOH B 2 .   ? -9.857  -10.845 -8.382  0.50 45.67 ? 97  HOH A O   1 
HETATM 1167 O O   B HOH B 2 .   ? -12.233 -14.838 -5.424  0.50 39.21 ? 97  HOH A O   1 
HETATM 1168 O O   . HOH B 2 .   ? 18.313  40.963  8.007   1.00 55.51 ? 98  HOH A O   1 
HETATM 1169 O O   . HOH B 2 .   ? 6.279   8.631   -3.953  1.00 42.49 ? 99  HOH A O   1 
HETATM 1170 O O   . HOH B 2 .   ? 19.601  28.190  9.204   1.00 52.91 ? 100 HOH A O   1 
HETATM 1171 O O   . HOH B 2 .   ? 3.540   -19.437 8.753   1.00 63.88 ? 104 HOH A O   1 
HETATM 1172 O O   . HOH B 2 .   ? 6.835   -26.920 -0.139  1.00 57.66 ? 106 HOH A O   1 
HETATM 1173 O O   . HOH B 2 .   ? 4.078   -11.817 -7.082  1.00 41.28 ? 107 HOH A O   1 
HETATM 1174 O O   . HOH B 2 .   ? -14.388 -17.364 -3.112  1.00 34.34 ? 108 HOH A O   1 
HETATM 1175 O O   . HOH B 2 .   ? -15.779 -19.197 -4.458  1.00 40.44 ? 109 HOH A O   1 
HETATM 1176 O O   . HOH B 2 .   ? 2.654   6.960   -12.599 0.50 44.16 ? 110 HOH A O   1 
HETATM 1177 O O   . HOH B 2 .   ? 3.202   5.085   -10.787 1.00 44.45 ? 111 HOH A O   1 
HETATM 1178 O O   . HOH B 2 .   ? 4.586   21.686  6.077   1.00 48.05 ? 112 HOH A O   1 
HETATM 1179 O O   . HOH B 2 .   ? 14.971  35.062  10.609  1.00 56.90 ? 113 HOH A O   1 
HETATM 1180 O O   . HOH B 2 .   ? 12.624  34.217  11.993  1.00 60.92 ? 114 HOH A O   1 
HETATM 1181 O O   . HOH B 2 .   ? 1.900   27.251  11.602  1.00 63.60 ? 116 HOH A O   1 
HETATM 1182 O O   . HOH B 2 .   ? 1.562   30.151  11.145  1.00 63.14 ? 118 HOH A O   1 
HETATM 1183 O O   . HOH B 2 .   ? -4.334  13.967  -2.291  1.00 52.47 ? 119 HOH A O   1 
HETATM 1184 O O   . HOH B 2 .   ? 0.345   6.607   -14.142 1.00 49.59 ? 120 HOH A O   1 
HETATM 1185 O O   . HOH B 2 .   ? -2.184  6.553   -13.431 1.00 52.99 ? 121 HOH A O   1 
HETATM 1186 O O   . HOH B 2 .   ? 8.216   -13.048 -8.527  1.00 49.30 ? 122 HOH A O   1 
HETATM 1187 O O   . HOH B 2 .   ? 10.742  -3.310  -10.784 1.00 67.05 ? 123 HOH A O   1 
HETATM 1188 O O   . HOH B 2 .   ? -15.220 -24.490 -5.410  1.00 60.97 ? 124 HOH A O   1 
HETATM 1189 O O   . HOH B 2 .   ? 19.589  32.517  9.394   1.00 66.12 ? 125 HOH A O   1 
HETATM 1190 O O   . HOH B 2 .   ? 5.339   8.468   -6.153  1.00 50.32 ? 126 HOH A O   1 
HETATM 1191 O O   . HOH B 2 .   ? -4.162  5.844   -11.937 1.00 65.34 ? 127 HOH A O   1 
HETATM 1192 O O   . HOH B 2 .   ? 20.633  31.253  6.259   1.00 54.15 ? 129 HOH A O   1 
HETATM 1193 O O   . HOH B 2 .   ? 9.605   27.708  13.010  1.00 51.98 ? 130 HOH A O   1 
HETATM 1194 O O   . HOH B 2 .   ? 18.790  29.058  6.800   1.00 52.96 ? 131 HOH A O   1 
HETATM 1195 O O   . HOH B 2 .   ? -4.466  -14.456 -8.058  1.00 58.93 ? 132 HOH A O   1 
HETATM 1196 O O   . HOH B 2 .   ? -17.200 -23.130 -4.401  1.00 61.75 ? 133 HOH A O   1 
HETATM 1197 O O   . HOH B 2 .   ? 0.549   -5.910  -12.066 1.00 66.29 ? 134 HOH A O   1 
HETATM 1198 O O   . HOH B 2 .   ? 4.882   1.111   -18.592 1.00 72.04 ? 135 HOH A O   1 
HETATM 1199 O O   . HOH B 2 .   ? 11.194  -21.141 5.978   1.00 63.63 ? 136 HOH A O   1 
HETATM 1200 O O   . HOH B 2 .   ? 6.838   16.515  10.365  1.00 63.41 ? 137 HOH A O   1 
HETATM 1201 O O   . HOH B 2 .   ? 10.978  1.080   -11.479 1.00 51.90 ? 138 HOH A O   1 
HETATM 1202 O O   . HOH B 2 .   ? -16.127 1.163   5.757   1.00 51.14 ? 139 HOH A O   1 
HETATM 1203 O O   . HOH B 2 .   ? -8.956  -29.063 -5.463  1.00 75.10 ? 140 HOH A O   1 
HETATM 1204 O O   . HOH B 2 .   ? -1.487  -26.020 -9.447  1.00 69.30 ? 141 HOH A O   1 
HETATM 1205 O O   . HOH B 2 .   ? 5.594   -9.695  -11.427 1.00 64.82 ? 142 HOH A O   1 
HETATM 1206 O O   . HOH B 2 .   ? -8.518  8.537   -5.744  1.00 50.76 ? 143 HOH A O   1 
HETATM 1207 O O   . HOH B 2 .   ? -0.260  -16.828 -8.147  1.00 60.48 ? 144 HOH A O   1 
HETATM 1208 O O   . HOH B 2 .   ? -14.228 -2.996  -10.909 1.00 61.31 ? 145 HOH A O   1 
HETATM 1209 O O   . HOH B 2 .   ? 3.242   17.968  8.776   1.00 59.93 ? 146 HOH A O   1 
# 
loop_
_pdbx_poly_seq_scheme.asym_id 
_pdbx_poly_seq_scheme.entity_id 
_pdbx_poly_seq_scheme.seq_id 
_pdbx_poly_seq_scheme.mon_id 
_pdbx_poly_seq_scheme.ndb_seq_num 
_pdbx_poly_seq_scheme.pdb_seq_num 
_pdbx_poly_seq_scheme.auth_seq_num 
_pdbx_poly_seq_scheme.pdb_mon_id 
_pdbx_poly_seq_scheme.auth_mon_id 
_pdbx_poly_seq_scheme.pdb_strand_id 
_pdbx_poly_seq_scheme.pdb_ins_code 
_pdbx_poly_seq_scheme.hetero 
A 1 1   SER 1   323 ?   ?   ?   A . n 
A 1 2   MET 2   324 324 MET MET A . n 
A 1 3   PRO 3   325 325 PRO PRO A . n 
A 1 4   SER 4   326 326 SER SER A . n 
A 1 5   GLN 5   327 327 GLN GLN A . n 
A 1 6   GLN 6   328 328 GLN GLN A . n 
A 1 7   ARG 7   329 329 ARG ARG A . n 
A 1 8   VAL 8   330 330 VAL VAL A . n 
A 1 9   LYS 9   331 331 LYS LYS A . n 
A 1 10  ARG 10  332 332 ARG ARG A . n 
A 1 11  TRP 11  333 333 TRP TRP A . n 
A 1 12  GLY 12  334 334 GLY GLY A . n 
A 1 13  PHE 13  335 335 PHE PHE A . n 
A 1 14  SER 14  336 336 SER SER A . n 
A 1 15  PHE 15  337 337 PHE PHE A . n 
A 1 16  ASP 16  338 338 ASP ASP A . n 
A 1 17  GLU 17  339 339 GLU GLU A . n 
A 1 18  ILE 18  340 340 ILE ILE A . n 
A 1 19  LEU 19  341 341 LEU LEU A . n 
A 1 20  LYS 20  342 342 LYS LYS A . n 
A 1 21  ASP 21  343 343 ASP ASP A . n 
A 1 22  GLN 22  344 344 GLN GLN A . n 
A 1 23  VAL 23  345 345 VAL VAL A . n 
A 1 24  GLY 24  346 346 GLY GLY A . n 
A 1 25  ARG 25  347 347 ARG ARG A . n 
A 1 26  ASP 26  348 348 ASP ASP A . n 
A 1 27  GLN 27  349 349 GLN GLN A . n 
A 1 28  PHE 28  350 350 PHE PHE A . n 
A 1 29  LEU 29  351 351 LEU LEU A . n 
A 1 30  ARG 30  352 352 ARG ARG A . n 
A 1 31  PHE 31  353 353 PHE PHE A . n 
A 1 32  LEU 32  354 354 LEU LEU A . n 
A 1 33  GLU 33  355 355 GLU GLU A . n 
A 1 34  SER 34  356 356 SER SER A . n 
A 1 35  GLU 35  357 357 GLU GLU A . n 
A 1 36  PHE 36  358 358 PHE PHE A . n 
A 1 37  SER 37  359 359 SER SER A . n 
A 1 38  SER 38  360 360 SER SER A . n 
A 1 39  GLU 39  361 361 GLU GLU A . n 
A 1 40  ASN 40  362 362 ASN ASN A . n 
A 1 41  LEU 41  363 363 LEU LEU A . n 
A 1 42  ARG 42  364 364 ARG ARG A . n 
A 1 43  PHE 43  365 365 PHE PHE A . n 
A 1 44  TRP 44  366 366 TRP TRP A . n 
A 1 45  LEU 45  367 367 LEU LEU A . n 
A 1 46  ALA 46  368 368 ALA ALA A . n 
A 1 47  VAL 47  369 369 VAL VAL A . n 
A 1 48  GLN 48  370 370 GLN GLN A . n 
A 1 49  ASP 49  371 371 ASP ASP A . n 
A 1 50  LEU 50  372 372 LEU LEU A . n 
A 1 51  LYS 51  373 373 LYS LYS A . n 
A 1 52  LYS 52  374 374 LYS LYS A . n 
A 1 53  GLN 53  375 375 GLN GLN A . n 
A 1 54  PRO 54  376 376 PRO PRO A . n 
A 1 55  LEU 55  377 377 LEU LEU A . n 
A 1 56  GLN 56  378 378 GLN GLN A . n 
A 1 57  ASP 57  379 379 ASP ASP A . n 
A 1 58  VAL 58  380 380 VAL VAL A . n 
A 1 59  ALA 59  381 381 ALA ALA A . n 
A 1 60  LYS 60  382 382 LYS LYS A . n 
A 1 61  ARG 61  383 383 ARG ARG A . n 
A 1 62  VAL 62  384 384 VAL VAL A . n 
A 1 63  GLU 63  385 385 GLU GLU A . n 
A 1 64  GLU 64  386 386 GLU GLU A . n 
A 1 65  ILE 65  387 387 ILE ILE A . n 
A 1 66  TRP 66  388 388 TRP TRP A . n 
A 1 67  GLN 67  389 389 GLN GLN A . n 
A 1 68  GLU 68  390 390 GLU GLU A . n 
A 1 69  PHE 69  391 391 PHE PHE A . n 
A 1 70  LEU 70  392 392 LEU LEU A . n 
A 1 71  ALA 71  393 393 ALA ALA A . n 
A 1 72  PRO 72  394 394 PRO PRO A . n 
A 1 73  GLY 73  395 395 GLY GLY A . n 
A 1 74  ALA 74  396 396 ALA ALA A . n 
A 1 75  PRO 75  397 397 PRO PRO A . n 
A 1 76  SER 76  398 398 SER SER A . n 
A 1 77  ALA 77  399 399 ALA ALA A . n 
A 1 78  ILE 78  400 400 ILE ILE A . n 
A 1 79  ASN 79  401 401 ASN ASN A . n 
A 1 80  LEU 80  402 402 LEU LEU A . n 
A 1 81  ASP 81  403 403 ASP ASP A . n 
A 1 82  SER 82  404 404 SER SER A . n 
A 1 83  HIS 83  405 405 HIS HIS A . n 
A 1 84  SER 84  406 406 SER SER A . n 
A 1 85  TYR 85  407 407 TYR TYR A . n 
A 1 86  GLU 86  408 408 GLU GLU A . n 
A 1 87  ILE 87  409 409 ILE ILE A . n 
A 1 88  THR 88  410 410 THR THR A . n 
A 1 89  SER 89  411 411 SER SER A . n 
A 1 90  GLN 90  412 412 GLN GLN A . n 
A 1 91  ASN 91  413 413 ASN ASN A . n 
A 1 92  VAL 92  414 414 VAL VAL A . n 
A 1 93  LYS 93  415 415 LYS LYS A . n 
A 1 94  ASP 94  416 416 ASP ASP A . n 
A 1 95  GLY 95  417 417 GLY GLY A . n 
A 1 96  GLY 96  418 418 GLY GLY A . n 
A 1 97  ARG 97  419 419 ARG ARG A . n 
A 1 98  TYR 98  420 420 TYR TYR A . n 
A 1 99  THR 99  421 421 THR THR A . n 
A 1 100 PHE 100 422 422 PHE PHE A . n 
A 1 101 GLU 101 423 423 GLU GLU A . n 
A 1 102 ASP 102 424 424 ASP ASP A . n 
A 1 103 ALA 103 425 425 ALA ALA A . n 
A 1 104 GLN 104 426 426 GLN GLN A . n 
A 1 105 GLU 105 427 427 GLU GLU A . n 
A 1 106 HIS 106 428 428 HIS HIS A . n 
A 1 107 ILE 107 429 429 ILE ILE A . n 
A 1 108 TYR 108 430 430 TYR TYR A . n 
A 1 109 LYS 109 431 431 LYS LYS A . n 
A 1 110 LEU 110 432 432 LEU LEU A . n 
A 1 111 MET 111 433 433 MET MET A . n 
A 1 112 LYS 112 434 434 LYS LYS A . n 
A 1 113 SER 113 435 435 SER SER A . n 
A 1 114 ASP 114 436 436 ASP ASP A . n 
A 1 115 SER 115 437 437 SER SER A . n 
A 1 116 TYR 116 438 438 TYR TYR A . n 
A 1 117 ALA 117 439 439 ALA ALA A . n 
A 1 118 ARG 118 440 440 ARG ARG A . n 
A 1 119 PHE 119 441 441 PHE PHE A . n 
A 1 120 LEU 120 442 442 LEU LEU A . n 
A 1 121 ARG 121 443 443 ARG ARG A . n 
A 1 122 SER 122 444 444 SER SER A . n 
A 1 123 ASN 123 445 445 ASN ASN A . n 
A 1 124 ALA 124 446 446 ALA ALA A . n 
A 1 125 TYR 125 447 447 TYR TYR A . n 
A 1 126 GLN 126 448 448 GLN GLN A . n 
A 1 127 ASP 127 449 449 ASP ASP A . n 
A 1 128 LEU 128 450 450 LEU LEU A . n 
A 1 129 LEU 129 451 451 LEU LEU A . n 
A 1 130 LEU 130 452 452 LEU LEU A . n 
A 1 131 ALA 131 453 ?   ?   ?   A . n 
A 1 132 LYS 132 454 ?   ?   ?   A . n 
A 1 133 LYS 133 455 ?   ?   ?   A . n 
A 1 134 LYS 134 456 ?   ?   ?   A . n 
A 1 135 GLY 135 457 ?   ?   ?   A . n 
A 1 136 LYS 136 458 ?   ?   ?   A . n 
A 1 137 SER 137 459 ?   ?   ?   A . n 
A 1 138 LEU 138 460 ?   ?   ?   A . n 
A 1 139 ALA 139 461 ?   ?   ?   A . n 
A 1 140 GLY 140 462 ?   ?   ?   A . n 
A 1 141 LYS 141 463 ?   ?   ?   A . n 
A 1 142 ARG 142 464 ?   ?   ?   A . n 
A 1 143 LEU 143 465 ?   ?   ?   A . n 
A 1 144 THR 144 466 ?   ?   ?   A . n 
A 1 145 GLY 145 467 ?   ?   ?   A . n 
A 1 146 LEU 146 468 ?   ?   ?   A . n 
A 1 147 MET 147 469 ?   ?   ?   A . n 
A 1 148 GLN 148 470 ?   ?   ?   A . n 
# 
_pdbx_SG_project.id                    1 
_pdbx_SG_project.project_name          ? 
_pdbx_SG_project.full_name_of_center   'Structural Genomics Consortium' 
_pdbx_SG_project.initial_of_center     SGC 
# 
loop_
_pdbx_nonpoly_scheme.asym_id 
_pdbx_nonpoly_scheme.entity_id 
_pdbx_nonpoly_scheme.mon_id 
_pdbx_nonpoly_scheme.ndb_seq_num 
_pdbx_nonpoly_scheme.pdb_seq_num 
_pdbx_nonpoly_scheme.auth_seq_num 
_pdbx_nonpoly_scheme.pdb_mon_id 
_pdbx_nonpoly_scheme.auth_mon_id 
_pdbx_nonpoly_scheme.pdb_strand_id 
_pdbx_nonpoly_scheme.pdb_ins_code 
B 2 HOH 1   1   1   HOH HOH A . 
B 2 HOH 2   2   2   HOH HOH A . 
B 2 HOH 3   3   3   HOH HOH A . 
B 2 HOH 4   4   4   HOH HOH A . 
B 2 HOH 5   5   5   HOH HOH A . 
B 2 HOH 6   6   6   HOH HOH A . 
B 2 HOH 7   7   7   HOH HOH A . 
B 2 HOH 8   8   8   HOH HOH A . 
B 2 HOH 9   9   9   HOH HOH A . 
B 2 HOH 10  10  10  HOH HOH A . 
B 2 HOH 11  11  11  HOH HOH A . 
B 2 HOH 12  12  12  HOH HOH A . 
B 2 HOH 13  13  13  HOH HOH A . 
B 2 HOH 14  14  14  HOH HOH A . 
B 2 HOH 15  15  15  HOH HOH A . 
B 2 HOH 16  16  16  HOH HOH A . 
B 2 HOH 17  17  17  HOH HOH A . 
B 2 HOH 18  18  18  HOH HOH A . 
B 2 HOH 19  19  19  HOH HOH A . 
B 2 HOH 20  20  20  HOH HOH A . 
B 2 HOH 21  21  21  HOH HOH A . 
B 2 HOH 22  22  22  HOH HOH A . 
B 2 HOH 23  23  23  HOH HOH A . 
B 2 HOH 24  24  24  HOH HOH A . 
B 2 HOH 25  25  25  HOH HOH A . 
B 2 HOH 26  26  26  HOH HOH A . 
B 2 HOH 27  27  27  HOH HOH A . 
B 2 HOH 28  28  28  HOH HOH A . 
B 2 HOH 29  29  29  HOH HOH A . 
B 2 HOH 30  30  30  HOH HOH A . 
B 2 HOH 31  31  31  HOH HOH A . 
B 2 HOH 32  32  32  HOH HOH A . 
B 2 HOH 33  33  33  HOH HOH A . 
B 2 HOH 34  34  34  HOH HOH A . 
B 2 HOH 35  35  35  HOH HOH A . 
B 2 HOH 36  36  36  HOH HOH A . 
B 2 HOH 37  37  37  HOH HOH A . 
B 2 HOH 38  38  38  HOH HOH A . 
B 2 HOH 39  39  39  HOH HOH A . 
B 2 HOH 40  40  40  HOH HOH A . 
B 2 HOH 41  42  42  HOH HOH A . 
B 2 HOH 42  43  43  HOH HOH A . 
B 2 HOH 43  44  44  HOH HOH A . 
B 2 HOH 44  45  45  HOH HOH A . 
B 2 HOH 45  46  46  HOH HOH A . 
B 2 HOH 46  47  47  HOH HOH A . 
B 2 HOH 47  48  48  HOH HOH A . 
B 2 HOH 48  49  49  HOH HOH A . 
B 2 HOH 49  50  50  HOH HOH A . 
B 2 HOH 50  51  51  HOH HOH A . 
B 2 HOH 51  52  52  HOH HOH A . 
B 2 HOH 52  53  53  HOH HOH A . 
B 2 HOH 53  54  54  HOH HOH A . 
B 2 HOH 54  55  55  HOH HOH A . 
B 2 HOH 55  56  56  HOH HOH A . 
B 2 HOH 56  57  57  HOH HOH A . 
B 2 HOH 57  58  58  HOH HOH A . 
B 2 HOH 58  59  59  HOH HOH A . 
B 2 HOH 59  60  60  HOH HOH A . 
B 2 HOH 60  61  61  HOH HOH A . 
B 2 HOH 61  62  62  HOH HOH A . 
B 2 HOH 62  63  63  HOH HOH A . 
B 2 HOH 63  64  64  HOH HOH A . 
B 2 HOH 64  65  65  HOH HOH A . 
B 2 HOH 65  66  66  HOH HOH A . 
B 2 HOH 66  67  67  HOH HOH A . 
B 2 HOH 67  68  68  HOH HOH A . 
B 2 HOH 68  69  69  HOH HOH A . 
B 2 HOH 69  70  70  HOH HOH A . 
B 2 HOH 70  71  71  HOH HOH A . 
B 2 HOH 71  72  72  HOH HOH A . 
B 2 HOH 72  73  73  HOH HOH A . 
B 2 HOH 73  74  74  HOH HOH A . 
B 2 HOH 74  75  75  HOH HOH A . 
B 2 HOH 75  76  76  HOH HOH A . 
B 2 HOH 76  77  77  HOH HOH A . 
B 2 HOH 77  78  78  HOH HOH A . 
B 2 HOH 78  80  80  HOH HOH A . 
B 2 HOH 79  81  81  HOH HOH A . 
B 2 HOH 80  83  83  HOH HOH A . 
B 2 HOH 81  84  84  HOH HOH A . 
B 2 HOH 82  85  85  HOH HOH A . 
B 2 HOH 83  86  86  HOH HOH A . 
B 2 HOH 84  87  87  HOH HOH A . 
B 2 HOH 85  88  88  HOH HOH A . 
B 2 HOH 86  89  89  HOH HOH A . 
B 2 HOH 87  90  90  HOH HOH A . 
B 2 HOH 88  92  92  HOH HOH A . 
B 2 HOH 89  94  94  HOH HOH A . 
B 2 HOH 90  95  95  HOH HOH A . 
B 2 HOH 91  96  96  HOH HOH A . 
B 2 HOH 92  97  97  HOH HOH A . 
B 2 HOH 93  98  98  HOH HOH A . 
B 2 HOH 94  99  99  HOH HOH A . 
B 2 HOH 95  100 100 HOH HOH A . 
B 2 HOH 96  104 104 HOH HOH A . 
B 2 HOH 97  106 106 HOH HOH A . 
B 2 HOH 98  107 107 HOH HOH A . 
B 2 HOH 99  108 108 HOH HOH A . 
B 2 HOH 100 109 109 HOH HOH A . 
B 2 HOH 101 110 110 HOH HOH A . 
B 2 HOH 102 111 111 HOH HOH A . 
B 2 HOH 103 112 112 HOH HOH A . 
B 2 HOH 104 113 113 HOH HOH A . 
B 2 HOH 105 114 114 HOH HOH A . 
B 2 HOH 106 116 116 HOH HOH A . 
B 2 HOH 107 118 118 HOH HOH A . 
B 2 HOH 108 119 119 HOH HOH A . 
B 2 HOH 109 120 120 HOH HOH A . 
B 2 HOH 110 121 121 HOH HOH A . 
B 2 HOH 111 122 122 HOH HOH A . 
B 2 HOH 112 123 123 HOH HOH A . 
B 2 HOH 113 124 124 HOH HOH A . 
B 2 HOH 114 125 125 HOH HOH A . 
B 2 HOH 115 126 126 HOH HOH A . 
B 2 HOH 116 127 127 HOH HOH A . 
B 2 HOH 117 129 129 HOH HOH A . 
B 2 HOH 118 130 130 HOH HOH A . 
B 2 HOH 119 131 131 HOH HOH A . 
B 2 HOH 120 132 132 HOH HOH A . 
B 2 HOH 121 133 133 HOH HOH A . 
B 2 HOH 122 134 134 HOH HOH A . 
B 2 HOH 123 135 135 HOH HOH A . 
B 2 HOH 124 136 136 HOH HOH A . 
B 2 HOH 125 137 137 HOH HOH A . 
B 2 HOH 126 138 138 HOH HOH A . 
B 2 HOH 127 139 139 HOH HOH A . 
B 2 HOH 128 140 140 HOH HOH A . 
B 2 HOH 129 141 141 HOH HOH A . 
B 2 HOH 130 142 142 HOH HOH A . 
B 2 HOH 131 143 143 HOH HOH A . 
B 2 HOH 132 144 144 HOH HOH A . 
B 2 HOH 133 145 145 HOH HOH A . 
B 2 HOH 134 146 146 HOH HOH A . 
# 
_pdbx_struct_assembly.id                   1 
_pdbx_struct_assembly.details              author_and_software_defined_assembly 
_pdbx_struct_assembly.method_details       PISA,PQS 
_pdbx_struct_assembly.oligomeric_details   dimeric 
_pdbx_struct_assembly.oligomeric_count     2 
# 
_pdbx_struct_assembly_gen.assembly_id       1 
_pdbx_struct_assembly_gen.oper_expression   1,2 
_pdbx_struct_assembly_gen.asym_id_list      A,B 
# 
loop_
_pdbx_struct_assembly_prop.biol_id 
_pdbx_struct_assembly_prop.type 
_pdbx_struct_assembly_prop.value 
_pdbx_struct_assembly_prop.details 
1 'ABSA (A^2)' 6320  ? 
1 MORE         -50   ? 
1 'SSA (A^2)'  14350 ? 
# 
loop_
_pdbx_struct_oper_list.id 
_pdbx_struct_oper_list.type 
_pdbx_struct_oper_list.name 
_pdbx_struct_oper_list.symmetry_operation 
_pdbx_struct_oper_list.matrix[1][1] 
_pdbx_struct_oper_list.matrix[1][2] 
_pdbx_struct_oper_list.matrix[1][3] 
_pdbx_struct_oper_list.vector[1] 
_pdbx_struct_oper_list.matrix[2][1] 
_pdbx_struct_oper_list.matrix[2][2] 
_pdbx_struct_oper_list.matrix[2][3] 
_pdbx_struct_oper_list.vector[2] 
_pdbx_struct_oper_list.matrix[3][1] 
_pdbx_struct_oper_list.matrix[3][2] 
_pdbx_struct_oper_list.matrix[3][3] 
_pdbx_struct_oper_list.vector[3] 
1 'identity operation'         1_555 x,y,z  1.0000000000  0.0000000000  0.0000000000 0.0000000000 0.0000000000  1.0000000000  0.0000000000  0.0000000000  0.0000000000 0.0000000000  1.0000000000 0.0000000000 
2 'crystal symmetry operation' 4_555 y,x,-z -0.9980263831 -0.0014547843 0.0627791551 6.1001721005 -0.0014547843 -0.9989276555 -0.0462755089 13.3279849275 0.0627791551 -0.0462755089 0.9969540385 0.1170761217 
# 
_pdbx_struct_special_symmetry.id              1 
_pdbx_struct_special_symmetry.PDB_model_num   1 
_pdbx_struct_special_symmetry.auth_asym_id    A 
_pdbx_struct_special_symmetry.auth_comp_id    HOH 
_pdbx_struct_special_symmetry.auth_seq_id     110 
_pdbx_struct_special_symmetry.PDB_ins_code    ? 
_pdbx_struct_special_symmetry.label_asym_id   B 
_pdbx_struct_special_symmetry.label_comp_id   HOH 
_pdbx_struct_special_symmetry.label_seq_id    . 
# 
loop_
_pdbx_audit_revision_history.ordinal 
_pdbx_audit_revision_history.data_content_type 
_pdbx_audit_revision_history.major_revision 
_pdbx_audit_revision_history.minor_revision 
_pdbx_audit_revision_history.revision_date 
1 'Structure model' 1 0 2005-11-29 
2 'Structure model' 1 1 2008-05-01 
3 'Structure model' 1 2 2011-07-13 
4 'Structure model' 1 3 2018-01-31 
5 'Structure model' 1 4 2023-08-23 
# 
_pdbx_audit_revision_details.ordinal             1 
_pdbx_audit_revision_details.revision_ordinal    1 
_pdbx_audit_revision_details.data_content_type   'Structure model' 
_pdbx_audit_revision_details.provider            repository 
_pdbx_audit_revision_details.type                'Initial release' 
_pdbx_audit_revision_details.description         ? 
_pdbx_audit_revision_details.details             ? 
# 
loop_
_pdbx_audit_revision_group.ordinal 
_pdbx_audit_revision_group.revision_ordinal 
_pdbx_audit_revision_group.data_content_type 
_pdbx_audit_revision_group.group 
1 2 'Structure model' 'Version format compliance' 
2 3 'Structure model' Advisory                    
3 3 'Structure model' 'Derived calculations'      
4 3 'Structure model' 'Version format compliance' 
5 4 'Structure model' 'Structure summary'         
6 5 'Structure model' 'Data collection'           
7 5 'Structure model' 'Database references'       
8 5 'Structure model' 'Refinement description'    
# 
loop_
_pdbx_audit_revision_category.ordinal 
_pdbx_audit_revision_category.revision_ordinal 
_pdbx_audit_revision_category.data_content_type 
_pdbx_audit_revision_category.category 
1 4 'Structure model' audit_author                  
2 5 'Structure model' chem_comp_atom                
3 5 'Structure model' chem_comp_bond                
4 5 'Structure model' database_2                    
5 5 'Structure model' pdbx_initial_refinement_model 
6 5 'Structure model' struct_ref_seq_dif            
# 
loop_
_pdbx_audit_revision_item.ordinal 
_pdbx_audit_revision_item.revision_ordinal 
_pdbx_audit_revision_item.data_content_type 
_pdbx_audit_revision_item.item 
1 4 'Structure model' '_audit_author.name'                  
2 5 'Structure model' '_database_2.pdbx_DOI'                
3 5 'Structure model' '_database_2.pdbx_database_accession' 
4 5 'Structure model' '_struct_ref_seq_dif.details'         
# 
_pdbx_refine_tls.id               1 
_pdbx_refine_tls.details          ? 
_pdbx_refine_tls.method           refined 
_pdbx_refine_tls.origin_x         0.3894 
_pdbx_refine_tls.origin_y         0.4312 
_pdbx_refine_tls.origin_z         0.1476 
_pdbx_refine_tls.T[1][1]          -0.1946 
_pdbx_refine_tls.T[2][2]          -0.1195 
_pdbx_refine_tls.T[3][3]          -0.2198 
_pdbx_refine_tls.T[1][2]          0.0727 
_pdbx_refine_tls.T[1][3]          0.0171 
_pdbx_refine_tls.T[2][3]          0.0135 
_pdbx_refine_tls.L[1][1]          2.2787 
_pdbx_refine_tls.L[2][2]          6.9319 
_pdbx_refine_tls.L[3][3]          0.6584 
_pdbx_refine_tls.L[1][2]          3.1309 
_pdbx_refine_tls.L[1][3]          0.1151 
_pdbx_refine_tls.L[2][3]          0.3927 
_pdbx_refine_tls.S[1][1]          -0.0961 
_pdbx_refine_tls.S[1][2]          -0.2120 
_pdbx_refine_tls.S[1][3]          0.0436 
_pdbx_refine_tls.S[2][1]          -0.0227 
_pdbx_refine_tls.S[2][2]          -0.0921 
_pdbx_refine_tls.S[2][3]          0.2000 
_pdbx_refine_tls.S[3][1]          0.0384 
_pdbx_refine_tls.S[3][2]          -0.0005 
_pdbx_refine_tls.S[3][3]          0.1882 
_pdbx_refine_tls.pdbx_refine_id   'X-RAY DIFFRACTION' 
# 
_pdbx_refine_tls_group.id                  1 
_pdbx_refine_tls_group.refine_tls_id       1 
_pdbx_refine_tls_group.beg_auth_asym_id    A 
_pdbx_refine_tls_group.beg_auth_seq_id     324 
_pdbx_refine_tls_group.beg_label_asym_id   A 
_pdbx_refine_tls_group.beg_label_seq_id    2 
_pdbx_refine_tls_group.end_auth_asym_id    A 
_pdbx_refine_tls_group.end_auth_seq_id     452 
_pdbx_refine_tls_group.end_label_asym_id   A 
_pdbx_refine_tls_group.end_label_seq_id    130 
_pdbx_refine_tls_group.selection           ? 
_pdbx_refine_tls_group.pdbx_refine_id      'X-RAY DIFFRACTION' 
_pdbx_refine_tls_group.selection_details   ? 
# 
loop_
_software.name 
_software.classification 
_software.version 
_software.citation_id 
_software.pdbx_ordinal 
REFMAC refinement       5.2.0005  ? 1 
MOSFLM 'data reduction' .         ? 2 
CCP4   'data scaling'   '(SCALA)' ? 3 
PHASER phasing          .         ? 4 
# 
_pdbx_validate_close_contact.id               1 
_pdbx_validate_close_contact.PDB_model_num    1 
_pdbx_validate_close_contact.auth_atom_id_1   OD1 
_pdbx_validate_close_contact.auth_asym_id_1   A 
_pdbx_validate_close_contact.auth_comp_id_1   ASP 
_pdbx_validate_close_contact.auth_seq_id_1    416 
_pdbx_validate_close_contact.PDB_ins_code_1   ? 
_pdbx_validate_close_contact.label_alt_id_1   ? 
_pdbx_validate_close_contact.auth_atom_id_2   O 
_pdbx_validate_close_contact.auth_asym_id_2   A 
_pdbx_validate_close_contact.auth_comp_id_2   HOH 
_pdbx_validate_close_contact.auth_seq_id_2    73 
_pdbx_validate_close_contact.PDB_ins_code_2   ? 
_pdbx_validate_close_contact.label_alt_id_2   ? 
_pdbx_validate_close_contact.dist             2.09 
# 
loop_
_pdbx_unobs_or_zero_occ_atoms.id 
_pdbx_unobs_or_zero_occ_atoms.PDB_model_num 
_pdbx_unobs_or_zero_occ_atoms.polymer_flag 
_pdbx_unobs_or_zero_occ_atoms.occupancy_flag 
_pdbx_unobs_or_zero_occ_atoms.auth_asym_id 
_pdbx_unobs_or_zero_occ_atoms.auth_comp_id 
_pdbx_unobs_or_zero_occ_atoms.auth_seq_id 
_pdbx_unobs_or_zero_occ_atoms.PDB_ins_code 
_pdbx_unobs_or_zero_occ_atoms.auth_atom_id 
_pdbx_unobs_or_zero_occ_atoms.label_alt_id 
_pdbx_unobs_or_zero_occ_atoms.label_asym_id 
_pdbx_unobs_or_zero_occ_atoms.label_comp_id 
_pdbx_unobs_or_zero_occ_atoms.label_seq_id 
_pdbx_unobs_or_zero_occ_atoms.label_atom_id 
1  1 Y 1 A MET 324 ? SD  ? A MET 2   SD  
2  1 Y 1 A MET 324 ? CE  ? A MET 2   CE  
3  1 Y 1 A GLN 328 ? CD  ? A GLN 6   CD  
4  1 Y 1 A GLN 328 ? OE1 ? A GLN 6   OE1 
5  1 Y 1 A GLN 328 ? NE2 ? A GLN 6   NE2 
6  1 Y 1 A LYS 331 ? CD  ? A LYS 9   CD  
7  1 Y 1 A LYS 331 ? CE  ? A LYS 9   CE  
8  1 Y 1 A LYS 331 ? NZ  ? A LYS 9   NZ  
9  1 Y 1 A ILE 340 ? CD1 ? A ILE 18  CD1 
10 1 Y 1 A ARG 352 ? CZ  ? A ARG 30  CZ  
11 1 Y 1 A ARG 352 ? NH1 ? A ARG 30  NH1 
12 1 Y 1 A ARG 352 ? NH2 ? A ARG 30  NH2 
13 1 Y 1 A ARG 383 ? CZ  ? A ARG 61  CZ  
14 1 Y 1 A ARG 383 ? NH1 ? A ARG 61  NH1 
15 1 Y 1 A ARG 383 ? NH2 ? A ARG 61  NH2 
16 1 Y 1 A GLU 423 ? OE2 ? A GLU 101 OE2 
# 
loop_
_pdbx_unobs_or_zero_occ_residues.id 
_pdbx_unobs_or_zero_occ_residues.PDB_model_num 
_pdbx_unobs_or_zero_occ_residues.polymer_flag 
_pdbx_unobs_or_zero_occ_residues.occupancy_flag 
_pdbx_unobs_or_zero_occ_residues.auth_asym_id 
_pdbx_unobs_or_zero_occ_residues.auth_comp_id 
_pdbx_unobs_or_zero_occ_residues.auth_seq_id 
_pdbx_unobs_or_zero_occ_residues.PDB_ins_code 
_pdbx_unobs_or_zero_occ_residues.label_asym_id 
_pdbx_unobs_or_zero_occ_residues.label_comp_id 
_pdbx_unobs_or_zero_occ_residues.label_seq_id 
1  1 Y 1 A SER 323 ? A SER 1   
2  1 Y 1 A ALA 453 ? A ALA 131 
3  1 Y 1 A LYS 454 ? A LYS 132 
4  1 Y 1 A LYS 455 ? A LYS 133 
5  1 Y 1 A LYS 456 ? A LYS 134 
6  1 Y 1 A GLY 457 ? A GLY 135 
7  1 Y 1 A LYS 458 ? A LYS 136 
8  1 Y 1 A SER 459 ? A SER 137 
9  1 Y 1 A LEU 460 ? A LEU 138 
10 1 Y 1 A ALA 461 ? A ALA 139 
11 1 Y 1 A GLY 462 ? A GLY 140 
12 1 Y 1 A LYS 463 ? A LYS 141 
13 1 Y 1 A ARG 464 ? A ARG 142 
14 1 Y 1 A LEU 465 ? A LEU 143 
15 1 Y 1 A THR 466 ? A THR 144 
16 1 Y 1 A GLY 467 ? A GLY 145 
17 1 Y 1 A LEU 468 ? A LEU 146 
18 1 Y 1 A MET 469 ? A MET 147 
19 1 Y 1 A GLN 470 ? A GLN 148 
# 
loop_
_chem_comp_atom.comp_id 
_chem_comp_atom.atom_id 
_chem_comp_atom.type_symbol 
_chem_comp_atom.pdbx_aromatic_flag 
_chem_comp_atom.pdbx_stereo_config 
_chem_comp_atom.pdbx_ordinal 
ALA N    N N N 1   
ALA CA   C N S 2   
ALA C    C N N 3   
ALA O    O N N 4   
ALA CB   C N N 5   
ALA OXT  O N N 6   
ALA H    H N N 7   
ALA H2   H N N 8   
ALA HA   H N N 9   
ALA HB1  H N N 10  
ALA HB2  H N N 11  
ALA HB3  H N N 12  
ALA HXT  H N N 13  
ARG N    N N N 14  
ARG CA   C N S 15  
ARG C    C N N 16  
ARG O    O N N 17  
ARG CB   C N N 18  
ARG CG   C N N 19  
ARG CD   C N N 20  
ARG NE   N N N 21  
ARG CZ   C N N 22  
ARG NH1  N N N 23  
ARG NH2  N N N 24  
ARG OXT  O N N 25  
ARG H    H N N 26  
ARG H2   H N N 27  
ARG HA   H N N 28  
ARG HB2  H N N 29  
ARG HB3  H N N 30  
ARG HG2  H N N 31  
ARG HG3  H N N 32  
ARG HD2  H N N 33  
ARG HD3  H N N 34  
ARG HE   H N N 35  
ARG HH11 H N N 36  
ARG HH12 H N N 37  
ARG HH21 H N N 38  
ARG HH22 H N N 39  
ARG HXT  H N N 40  
ASN N    N N N 41  
ASN CA   C N S 42  
ASN C    C N N 43  
ASN O    O N N 44  
ASN CB   C N N 45  
ASN CG   C N N 46  
ASN OD1  O N N 47  
ASN ND2  N N N 48  
ASN OXT  O N N 49  
ASN H    H N N 50  
ASN H2   H N N 51  
ASN HA   H N N 52  
ASN HB2  H N N 53  
ASN HB3  H N N 54  
ASN HD21 H N N 55  
ASN HD22 H N N 56  
ASN HXT  H N N 57  
ASP N    N N N 58  
ASP CA   C N S 59  
ASP C    C N N 60  
ASP O    O N N 61  
ASP CB   C N N 62  
ASP CG   C N N 63  
ASP OD1  O N N 64  
ASP OD2  O N N 65  
ASP OXT  O N N 66  
ASP H    H N N 67  
ASP H2   H N N 68  
ASP HA   H N N 69  
ASP HB2  H N N 70  
ASP HB3  H N N 71  
ASP HD2  H N N 72  
ASP HXT  H N N 73  
GLN N    N N N 74  
GLN CA   C N S 75  
GLN C    C N N 76  
GLN O    O N N 77  
GLN CB   C N N 78  
GLN CG   C N N 79  
GLN CD   C N N 80  
GLN OE1  O N N 81  
GLN NE2  N N N 82  
GLN OXT  O N N 83  
GLN H    H N N 84  
GLN H2   H N N 85  
GLN HA   H N N 86  
GLN HB2  H N N 87  
GLN HB3  H N N 88  
GLN HG2  H N N 89  
GLN HG3  H N N 90  
GLN HE21 H N N 91  
GLN HE22 H N N 92  
GLN HXT  H N N 93  
GLU N    N N N 94  
GLU CA   C N S 95  
GLU C    C N N 96  
GLU O    O N N 97  
GLU CB   C N N 98  
GLU CG   C N N 99  
GLU CD   C N N 100 
GLU OE1  O N N 101 
GLU OE2  O N N 102 
GLU OXT  O N N 103 
GLU H    H N N 104 
GLU H2   H N N 105 
GLU HA   H N N 106 
GLU HB2  H N N 107 
GLU HB3  H N N 108 
GLU HG2  H N N 109 
GLU HG3  H N N 110 
GLU HE2  H N N 111 
GLU HXT  H N N 112 
GLY N    N N N 113 
GLY CA   C N N 114 
GLY C    C N N 115 
GLY O    O N N 116 
GLY OXT  O N N 117 
GLY H    H N N 118 
GLY H2   H N N 119 
GLY HA2  H N N 120 
GLY HA3  H N N 121 
GLY HXT  H N N 122 
HIS N    N N N 123 
HIS CA   C N S 124 
HIS C    C N N 125 
HIS O    O N N 126 
HIS CB   C N N 127 
HIS CG   C Y N 128 
HIS ND1  N Y N 129 
HIS CD2  C Y N 130 
HIS CE1  C Y N 131 
HIS NE2  N Y N 132 
HIS OXT  O N N 133 
HIS H    H N N 134 
HIS H2   H N N 135 
HIS HA   H N N 136 
HIS HB2  H N N 137 
HIS HB3  H N N 138 
HIS HD1  H N N 139 
HIS HD2  H N N 140 
HIS HE1  H N N 141 
HIS HE2  H N N 142 
HIS HXT  H N N 143 
HOH O    O N N 144 
HOH H1   H N N 145 
HOH H2   H N N 146 
ILE N    N N N 147 
ILE CA   C N S 148 
ILE C    C N N 149 
ILE O    O N N 150 
ILE CB   C N S 151 
ILE CG1  C N N 152 
ILE CG2  C N N 153 
ILE CD1  C N N 154 
ILE OXT  O N N 155 
ILE H    H N N 156 
ILE H2   H N N 157 
ILE HA   H N N 158 
ILE HB   H N N 159 
ILE HG12 H N N 160 
ILE HG13 H N N 161 
ILE HG21 H N N 162 
ILE HG22 H N N 163 
ILE HG23 H N N 164 
ILE HD11 H N N 165 
ILE HD12 H N N 166 
ILE HD13 H N N 167 
ILE HXT  H N N 168 
LEU N    N N N 169 
LEU CA   C N S 170 
LEU C    C N N 171 
LEU O    O N N 172 
LEU CB   C N N 173 
LEU CG   C N N 174 
LEU CD1  C N N 175 
LEU CD2  C N N 176 
LEU OXT  O N N 177 
LEU H    H N N 178 
LEU H2   H N N 179 
LEU HA   H N N 180 
LEU HB2  H N N 181 
LEU HB3  H N N 182 
LEU HG   H N N 183 
LEU HD11 H N N 184 
LEU HD12 H N N 185 
LEU HD13 H N N 186 
LEU HD21 H N N 187 
LEU HD22 H N N 188 
LEU HD23 H N N 189 
LEU HXT  H N N 190 
LYS N    N N N 191 
LYS CA   C N S 192 
LYS C    C N N 193 
LYS O    O N N 194 
LYS CB   C N N 195 
LYS CG   C N N 196 
LYS CD   C N N 197 
LYS CE   C N N 198 
LYS NZ   N N N 199 
LYS OXT  O N N 200 
LYS H    H N N 201 
LYS H2   H N N 202 
LYS HA   H N N 203 
LYS HB2  H N N 204 
LYS HB3  H N N 205 
LYS HG2  H N N 206 
LYS HG3  H N N 207 
LYS HD2  H N N 208 
LYS HD3  H N N 209 
LYS HE2  H N N 210 
LYS HE3  H N N 211 
LYS HZ1  H N N 212 
LYS HZ2  H N N 213 
LYS HZ3  H N N 214 
LYS HXT  H N N 215 
MET N    N N N 216 
MET CA   C N S 217 
MET C    C N N 218 
MET O    O N N 219 
MET CB   C N N 220 
MET CG   C N N 221 
MET SD   S N N 222 
MET CE   C N N 223 
MET OXT  O N N 224 
MET H    H N N 225 
MET H2   H N N 226 
MET HA   H N N 227 
MET HB2  H N N 228 
MET HB3  H N N 229 
MET HG2  H N N 230 
MET HG3  H N N 231 
MET HE1  H N N 232 
MET HE2  H N N 233 
MET HE3  H N N 234 
MET HXT  H N N 235 
PHE N    N N N 236 
PHE CA   C N S 237 
PHE C    C N N 238 
PHE O    O N N 239 
PHE CB   C N N 240 
PHE CG   C Y N 241 
PHE CD1  C Y N 242 
PHE CD2  C Y N 243 
PHE CE1  C Y N 244 
PHE CE2  C Y N 245 
PHE CZ   C Y N 246 
PHE OXT  O N N 247 
PHE H    H N N 248 
PHE H2   H N N 249 
PHE HA   H N N 250 
PHE HB2  H N N 251 
PHE HB3  H N N 252 
PHE HD1  H N N 253 
PHE HD2  H N N 254 
PHE HE1  H N N 255 
PHE HE2  H N N 256 
PHE HZ   H N N 257 
PHE HXT  H N N 258 
PRO N    N N N 259 
PRO CA   C N S 260 
PRO C    C N N 261 
PRO O    O N N 262 
PRO CB   C N N 263 
PRO CG   C N N 264 
PRO CD   C N N 265 
PRO OXT  O N N 266 
PRO H    H N N 267 
PRO HA   H N N 268 
PRO HB2  H N N 269 
PRO HB3  H N N 270 
PRO HG2  H N N 271 
PRO HG3  H N N 272 
PRO HD2  H N N 273 
PRO HD3  H N N 274 
PRO HXT  H N N 275 
SER N    N N N 276 
SER CA   C N S 277 
SER C    C N N 278 
SER O    O N N 279 
SER CB   C N N 280 
SER OG   O N N 281 
SER OXT  O N N 282 
SER H    H N N 283 
SER H2   H N N 284 
SER HA   H N N 285 
SER HB2  H N N 286 
SER HB3  H N N 287 
SER HG   H N N 288 
SER HXT  H N N 289 
THR N    N N N 290 
THR CA   C N S 291 
THR C    C N N 292 
THR O    O N N 293 
THR CB   C N R 294 
THR OG1  O N N 295 
THR CG2  C N N 296 
THR OXT  O N N 297 
THR H    H N N 298 
THR H2   H N N 299 
THR HA   H N N 300 
THR HB   H N N 301 
THR HG1  H N N 302 
THR HG21 H N N 303 
THR HG22 H N N 304 
THR HG23 H N N 305 
THR HXT  H N N 306 
TRP N    N N N 307 
TRP CA   C N S 308 
TRP C    C N N 309 
TRP O    O N N 310 
TRP CB   C N N 311 
TRP CG   C Y N 312 
TRP CD1  C Y N 313 
TRP CD2  C Y N 314 
TRP NE1  N Y N 315 
TRP CE2  C Y N 316 
TRP CE3  C Y N 317 
TRP CZ2  C Y N 318 
TRP CZ3  C Y N 319 
TRP CH2  C Y N 320 
TRP OXT  O N N 321 
TRP H    H N N 322 
TRP H2   H N N 323 
TRP HA   H N N 324 
TRP HB2  H N N 325 
TRP HB3  H N N 326 
TRP HD1  H N N 327 
TRP HE1  H N N 328 
TRP HE3  H N N 329 
TRP HZ2  H N N 330 
TRP HZ3  H N N 331 
TRP HH2  H N N 332 
TRP HXT  H N N 333 
TYR N    N N N 334 
TYR CA   C N S 335 
TYR C    C N N 336 
TYR O    O N N 337 
TYR CB   C N N 338 
TYR CG   C Y N 339 
TYR CD1  C Y N 340 
TYR CD2  C Y N 341 
TYR CE1  C Y N 342 
TYR CE2  C Y N 343 
TYR CZ   C Y N 344 
TYR OH   O N N 345 
TYR OXT  O N N 346 
TYR H    H N N 347 
TYR H2   H N N 348 
TYR HA   H N N 349 
TYR HB2  H N N 350 
TYR HB3  H N N 351 
TYR HD1  H N N 352 
TYR HD2  H N N 353 
TYR HE1  H N N 354 
TYR HE2  H N N 355 
TYR HH   H N N 356 
TYR HXT  H N N 357 
VAL N    N N N 358 
VAL CA   C N S 359 
VAL C    C N N 360 
VAL O    O N N 361 
VAL CB   C N N 362 
VAL CG1  C N N 363 
VAL CG2  C N N 364 
VAL OXT  O N N 365 
VAL H    H N N 366 
VAL H2   H N N 367 
VAL HA   H N N 368 
VAL HB   H N N 369 
VAL HG11 H N N 370 
VAL HG12 H N N 371 
VAL HG13 H N N 372 
VAL HG21 H N N 373 
VAL HG22 H N N 374 
VAL HG23 H N N 375 
VAL HXT  H N N 376 
# 
loop_
_chem_comp_bond.comp_id 
_chem_comp_bond.atom_id_1 
_chem_comp_bond.atom_id_2 
_chem_comp_bond.value_order 
_chem_comp_bond.pdbx_aromatic_flag 
_chem_comp_bond.pdbx_stereo_config 
_chem_comp_bond.pdbx_ordinal 
ALA N   CA   sing N N 1   
ALA N   H    sing N N 2   
ALA N   H2   sing N N 3   
ALA CA  C    sing N N 4   
ALA CA  CB   sing N N 5   
ALA CA  HA   sing N N 6   
ALA C   O    doub N N 7   
ALA C   OXT  sing N N 8   
ALA CB  HB1  sing N N 9   
ALA CB  HB2  sing N N 10  
ALA CB  HB3  sing N N 11  
ALA OXT HXT  sing N N 12  
ARG N   CA   sing N N 13  
ARG N   H    sing N N 14  
ARG N   H2   sing N N 15  
ARG CA  C    sing N N 16  
ARG CA  CB   sing N N 17  
ARG CA  HA   sing N N 18  
ARG C   O    doub N N 19  
ARG C   OXT  sing N N 20  
ARG CB  CG   sing N N 21  
ARG CB  HB2  sing N N 22  
ARG CB  HB3  sing N N 23  
ARG CG  CD   sing N N 24  
ARG CG  HG2  sing N N 25  
ARG CG  HG3  sing N N 26  
ARG CD  NE   sing N N 27  
ARG CD  HD2  sing N N 28  
ARG CD  HD3  sing N N 29  
ARG NE  CZ   sing N N 30  
ARG NE  HE   sing N N 31  
ARG CZ  NH1  sing N N 32  
ARG CZ  NH2  doub N N 33  
ARG NH1 HH11 sing N N 34  
ARG NH1 HH12 sing N N 35  
ARG NH2 HH21 sing N N 36  
ARG NH2 HH22 sing N N 37  
ARG OXT HXT  sing N N 38  
ASN N   CA   sing N N 39  
ASN N   H    sing N N 40  
ASN N   H2   sing N N 41  
ASN CA  C    sing N N 42  
ASN CA  CB   sing N N 43  
ASN CA  HA   sing N N 44  
ASN C   O    doub N N 45  
ASN C   OXT  sing N N 46  
ASN CB  CG   sing N N 47  
ASN CB  HB2  sing N N 48  
ASN CB  HB3  sing N N 49  
ASN CG  OD1  doub N N 50  
ASN CG  ND2  sing N N 51  
ASN ND2 HD21 sing N N 52  
ASN ND2 HD22 sing N N 53  
ASN OXT HXT  sing N N 54  
ASP N   CA   sing N N 55  
ASP N   H    sing N N 56  
ASP N   H2   sing N N 57  
ASP CA  C    sing N N 58  
ASP CA  CB   sing N N 59  
ASP CA  HA   sing N N 60  
ASP C   O    doub N N 61  
ASP C   OXT  sing N N 62  
ASP CB  CG   sing N N 63  
ASP CB  HB2  sing N N 64  
ASP CB  HB3  sing N N 65  
ASP CG  OD1  doub N N 66  
ASP CG  OD2  sing N N 67  
ASP OD2 HD2  sing N N 68  
ASP OXT HXT  sing N N 69  
GLN N   CA   sing N N 70  
GLN N   H    sing N N 71  
GLN N   H2   sing N N 72  
GLN CA  C    sing N N 73  
GLN CA  CB   sing N N 74  
GLN CA  HA   sing N N 75  
GLN C   O    doub N N 76  
GLN C   OXT  sing N N 77  
GLN CB  CG   sing N N 78  
GLN CB  HB2  sing N N 79  
GLN CB  HB3  sing N N 80  
GLN CG  CD   sing N N 81  
GLN CG  HG2  sing N N 82  
GLN CG  HG3  sing N N 83  
GLN CD  OE1  doub N N 84  
GLN CD  NE2  sing N N 85  
GLN NE2 HE21 sing N N 86  
GLN NE2 HE22 sing N N 87  
GLN OXT HXT  sing N N 88  
GLU N   CA   sing N N 89  
GLU N   H    sing N N 90  
GLU N   H2   sing N N 91  
GLU CA  C    sing N N 92  
GLU CA  CB   sing N N 93  
GLU CA  HA   sing N N 94  
GLU C   O    doub N N 95  
GLU C   OXT  sing N N 96  
GLU CB  CG   sing N N 97  
GLU CB  HB2  sing N N 98  
GLU CB  HB3  sing N N 99  
GLU CG  CD   sing N N 100 
GLU CG  HG2  sing N N 101 
GLU CG  HG3  sing N N 102 
GLU CD  OE1  doub N N 103 
GLU CD  OE2  sing N N 104 
GLU OE2 HE2  sing N N 105 
GLU OXT HXT  sing N N 106 
GLY N   CA   sing N N 107 
GLY N   H    sing N N 108 
GLY N   H2   sing N N 109 
GLY CA  C    sing N N 110 
GLY CA  HA2  sing N N 111 
GLY CA  HA3  sing N N 112 
GLY C   O    doub N N 113 
GLY C   OXT  sing N N 114 
GLY OXT HXT  sing N N 115 
HIS N   CA   sing N N 116 
HIS N   H    sing N N 117 
HIS N   H2   sing N N 118 
HIS CA  C    sing N N 119 
HIS CA  CB   sing N N 120 
HIS CA  HA   sing N N 121 
HIS C   O    doub N N 122 
HIS C   OXT  sing N N 123 
HIS CB  CG   sing N N 124 
HIS CB  HB2  sing N N 125 
HIS CB  HB3  sing N N 126 
HIS CG  ND1  sing Y N 127 
HIS CG  CD2  doub Y N 128 
HIS ND1 CE1  doub Y N 129 
HIS ND1 HD1  sing N N 130 
HIS CD2 NE2  sing Y N 131 
HIS CD2 HD2  sing N N 132 
HIS CE1 NE2  sing Y N 133 
HIS CE1 HE1  sing N N 134 
HIS NE2 HE2  sing N N 135 
HIS OXT HXT  sing N N 136 
HOH O   H1   sing N N 137 
HOH O   H2   sing N N 138 
ILE N   CA   sing N N 139 
ILE N   H    sing N N 140 
ILE N   H2   sing N N 141 
ILE CA  C    sing N N 142 
ILE CA  CB   sing N N 143 
ILE CA  HA   sing N N 144 
ILE C   O    doub N N 145 
ILE C   OXT  sing N N 146 
ILE CB  CG1  sing N N 147 
ILE CB  CG2  sing N N 148 
ILE CB  HB   sing N N 149 
ILE CG1 CD1  sing N N 150 
ILE CG1 HG12 sing N N 151 
ILE CG1 HG13 sing N N 152 
ILE CG2 HG21 sing N N 153 
ILE CG2 HG22 sing N N 154 
ILE CG2 HG23 sing N N 155 
ILE CD1 HD11 sing N N 156 
ILE CD1 HD12 sing N N 157 
ILE CD1 HD13 sing N N 158 
ILE OXT HXT  sing N N 159 
LEU N   CA   sing N N 160 
LEU N   H    sing N N 161 
LEU N   H2   sing N N 162 
LEU CA  C    sing N N 163 
LEU CA  CB   sing N N 164 
LEU CA  HA   sing N N 165 
LEU C   O    doub N N 166 
LEU C   OXT  sing N N 167 
LEU CB  CG   sing N N 168 
LEU CB  HB2  sing N N 169 
LEU CB  HB3  sing N N 170 
LEU CG  CD1  sing N N 171 
LEU CG  CD2  sing N N 172 
LEU CG  HG   sing N N 173 
LEU CD1 HD11 sing N N 174 
LEU CD1 HD12 sing N N 175 
LEU CD1 HD13 sing N N 176 
LEU CD2 HD21 sing N N 177 
LEU CD2 HD22 sing N N 178 
LEU CD2 HD23 sing N N 179 
LEU OXT HXT  sing N N 180 
LYS N   CA   sing N N 181 
LYS N   H    sing N N 182 
LYS N   H2   sing N N 183 
LYS CA  C    sing N N 184 
LYS CA  CB   sing N N 185 
LYS CA  HA   sing N N 186 
LYS C   O    doub N N 187 
LYS C   OXT  sing N N 188 
LYS CB  CG   sing N N 189 
LYS CB  HB2  sing N N 190 
LYS CB  HB3  sing N N 191 
LYS CG  CD   sing N N 192 
LYS CG  HG2  sing N N 193 
LYS CG  HG3  sing N N 194 
LYS CD  CE   sing N N 195 
LYS CD  HD2  sing N N 196 
LYS CD  HD3  sing N N 197 
LYS CE  NZ   sing N N 198 
LYS CE  HE2  sing N N 199 
LYS CE  HE3  sing N N 200 
LYS NZ  HZ1  sing N N 201 
LYS NZ  HZ2  sing N N 202 
LYS NZ  HZ3  sing N N 203 
LYS OXT HXT  sing N N 204 
MET N   CA   sing N N 205 
MET N   H    sing N N 206 
MET N   H2   sing N N 207 
MET CA  C    sing N N 208 
MET CA  CB   sing N N 209 
MET CA  HA   sing N N 210 
MET C   O    doub N N 211 
MET C   OXT  sing N N 212 
MET CB  CG   sing N N 213 
MET CB  HB2  sing N N 214 
MET CB  HB3  sing N N 215 
MET CG  SD   sing N N 216 
MET CG  HG2  sing N N 217 
MET CG  HG3  sing N N 218 
MET SD  CE   sing N N 219 
MET CE  HE1  sing N N 220 
MET CE  HE2  sing N N 221 
MET CE  HE3  sing N N 222 
MET OXT HXT  sing N N 223 
PHE N   CA   sing N N 224 
PHE N   H    sing N N 225 
PHE N   H2   sing N N 226 
PHE CA  C    sing N N 227 
PHE CA  CB   sing N N 228 
PHE CA  HA   sing N N 229 
PHE C   O    doub N N 230 
PHE C   OXT  sing N N 231 
PHE CB  CG   sing N N 232 
PHE CB  HB2  sing N N 233 
PHE CB  HB3  sing N N 234 
PHE CG  CD1  doub Y N 235 
PHE CG  CD2  sing Y N 236 
PHE CD1 CE1  sing Y N 237 
PHE CD1 HD1  sing N N 238 
PHE CD2 CE2  doub Y N 239 
PHE CD2 HD2  sing N N 240 
PHE CE1 CZ   doub Y N 241 
PHE CE1 HE1  sing N N 242 
PHE CE2 CZ   sing Y N 243 
PHE CE2 HE2  sing N N 244 
PHE CZ  HZ   sing N N 245 
PHE OXT HXT  sing N N 246 
PRO N   CA   sing N N 247 
PRO N   CD   sing N N 248 
PRO N   H    sing N N 249 
PRO CA  C    sing N N 250 
PRO CA  CB   sing N N 251 
PRO CA  HA   sing N N 252 
PRO C   O    doub N N 253 
PRO C   OXT  sing N N 254 
PRO CB  CG   sing N N 255 
PRO CB  HB2  sing N N 256 
PRO CB  HB3  sing N N 257 
PRO CG  CD   sing N N 258 
PRO CG  HG2  sing N N 259 
PRO CG  HG3  sing N N 260 
PRO CD  HD2  sing N N 261 
PRO CD  HD3  sing N N 262 
PRO OXT HXT  sing N N 263 
SER N   CA   sing N N 264 
SER N   H    sing N N 265 
SER N   H2   sing N N 266 
SER CA  C    sing N N 267 
SER CA  CB   sing N N 268 
SER CA  HA   sing N N 269 
SER C   O    doub N N 270 
SER C   OXT  sing N N 271 
SER CB  OG   sing N N 272 
SER CB  HB2  sing N N 273 
SER CB  HB3  sing N N 274 
SER OG  HG   sing N N 275 
SER OXT HXT  sing N N 276 
THR N   CA   sing N N 277 
THR N   H    sing N N 278 
THR N   H2   sing N N 279 
THR CA  C    sing N N 280 
THR CA  CB   sing N N 281 
THR CA  HA   sing N N 282 
THR C   O    doub N N 283 
THR C   OXT  sing N N 284 
THR CB  OG1  sing N N 285 
THR CB  CG2  sing N N 286 
THR CB  HB   sing N N 287 
THR OG1 HG1  sing N N 288 
THR CG2 HG21 sing N N 289 
THR CG2 HG22 sing N N 290 
THR CG2 HG23 sing N N 291 
THR OXT HXT  sing N N 292 
TRP N   CA   sing N N 293 
TRP N   H    sing N N 294 
TRP N   H2   sing N N 295 
TRP CA  C    sing N N 296 
TRP CA  CB   sing N N 297 
TRP CA  HA   sing N N 298 
TRP C   O    doub N N 299 
TRP C   OXT  sing N N 300 
TRP CB  CG   sing N N 301 
TRP CB  HB2  sing N N 302 
TRP CB  HB3  sing N N 303 
TRP CG  CD1  doub Y N 304 
TRP CG  CD2  sing Y N 305 
TRP CD1 NE1  sing Y N 306 
TRP CD1 HD1  sing N N 307 
TRP CD2 CE2  doub Y N 308 
TRP CD2 CE3  sing Y N 309 
TRP NE1 CE2  sing Y N 310 
TRP NE1 HE1  sing N N 311 
TRP CE2 CZ2  sing Y N 312 
TRP CE3 CZ3  doub Y N 313 
TRP CE3 HE3  sing N N 314 
TRP CZ2 CH2  doub Y N 315 
TRP CZ2 HZ2  sing N N 316 
TRP CZ3 CH2  sing Y N 317 
TRP CZ3 HZ3  sing N N 318 
TRP CH2 HH2  sing N N 319 
TRP OXT HXT  sing N N 320 
TYR N   CA   sing N N 321 
TYR N   H    sing N N 322 
TYR N   H2   sing N N 323 
TYR CA  C    sing N N 324 
TYR CA  CB   sing N N 325 
TYR CA  HA   sing N N 326 
TYR C   O    doub N N 327 
TYR C   OXT  sing N N 328 
TYR CB  CG   sing N N 329 
TYR CB  HB2  sing N N 330 
TYR CB  HB3  sing N N 331 
TYR CG  CD1  doub Y N 332 
TYR CG  CD2  sing Y N 333 
TYR CD1 CE1  sing Y N 334 
TYR CD1 HD1  sing N N 335 
TYR CD2 CE2  doub Y N 336 
TYR CD2 HD2  sing N N 337 
TYR CE1 CZ   doub Y N 338 
TYR CE1 HE1  sing N N 339 
TYR CE2 CZ   sing Y N 340 
TYR CE2 HE2  sing N N 341 
TYR CZ  OH   sing N N 342 
TYR OH  HH   sing N N 343 
TYR OXT HXT  sing N N 344 
VAL N   CA   sing N N 345 
VAL N   H    sing N N 346 
VAL N   H2   sing N N 347 
VAL CA  C    sing N N 348 
VAL CA  CB   sing N N 349 
VAL CA  HA   sing N N 350 
VAL C   O    doub N N 351 
VAL C   OXT  sing N N 352 
VAL CB  CG1  sing N N 353 
VAL CB  CG2  sing N N 354 
VAL CB  HB   sing N N 355 
VAL CG1 HG11 sing N N 356 
VAL CG1 HG12 sing N N 357 
VAL CG1 HG13 sing N N 358 
VAL CG2 HG21 sing N N 359 
VAL CG2 HG22 sing N N 360 
VAL CG2 HG23 sing N N 361 
VAL OXT HXT  sing N N 362 
# 
_pdbx_entity_nonpoly.entity_id   2 
_pdbx_entity_nonpoly.name        water 
_pdbx_entity_nonpoly.comp_id     HOH 
# 
_pdbx_initial_refinement_model.id               1 
_pdbx_initial_refinement_model.entity_id_list   ? 
_pdbx_initial_refinement_model.type             'experimental model' 
_pdbx_initial_refinement_model.source_name      PDB 
_pdbx_initial_refinement_model.accession_code   2A72 
_pdbx_initial_refinement_model.details          2A72.pdb 
# 
